data_4MJM
#
_entry.id   4MJM
#
_cell.length_a   84.328
_cell.length_b   84.249
_cell.length_c   84.313
_cell.angle_alpha   110.01
_cell.angle_beta   109.22
_cell.angle_gamma   109.19
#
_symmetry.space_group_name_H-M   'P 1'
#
loop_
_entity.id
_entity.type
_entity.pdbx_description
1 polymer "Inosine-5'-monophosphate dehydrogenase"
2 non-polymer 1,2-ETHANEDIOL
3 water water
#
_entity_poly.entity_id   1
_entity_poly.type   'polypeptide(L)'
_entity_poly.pdbx_seq_one_letter_code
;SNAMWESKFVKEGLTFDDVLLVPAKSDVLPREVSVKTVLSESLQLNIPLISAGMDTVTEADMAIAMARQGGLGIIHKNMS
IEQQAEQVDKVKRSESGGIKDIEKVIEFPNSAKDKQGRLLVGAAVGVTADAMTRIDALVKASVDAIVLDTAHGHSQGVID
KVKEVRAKYPSLNIIAGNVATAEATKALIEAGANVVKVGIGPGSICTTRVVAGVGVPQLTAVYDCATEARKHGIPVIADG
GIKYSGDMVKALAAGAHVVMLGSMFAGVAESPGETEIYQGRQFKVYRGMGSVGAMEKGSKDRYFQEGNKKLVPEGIEGRV
PYKGPLADTVHQLVGGLRAGMGYCGAQDLEFLRENAQFIRMSGAGLLESHPHHVQITKEAPNYSL
;
_entity_poly.pdbx_strand_id   A,B,C,D
#
# COMPACT_ATOMS: atom_id res chain seq x y z
N SER A 7 -10.28 21.80 -1.54
CA SER A 7 -9.91 20.42 -1.25
C SER A 7 -9.47 20.25 0.20
N LYS A 8 -10.41 19.92 1.07
CA LYS A 8 -10.10 19.68 2.47
C LYS A 8 -9.86 18.20 2.75
N PHE A 9 -8.88 17.63 2.05
CA PHE A 9 -8.56 16.22 2.18
C PHE A 9 -7.05 15.98 2.24
N VAL A 10 -6.28 17.03 1.95
CA VAL A 10 -4.86 16.88 1.66
C VAL A 10 -3.99 16.43 2.85
N LYS A 11 -4.36 16.82 4.07
CA LYS A 11 -3.53 16.53 5.24
C LYS A 11 -3.32 15.04 5.47
N GLU A 12 -2.08 14.66 5.76
CA GLU A 12 -1.74 13.26 5.99
C GLU A 12 -1.53 12.98 7.48
N GLY A 13 -2.13 11.89 7.95
CA GLY A 13 -1.96 11.47 9.33
C GLY A 13 -1.12 10.22 9.43
N LEU A 14 -0.09 10.26 10.27
CA LEU A 14 0.83 9.13 10.40
C LEU A 14 0.67 8.40 11.74
N THR A 15 1.00 7.11 11.73
CA THR A 15 1.13 6.34 12.96
C THR A 15 2.60 6.01 13.15
N PHE A 16 2.91 5.21 14.15
CA PHE A 16 4.29 4.80 14.39
C PHE A 16 4.68 3.73 13.39
N ASP A 17 3.68 3.09 12.81
CA ASP A 17 3.90 2.06 11.80
C ASP A 17 4.32 2.71 10.48
N ASP A 18 4.29 4.04 10.45
CA ASP A 18 4.57 4.78 9.22
C ASP A 18 6.00 5.32 9.17
N VAL A 19 6.72 5.21 10.27
CA VAL A 19 8.04 5.84 10.37
C VAL A 19 9.11 4.96 11.01
N LEU A 20 10.31 5.51 11.06
CA LEU A 20 11.44 4.94 11.79
C LEU A 20 12.30 6.10 12.30
N LEU A 21 13.30 5.78 13.11
CA LEU A 21 14.24 6.79 13.58
C LEU A 21 15.55 6.67 12.82
N VAL A 22 16.04 7.78 12.28
CA VAL A 22 17.35 7.80 11.64
C VAL A 22 18.44 7.88 12.69
N PRO A 23 19.38 6.92 12.66
CA PRO A 23 20.49 6.89 13.62
C PRO A 23 21.30 8.18 13.57
N ALA A 24 21.76 8.64 14.73
CA ALA A 24 22.55 9.86 14.79
C ALA A 24 23.94 9.58 15.34
N LYS A 25 24.76 10.63 15.42
CA LYS A 25 26.06 10.52 16.05
C LYS A 25 25.87 10.33 17.55
N SER A 26 26.41 9.24 18.08
CA SER A 26 26.15 8.90 19.47
C SER A 26 27.40 8.93 20.35
N ASP A 27 27.27 9.61 21.48
CA ASP A 27 28.25 9.53 22.56
C ASP A 27 27.71 8.74 23.75
N VAL A 28 26.57 8.08 23.57
CA VAL A 28 25.87 7.39 24.67
C VAL A 28 25.86 5.86 24.62
N LEU A 29 26.33 5.24 25.69
CA LEU A 29 26.24 3.80 25.90
C LEU A 29 24.98 3.50 26.71
N PRO A 30 24.46 2.26 26.62
CA PRO A 30 23.21 1.88 27.30
C PRO A 30 23.23 2.03 28.82
N ARG A 31 24.38 2.40 29.38
CA ARG A 31 24.52 2.58 30.82
C ARG A 31 24.27 4.03 31.20
N GLU A 32 24.66 4.93 30.32
CA GLU A 32 24.67 6.38 30.61
C GLU A 32 23.27 6.99 30.65
N VAL A 33 22.35 6.45 29.88
CA VAL A 33 21.05 7.06 29.74
C VAL A 33 20.25 7.12 31.05
N SER A 34 19.52 8.21 31.22
CA SER A 34 18.55 8.29 32.28
C SER A 34 17.16 8.21 31.65
N VAL A 35 16.42 7.18 31.99
CA VAL A 35 15.11 6.94 31.39
C VAL A 35 14.07 7.43 32.37
N LYS A 36 14.53 8.28 33.27
CA LYS A 36 13.69 8.95 34.26
C LYS A 36 12.84 10.04 33.60
N THR A 37 11.63 10.23 34.10
CA THR A 37 10.68 11.16 33.49
C THR A 37 9.80 11.88 34.50
N VAL A 38 9.59 13.17 34.27
CA VAL A 38 8.78 13.99 35.16
C VAL A 38 7.49 14.45 34.49
N LEU A 39 6.42 14.44 35.27
CA LEU A 39 5.13 14.90 34.77
C LEU A 39 4.77 16.16 35.53
N SER A 40 5.14 16.18 36.81
CA SER A 40 4.94 17.32 37.67
C SER A 40 5.89 17.24 38.83
N GLU A 41 5.94 18.28 39.66
CA GLU A 41 6.83 18.31 40.82
C GLU A 41 6.57 17.12 41.73
N SER A 42 5.30 16.77 41.90
CA SER A 42 4.91 15.62 42.70
C SER A 42 4.71 14.38 41.83
N LEU A 43 4.92 14.54 40.52
CA LEU A 43 4.72 13.43 39.60
C LEU A 43 5.98 13.15 38.78
N GLN A 44 6.89 12.39 39.36
CA GLN A 44 8.14 12.03 38.68
C GLN A 44 8.28 10.52 38.60
N LEU A 45 8.78 10.04 37.47
CA LEU A 45 8.91 8.60 37.24
C LEU A 45 10.32 8.21 36.82
N ASN A 46 10.65 6.93 37.00
CA ASN A 46 11.96 6.43 36.63
C ASN A 46 11.93 5.69 35.30
N ILE A 47 10.74 5.23 34.91
CA ILE A 47 10.54 4.67 33.58
C ILE A 47 9.29 5.32 32.96
N PRO A 48 9.34 5.56 31.64
CA PRO A 48 8.25 6.25 30.93
C PRO A 48 7.06 5.34 30.64
N LEU A 49 6.64 4.56 31.62
CA LEU A 49 5.54 3.62 31.43
C LEU A 49 4.41 3.78 32.43
N ILE A 50 3.18 3.59 31.94
CA ILE A 50 1.99 3.67 32.78
C ILE A 50 1.05 2.52 32.42
N SER A 51 0.48 1.88 33.44
CA SER A 51 -0.52 0.85 33.21
C SER A 51 -1.90 1.49 33.09
N ALA A 52 -2.65 1.09 32.06
CA ALA A 52 -3.95 1.69 31.77
C ALA A 52 -4.97 1.45 32.89
N GLY A 53 -5.87 2.41 33.08
CA GLY A 53 -6.89 2.30 34.10
C GLY A 53 -8.02 1.37 33.70
N MET A 54 -7.70 0.09 33.54
CA MET A 54 -8.68 -0.90 33.13
C MET A 54 -8.75 -2.05 34.13
N ASP A 55 -9.83 -2.81 34.08
CA ASP A 55 -10.05 -3.91 35.02
C ASP A 55 -9.19 -5.12 34.70
N THR A 56 -8.84 -5.28 33.43
CA THR A 56 -7.98 -6.38 32.99
C THR A 56 -6.50 -6.00 33.14
N VAL A 57 -6.25 -4.81 33.66
CA VAL A 57 -4.90 -4.27 33.71
C VAL A 57 -4.42 -3.96 35.12
N THR A 58 -4.96 -2.92 35.74
CA THR A 58 -4.39 -2.40 36.98
C THR A 58 -5.29 -2.47 38.19
N GLU A 59 -4.76 -3.07 39.27
CA GLU A 59 -5.30 -2.88 40.61
C GLU A 59 -4.12 -2.61 41.54
N ALA A 60 -4.30 -2.87 42.84
CA ALA A 60 -3.29 -2.54 43.84
C ALA A 60 -1.91 -3.13 43.55
N ASP A 61 -1.85 -4.45 43.39
CA ASP A 61 -0.58 -5.13 43.17
C ASP A 61 0.11 -4.69 41.88
N MET A 62 -0.67 -4.46 40.84
CA MET A 62 -0.12 -3.96 39.58
C MET A 62 0.40 -2.54 39.77
N ALA A 63 -0.30 -1.76 40.59
CA ALA A 63 0.10 -0.40 40.89
C ALA A 63 1.38 -0.41 41.72
N ILE A 64 1.49 -1.39 42.61
CA ILE A 64 2.70 -1.56 43.42
C ILE A 64 3.87 -1.97 42.55
N ALA A 65 3.64 -2.97 41.70
CA ALA A 65 4.69 -3.49 40.82
C ALA A 65 5.16 -2.45 39.81
N MET A 66 4.22 -1.74 39.19
CA MET A 66 4.56 -0.71 38.22
C MET A 66 5.37 0.39 38.88
N ALA A 67 4.99 0.75 40.10
CA ALA A 67 5.73 1.73 40.87
C ALA A 67 7.12 1.19 41.20
N ARG A 68 7.19 -0.09 41.54
CA ARG A 68 8.45 -0.73 41.90
C ARG A 68 9.38 -0.90 40.69
N GLN A 69 8.90 -0.54 39.51
CA GLN A 69 9.74 -0.51 38.32
C GLN A 69 10.03 0.92 37.88
N GLY A 70 9.28 1.87 38.43
CA GLY A 70 9.52 3.27 38.16
C GLY A 70 8.39 3.98 37.45
N GLY A 71 7.34 3.23 37.11
CA GLY A 71 6.21 3.79 36.40
C GLY A 71 5.07 4.13 37.35
N LEU A 72 3.89 4.38 36.80
CA LEU A 72 2.72 4.70 37.60
C LEU A 72 1.56 3.78 37.27
N GLY A 73 0.86 3.32 38.30
CA GLY A 73 -0.32 2.49 38.12
C GLY A 73 -1.60 3.29 38.29
N ILE A 74 -2.49 3.21 37.31
CA ILE A 74 -3.76 3.91 37.37
C ILE A 74 -4.89 2.95 37.75
N ILE A 75 -5.37 3.08 38.98
CA ILE A 75 -6.46 2.24 39.48
C ILE A 75 -7.74 2.48 38.68
N HIS A 76 -8.27 1.40 38.12
CA HIS A 76 -9.52 1.48 37.35
C HIS A 76 -10.72 1.69 38.26
N LYS A 77 -11.75 2.31 37.69
CA LYS A 77 -12.93 2.73 38.44
C LYS A 77 -14.16 1.82 38.35
N ASN A 78 -14.01 0.63 37.79
CA ASN A 78 -15.13 -0.30 37.79
C ASN A 78 -15.15 -1.00 39.13
N MET A 79 -15.55 -0.24 40.14
CA MET A 79 -15.62 -0.72 41.51
C MET A 79 -16.29 0.35 42.37
N SER A 80 -16.47 0.04 43.65
CA SER A 80 -17.04 0.99 44.59
C SER A 80 -16.13 2.20 44.78
N ILE A 81 -16.64 3.21 45.47
CA ILE A 81 -15.84 4.36 45.84
C ILE A 81 -14.92 3.95 46.98
N GLU A 82 -15.46 3.16 47.90
CA GLU A 82 -14.72 2.65 49.04
C GLU A 82 -13.62 1.69 48.59
N GLN A 83 -13.94 0.85 47.62
CA GLN A 83 -13.01 -0.19 47.16
C GLN A 83 -11.87 0.36 46.31
N GLN A 84 -12.06 1.54 45.72
CA GLN A 84 -11.00 2.17 44.95
C GLN A 84 -10.02 2.86 45.89
N ALA A 85 -10.56 3.44 46.95
CA ALA A 85 -9.80 4.01 48.03
C ALA A 85 -9.02 2.92 48.77
N GLU A 86 -9.60 1.73 48.82
CA GLU A 86 -8.94 0.59 49.43
C GLU A 86 -7.66 0.22 48.70
N GLN A 87 -7.71 0.19 47.37
CA GLN A 87 -6.54 -0.09 46.55
C GLN A 87 -5.49 0.99 46.67
N VAL A 88 -5.94 2.24 46.74
CA VAL A 88 -5.07 3.38 46.90
C VAL A 88 -4.35 3.28 48.23
N ASP A 89 -5.07 2.83 49.25
CA ASP A 89 -4.53 2.75 50.58
C ASP A 89 -3.37 1.77 50.58
N LYS A 90 -3.53 0.65 49.90
CA LYS A 90 -2.51 -0.37 49.94
C LYS A 90 -1.20 0.15 49.36
N VAL A 91 -1.30 0.85 48.25
CA VAL A 91 -0.13 1.39 47.57
C VAL A 91 0.67 2.43 48.35
N LYS A 92 -0.04 3.30 49.04
CA LYS A 92 0.59 4.38 49.80
C LYS A 92 1.26 3.83 51.06
N ARG A 93 0.65 2.82 51.65
CA ARG A 93 1.17 2.21 52.87
C ARG A 93 2.13 1.07 52.54
N SER A 94 2.52 0.99 51.26
CA SER A 94 3.42 -0.06 50.79
C SER A 94 4.85 0.15 51.28
N GLU A 95 5.29 1.41 51.29
CA GLU A 95 6.65 1.73 51.68
C GLU A 95 6.68 2.89 52.67
N SER A 96 7.03 2.60 53.92
CA SER A 96 6.96 3.59 54.98
C SER A 96 7.94 4.73 54.74
N GLY A 97 9.17 4.37 54.36
CA GLY A 97 10.27 5.32 54.34
C GLY A 97 11.10 5.27 55.61
N GLY A 98 10.98 4.17 56.35
CA GLY A 98 11.58 4.07 57.66
C GLY A 98 12.80 3.16 57.66
N ILE A 99 12.70 1.96 58.29
CA ILE A 99 13.78 0.97 58.37
C ILE A 99 13.21 -0.37 57.92
N LYS A 100 11.92 -0.57 58.15
CA LYS A 100 11.25 -1.82 57.84
C LYS A 100 11.17 -2.06 56.33
N ASP A 101 11.12 -0.96 55.58
N ASP A 101 11.11 -0.97 55.56
CA ASP A 101 10.81 -1.04 54.15
CA ASP A 101 10.81 -1.07 54.13
C ASP A 101 12.03 -0.70 53.30
C ASP A 101 12.04 -0.72 53.29
N ILE A 102 13.18 -0.57 53.96
CA ILE A 102 14.41 -0.21 53.27
C ILE A 102 14.84 -1.30 52.28
N GLU A 103 14.57 -2.55 52.61
CA GLU A 103 14.98 -3.65 51.75
C GLU A 103 14.32 -3.53 50.39
N LYS A 104 13.06 -3.12 50.39
CA LYS A 104 12.32 -2.92 49.16
C LYS A 104 13.06 -1.87 48.36
N VAL A 105 13.60 -0.89 49.07
CA VAL A 105 14.46 0.09 48.44
C VAL A 105 15.71 -0.58 47.86
N ILE A 106 16.29 -1.52 48.58
CA ILE A 106 17.31 -2.38 48.02
C ILE A 106 16.77 -3.36 46.99
N GLU A 107 15.59 -3.91 47.27
CA GLU A 107 14.94 -4.84 46.36
C GLU A 107 14.54 -4.18 45.05
N PHE A 108 14.03 -2.95 45.10
CA PHE A 108 13.72 -2.23 43.88
C PHE A 108 14.35 -0.85 43.83
N PRO A 109 15.58 -0.83 43.14
CA PRO A 109 16.22 0.50 43.13
C PRO A 109 15.43 1.59 42.42
N ASN A 110 14.69 1.23 41.39
CA ASN A 110 14.06 2.18 40.49
C ASN A 110 12.64 2.61 40.90
N SER A 111 12.24 2.23 42.11
CA SER A 111 10.89 2.52 42.58
C SER A 111 10.60 4.02 42.63
N ALA A 112 9.41 4.40 42.19
CA ALA A 112 8.98 5.79 42.21
C ALA A 112 8.05 6.05 43.38
N LYS A 113 8.30 7.14 44.10
CA LYS A 113 7.54 7.46 45.31
C LYS A 113 7.31 8.96 45.43
N ASP A 114 6.60 9.37 46.48
CA ASP A 114 6.45 10.78 46.79
C ASP A 114 7.53 11.19 47.80
N LYS A 115 7.47 12.42 48.28
CA LYS A 115 8.50 12.96 49.18
C LYS A 115 8.68 12.16 50.46
N GLN A 116 7.64 11.45 50.88
CA GLN A 116 7.69 10.69 52.12
C GLN A 116 7.89 9.19 51.88
N GLY A 117 8.43 8.84 50.71
CA GLY A 117 8.80 7.48 50.41
C GLY A 117 7.64 6.52 50.20
N ARG A 118 6.44 7.08 50.04
CA ARG A 118 5.25 6.26 49.76
C ARG A 118 5.09 6.06 48.26
N LEU A 119 4.87 4.81 47.85
CA LEU A 119 4.75 4.47 46.44
C LEU A 119 3.68 5.27 45.72
N LEU A 120 4.05 5.85 44.59
CA LEU A 120 3.13 6.64 43.78
C LEU A 120 2.01 5.76 43.22
N VAL A 121 0.79 6.29 43.24
CA VAL A 121 -0.35 5.59 42.65
C VAL A 121 -1.28 6.59 41.95
N GLY A 122 -1.77 6.20 40.78
CA GLY A 122 -2.71 7.02 40.05
C GLY A 122 -4.11 6.45 40.19
N ALA A 123 -5.11 7.31 40.08
CA ALA A 123 -6.49 6.88 40.16
C ALA A 123 -7.23 7.27 38.89
N ALA A 124 -8.51 6.92 38.83
CA ALA A 124 -9.32 7.22 37.65
C ALA A 124 -10.79 7.39 38.04
N VAL A 125 -11.41 8.45 37.53
CA VAL A 125 -12.79 8.79 37.89
C VAL A 125 -13.62 9.05 36.63
N GLY A 126 -14.94 8.94 36.76
CA GLY A 126 -15.84 9.27 35.66
C GLY A 126 -16.06 10.77 35.56
N VAL A 127 -17.02 11.17 34.72
CA VAL A 127 -17.31 12.57 34.50
C VAL A 127 -18.77 12.89 34.81
N THR A 128 -19.31 12.31 35.88
CA THR A 128 -20.69 12.54 36.25
C THR A 128 -20.77 13.33 37.56
N ALA A 129 -21.96 13.42 38.13
CA ALA A 129 -22.15 14.10 39.41
C ALA A 129 -21.49 13.33 40.53
N ASP A 130 -21.37 12.02 40.33
CA ASP A 130 -20.83 11.10 41.33
C ASP A 130 -19.30 11.16 41.40
N ALA A 131 -18.68 11.81 40.40
CA ALA A 131 -17.23 11.82 40.25
C ALA A 131 -16.51 12.44 41.46
N MET A 132 -17.00 13.59 41.92
CA MET A 132 -16.39 14.27 43.07
C MET A 132 -16.38 13.41 44.32
N THR A 133 -17.50 12.74 44.59
CA THR A 133 -17.62 11.86 45.75
C THR A 133 -16.66 10.68 45.64
N ARG A 134 -16.31 10.32 44.42
CA ARG A 134 -15.29 9.30 44.20
C ARG A 134 -13.91 9.91 44.43
N ILE A 135 -13.68 11.08 43.84
CA ILE A 135 -12.44 11.82 44.04
C ILE A 135 -12.21 12.10 45.52
N ASP A 136 -13.29 12.33 46.25
CA ASP A 136 -13.26 12.52 47.69
C ASP A 136 -12.44 11.44 48.38
N ALA A 137 -12.84 10.18 48.17
CA ALA A 137 -12.19 9.03 48.80
C ALA A 137 -10.76 8.86 48.33
N LEU A 138 -10.48 9.29 47.10
CA LEU A 138 -9.18 9.09 46.49
C LEU A 138 -8.10 9.97 47.13
N VAL A 139 -8.41 11.26 47.29
CA VAL A 139 -7.46 12.19 47.90
C VAL A 139 -7.41 12.01 49.42
N LYS A 140 -8.39 11.30 49.96
CA LYS A 140 -8.44 11.04 51.39
C LYS A 140 -7.34 10.07 51.79
N ALA A 141 -6.99 9.16 50.89
CA ALA A 141 -5.90 8.22 51.13
C ALA A 141 -4.66 8.68 50.39
N SER A 142 -4.66 9.95 49.99
CA SER A 142 -3.53 10.57 49.31
C SER A 142 -3.14 9.87 48.01
N VAL A 143 -4.05 9.86 47.04
CA VAL A 143 -3.72 9.38 45.71
C VAL A 143 -3.05 10.53 44.96
N ASP A 144 -2.13 10.20 44.07
CA ASP A 144 -1.37 11.22 43.37
C ASP A 144 -2.10 11.69 42.12
N ALA A 145 -2.19 10.81 41.13
CA ALA A 145 -2.80 11.16 39.85
C ALA A 145 -4.25 10.68 39.76
N ILE A 146 -5.04 11.42 38.99
CA ILE A 146 -6.43 11.05 38.74
C ILE A 146 -6.73 11.21 37.24
N VAL A 147 -7.57 10.31 36.72
CA VAL A 147 -7.87 10.30 35.29
C VAL A 147 -9.39 10.28 35.05
N LEU A 148 -9.83 11.00 34.02
CA LEU A 148 -11.22 11.00 33.61
C LEU A 148 -11.29 10.63 32.13
N ASP A 149 -10.95 9.39 31.81
CA ASP A 149 -10.71 9.00 30.42
C ASP A 149 -11.84 8.22 29.75
N THR A 150 -12.14 8.61 28.52
CA THR A 150 -13.03 7.84 27.65
C THR A 150 -12.55 8.02 26.21
N ALA A 151 -13.35 7.51 25.27
CA ALA A 151 -13.02 7.61 23.86
C ALA A 151 -13.21 9.03 23.35
N HIS A 152 -14.11 9.76 24.01
CA HIS A 152 -14.48 11.11 23.60
C HIS A 152 -13.29 12.06 23.54
N GLY A 153 -13.20 12.79 22.44
CA GLY A 153 -12.03 13.62 22.17
C GLY A 153 -12.10 15.03 22.72
N HIS A 154 -12.88 15.88 22.06
CA HIS A 154 -13.03 17.26 22.49
C HIS A 154 -14.31 17.39 23.30
N SER A 155 -14.57 16.39 24.15
CA SER A 155 -15.75 16.35 25.00
C SER A 155 -15.86 17.60 25.85
N GLN A 156 -17.06 18.16 25.92
CA GLN A 156 -17.30 19.33 26.73
C GLN A 156 -17.44 18.92 28.19
N GLY A 157 -17.77 17.66 28.41
CA GLY A 157 -17.98 17.13 29.75
C GLY A 157 -16.71 17.06 30.59
N VAL A 158 -15.64 16.54 30.01
CA VAL A 158 -14.38 16.36 30.72
C VAL A 158 -13.78 17.70 31.15
N ILE A 159 -13.83 18.68 30.24
CA ILE A 159 -13.31 20.01 30.52
C ILE A 159 -14.04 20.65 31.70
N ASP A 160 -15.35 20.43 31.76
CA ASP A 160 -16.17 20.94 32.86
C ASP A 160 -15.69 20.41 34.20
N LYS A 161 -15.36 19.12 34.24
CA LYS A 161 -14.89 18.49 35.47
C LYS A 161 -13.53 19.02 35.92
N VAL A 162 -12.58 19.04 34.99
CA VAL A 162 -11.24 19.55 35.28
C VAL A 162 -11.31 20.96 35.85
N LYS A 163 -12.25 21.76 35.33
CA LYS A 163 -12.50 23.10 35.87
C LYS A 163 -12.99 23.02 37.30
N GLU A 164 -13.75 21.98 37.62
CA GLU A 164 -14.31 21.82 38.95
C GLU A 164 -13.34 21.10 39.89
N VAL A 165 -12.54 20.21 39.34
CA VAL A 165 -11.59 19.43 40.15
C VAL A 165 -10.35 20.24 40.51
N ARG A 166 -9.82 20.99 39.54
CA ARG A 166 -8.64 21.81 39.77
C ARG A 166 -8.90 22.90 40.80
N ALA A 167 -10.09 23.47 40.76
CA ALA A 167 -10.47 24.53 41.69
C ALA A 167 -10.50 24.02 43.13
N LYS A 168 -11.13 22.87 43.32
CA LYS A 168 -11.26 22.27 44.65
C LYS A 168 -9.90 21.79 45.15
N TYR A 169 -9.06 21.32 44.23
CA TYR A 169 -7.73 20.84 44.59
C TYR A 169 -6.66 21.37 43.64
N PRO A 170 -6.14 22.57 43.93
CA PRO A 170 -5.09 23.21 43.13
C PRO A 170 -3.80 22.39 43.10
N SER A 171 -3.59 21.59 44.14
CA SER A 171 -2.40 20.75 44.24
C SER A 171 -2.76 19.30 44.00
N LEU A 172 -3.10 18.97 42.76
CA LEU A 172 -3.52 17.62 42.41
C LEU A 172 -3.25 17.33 40.94
N ASN A 173 -2.71 16.14 40.66
CA ASN A 173 -2.34 15.78 39.30
C ASN A 173 -3.51 15.22 38.49
N ILE A 174 -4.17 16.09 37.74
CA ILE A 174 -5.30 15.70 36.89
C ILE A 174 -4.82 15.28 35.51
N ILE A 175 -5.16 14.05 35.13
CA ILE A 175 -4.83 13.54 33.82
C ILE A 175 -6.13 13.43 33.02
N ALA A 176 -6.44 14.44 32.22
CA ALA A 176 -7.62 14.32 31.38
C ALA A 176 -7.28 13.71 30.02
N GLY A 177 -8.32 13.34 29.27
CA GLY A 177 -8.15 12.65 28.01
C GLY A 177 -9.39 11.92 27.51
N ASN A 178 -9.35 11.47 26.26
CA ASN A 178 -8.19 11.62 25.39
C ASN A 178 -8.44 12.61 24.26
N VAL A 179 -7.38 13.28 23.81
CA VAL A 179 -7.49 14.22 22.71
C VAL A 179 -6.52 13.86 21.59
N ALA A 180 -6.70 14.47 20.43
CA ALA A 180 -5.83 14.23 19.29
C ALA A 180 -5.69 15.50 18.45
N THR A 181 -6.22 16.59 18.99
CA THR A 181 -6.13 17.88 18.32
C THR A 181 -5.49 18.93 19.22
N ALA A 182 -4.85 19.92 18.60
CA ALA A 182 -4.20 20.99 19.34
C ALA A 182 -5.23 21.84 20.08
N GLU A 183 -6.34 22.13 19.41
CA GLU A 183 -7.40 22.93 19.99
C GLU A 183 -7.98 22.28 21.23
N ALA A 184 -8.17 20.97 21.17
CA ALA A 184 -8.67 20.20 22.30
C ALA A 184 -7.64 20.16 23.42
N THR A 185 -6.38 19.91 23.04
CA THR A 185 -5.29 19.88 24.01
C THR A 185 -5.12 21.25 24.63
N LYS A 186 -5.33 22.30 23.83
CA LYS A 186 -5.24 23.67 24.31
C LYS A 186 -6.38 23.96 25.28
N ALA A 187 -7.53 23.34 25.04
CA ALA A 187 -8.71 23.55 25.86
C ALA A 187 -8.62 22.82 27.20
N LEU A 188 -7.84 21.75 27.24
CA LEU A 188 -7.67 20.98 28.47
C LEU A 188 -6.70 21.67 29.43
N ILE A 189 -5.62 22.23 28.88
CA ILE A 189 -4.71 23.03 29.68
C ILE A 189 -5.45 24.28 30.16
N GLU A 190 -6.44 24.70 29.37
CA GLU A 190 -7.26 25.85 29.70
C GLU A 190 -8.32 25.48 30.74
N ALA A 191 -8.35 24.21 31.13
CA ALA A 191 -9.32 23.73 32.11
C ALA A 191 -8.70 23.61 33.50
N GLY A 192 -7.38 23.66 33.57
CA GLY A 192 -6.68 23.56 34.84
C GLY A 192 -5.82 22.31 34.94
N ALA A 193 -5.95 21.42 33.95
CA ALA A 193 -5.19 20.19 33.94
C ALA A 193 -3.73 20.45 33.69
N ASN A 194 -2.88 19.50 34.09
CA ASN A 194 -1.45 19.61 33.87
C ASN A 194 -0.85 18.36 33.21
N VAL A 195 -1.69 17.35 32.98
CA VAL A 195 -1.29 16.14 32.28
C VAL A 195 -2.34 15.72 31.26
N VAL A 196 -1.92 15.39 30.05
CA VAL A 196 -2.90 15.13 28.99
C VAL A 196 -2.76 13.72 28.39
N LYS A 197 -3.88 13.00 28.32
CA LYS A 197 -3.95 11.73 27.61
C LYS A 197 -4.29 11.97 26.15
N VAL A 198 -3.58 11.31 25.24
CA VAL A 198 -3.74 11.56 23.81
C VAL A 198 -3.97 10.28 23.04
N GLY A 199 -5.08 10.21 22.32
CA GLY A 199 -5.38 9.05 21.49
C GLY A 199 -6.86 8.87 21.17
N ILE A 200 -7.27 9.34 20.00
CA ILE A 200 -8.64 9.16 19.54
C ILE A 200 -8.67 8.26 18.31
N GLY A 201 -9.43 7.17 18.40
CA GLY A 201 -9.61 6.25 17.31
C GLY A 201 -8.39 5.63 16.64
N PRO A 202 -7.49 5.02 17.42
CA PRO A 202 -6.51 4.18 16.73
C PRO A 202 -7.19 2.91 16.22
N GLY A 203 -7.59 2.92 14.94
CA GLY A 203 -8.33 1.82 14.36
C GLY A 203 -7.59 0.50 14.29
N SER A 204 -6.31 0.53 14.61
CA SER A 204 -5.51 -0.69 14.64
C SER A 204 -5.97 -1.62 15.76
N ILE A 205 -6.66 -1.05 16.74
CA ILE A 205 -7.09 -1.80 17.92
C ILE A 205 -8.59 -1.69 18.18
N CYS A 206 -9.15 -0.49 18.04
CA CYS A 206 -10.57 -0.29 18.33
C CYS A 206 -11.40 0.02 17.08
N THR A 207 -12.70 0.21 17.29
CA THR A 207 -13.64 0.40 16.20
C THR A 207 -14.27 1.80 16.22
N THR A 208 -13.49 2.79 16.66
CA THR A 208 -13.95 4.16 16.66
C THR A 208 -14.12 4.68 15.23
N ARG A 209 -13.18 4.31 14.37
CA ARG A 209 -13.20 4.73 12.98
C ARG A 209 -14.33 4.04 12.20
N VAL A 210 -14.62 2.79 12.57
CA VAL A 210 -15.57 1.96 11.85
C VAL A 210 -17.00 2.50 11.89
N VAL A 211 -17.47 2.83 13.09
CA VAL A 211 -18.87 3.19 13.29
C VAL A 211 -19.09 4.69 13.27
N ALA A 212 -18.07 5.46 13.66
CA ALA A 212 -18.20 6.91 13.75
C ALA A 212 -17.57 7.63 12.58
N GLY A 213 -16.55 7.03 11.98
CA GLY A 213 -15.83 7.65 10.89
C GLY A 213 -14.75 8.58 11.41
N VAL A 214 -14.77 8.79 12.72
CA VAL A 214 -13.81 9.67 13.40
C VAL A 214 -12.57 8.88 13.84
N GLY A 215 -11.39 9.43 13.55
CA GLY A 215 -10.15 8.81 13.97
C GLY A 215 -8.96 9.69 13.69
N VAL A 216 -7.89 9.51 14.46
CA VAL A 216 -6.64 10.22 14.24
C VAL A 216 -5.45 9.29 14.43
N PRO A 217 -4.61 9.13 13.39
CA PRO A 217 -3.39 8.34 13.43
C PRO A 217 -2.45 8.79 14.56
N GLN A 218 -1.96 7.85 15.34
CA GLN A 218 -1.35 8.14 16.64
C GLN A 218 0.04 8.75 16.67
N LEU A 219 0.65 8.97 15.51
CA LEU A 219 1.92 9.71 15.48
C LEU A 219 1.62 11.18 15.25
N THR A 220 0.59 11.43 14.44
CA THR A 220 0.13 12.78 14.17
C THR A 220 -0.50 13.39 15.42
N ALA A 221 -1.35 12.61 16.08
CA ALA A 221 -2.03 13.06 17.30
C ALA A 221 -1.03 13.41 18.40
N VAL A 222 -0.03 12.57 18.57
CA VAL A 222 0.98 12.79 19.60
C VAL A 222 1.80 14.05 19.33
N TYR A 223 2.26 14.20 18.09
CA TYR A 223 3.06 15.36 17.72
C TYR A 223 2.24 16.65 17.77
N ASP A 224 0.98 16.58 17.35
CA ASP A 224 0.11 17.75 17.38
C ASP A 224 -0.22 18.18 18.80
N CYS A 225 -0.33 17.20 19.70
CA CYS A 225 -0.67 17.49 21.08
C CYS A 225 0.56 17.83 21.92
N ALA A 226 1.67 17.15 21.66
CA ALA A 226 2.90 17.41 22.38
C ALA A 226 3.43 18.80 22.07
N THR A 227 3.22 19.25 20.84
CA THR A 227 3.68 20.58 20.44
C THR A 227 2.87 21.66 21.16
N GLU A 228 1.55 21.48 21.18
CA GLU A 228 0.64 22.43 21.81
C GLU A 228 0.85 22.49 23.32
N ALA A 229 1.10 21.34 23.94
CA ALA A 229 1.23 21.26 25.39
C ALA A 229 2.61 21.73 25.87
N ARG A 230 3.65 21.40 25.11
CA ARG A 230 5.03 21.74 25.48
C ARG A 230 5.23 23.23 25.67
N LYS A 231 4.72 24.03 24.74
CA LYS A 231 4.91 25.47 24.79
C LYS A 231 4.08 26.13 25.89
N HIS A 232 3.54 25.30 26.78
CA HIS A 232 2.85 25.79 27.98
C HIS A 232 3.28 24.96 29.19
N GLY A 233 4.36 24.19 29.02
CA GLY A 233 4.95 23.42 30.09
C GLY A 233 4.13 22.21 30.51
N ILE A 234 3.48 21.57 29.56
CA ILE A 234 2.62 20.43 29.85
C ILE A 234 3.06 19.17 29.10
N PRO A 235 3.13 18.04 29.80
CA PRO A 235 3.42 16.73 29.20
C PRO A 235 2.15 16.05 28.68
N VAL A 236 2.30 15.10 27.77
CA VAL A 236 1.18 14.33 27.26
C VAL A 236 1.42 12.83 27.37
N ILE A 237 0.34 12.06 27.23
CA ILE A 237 0.43 10.60 27.24
C ILE A 237 -0.16 10.05 25.95
N ALA A 238 0.52 9.07 25.36
CA ALA A 238 0.03 8.45 24.13
C ALA A 238 -0.88 7.26 24.43
N ASP A 239 -2.16 7.38 24.10
CA ASP A 239 -3.12 6.33 24.40
C ASP A 239 -3.46 5.47 23.18
N GLY A 240 -3.16 4.18 23.27
CA GLY A 240 -3.49 3.24 22.21
C GLY A 240 -2.58 3.33 21.00
N GLY A 241 -2.24 2.18 20.43
CA GLY A 241 -1.47 2.14 19.20
C GLY A 241 -0.03 1.69 19.36
N ILE A 242 0.31 1.18 20.54
CA ILE A 242 1.64 0.66 20.78
C ILE A 242 1.63 -0.86 20.86
N LYS A 243 2.31 -1.50 19.90
CA LYS A 243 2.30 -2.95 19.78
C LYS A 243 3.48 -3.56 20.52
N TYR A 244 4.61 -2.87 20.50
CA TYR A 244 5.82 -3.33 21.17
C TYR A 244 6.74 -2.15 21.50
N SER A 245 8.02 -2.45 21.72
CA SER A 245 8.99 -1.43 22.09
C SER A 245 9.22 -0.41 20.97
N GLY A 246 8.98 -0.84 19.73
CA GLY A 246 9.19 0.01 18.58
C GLY A 246 8.33 1.25 18.58
N ASP A 247 7.02 1.06 18.73
CA ASP A 247 6.08 2.18 18.76
C ASP A 247 6.33 3.08 19.96
N MET A 248 6.73 2.46 21.08
CA MET A 248 7.01 3.17 22.32
C MET A 248 8.10 4.22 22.13
N VAL A 249 9.23 3.80 21.58
CA VAL A 249 10.35 4.71 21.32
C VAL A 249 9.94 5.78 20.31
N LYS A 250 9.14 5.38 19.32
CA LYS A 250 8.63 6.31 18.32
C LYS A 250 7.66 7.30 18.94
N ALA A 251 6.89 6.85 19.93
CA ALA A 251 5.94 7.70 20.61
C ALA A 251 6.65 8.73 21.48
N LEU A 252 7.72 8.29 22.15
CA LEU A 252 8.49 9.15 23.03
C LEU A 252 9.25 10.22 22.24
N ALA A 253 9.77 9.84 21.07
CA ALA A 253 10.46 10.78 20.21
C ALA A 253 9.47 11.75 19.56
N ALA A 254 8.22 11.31 19.47
CA ALA A 254 7.16 12.13 18.88
C ALA A 254 6.72 13.24 19.83
N GLY A 255 7.26 13.23 21.04
CA GLY A 255 6.99 14.28 22.01
C GLY A 255 6.35 13.81 23.30
N ALA A 256 5.79 12.60 23.28
CA ALA A 256 5.13 12.05 24.46
C ALA A 256 6.10 11.80 25.60
N HIS A 257 5.70 12.19 26.81
CA HIS A 257 6.51 11.96 27.99
C HIS A 257 6.40 10.52 28.47
N VAL A 258 5.18 10.00 28.45
CA VAL A 258 4.94 8.63 28.91
C VAL A 258 4.06 7.85 27.94
N VAL A 259 4.20 6.54 27.96
CA VAL A 259 3.40 5.65 27.13
C VAL A 259 2.57 4.74 28.02
N MET A 260 1.25 4.89 27.94
CA MET A 260 0.36 4.08 28.76
C MET A 260 -0.09 2.83 28.00
N LEU A 261 0.12 1.66 28.60
CA LEU A 261 -0.27 0.38 28.03
C LEU A 261 -1.29 -0.38 28.87
N GLY A 262 -2.29 -0.97 28.23
CA GLY A 262 -3.23 -1.83 28.94
C GLY A 262 -3.31 -3.28 28.48
N SER A 263 -3.58 -3.48 27.19
CA SER A 263 -3.77 -4.81 26.65
C SER A 263 -2.51 -5.64 26.76
N MET A 264 -1.38 -5.03 26.47
CA MET A 264 -0.10 -5.73 26.49
C MET A 264 0.24 -6.20 27.90
N PHE A 265 -0.25 -5.48 28.90
CA PHE A 265 0.01 -5.80 30.30
C PHE A 265 -1.04 -6.74 30.88
N ALA A 266 -2.10 -6.98 30.11
CA ALA A 266 -3.30 -7.68 30.60
C ALA A 266 -3.04 -9.06 31.20
N GLY A 267 -2.07 -9.79 30.65
CA GLY A 267 -1.80 -11.14 31.09
C GLY A 267 -0.57 -11.30 31.96
N VAL A 268 -0.11 -10.19 32.53
CA VAL A 268 1.08 -10.21 33.37
C VAL A 268 0.74 -10.64 34.79
N ALA A 269 1.72 -11.18 35.51
CA ALA A 269 1.51 -11.77 36.84
C ALA A 269 0.78 -10.87 37.84
N GLU A 270 0.95 -9.57 37.72
CA GLU A 270 0.37 -8.63 38.68
C GLU A 270 -1.00 -8.12 38.24
N SER A 271 -1.52 -8.66 37.15
CA SER A 271 -2.85 -8.31 36.67
C SER A 271 -3.91 -8.85 37.64
N PRO A 272 -5.05 -8.15 37.74
CA PRO A 272 -6.15 -8.57 38.63
C PRO A 272 -6.77 -9.90 38.17
N GLY A 273 -6.47 -10.31 36.95
CA GLY A 273 -6.99 -11.56 36.41
C GLY A 273 -6.51 -12.76 37.20
N GLU A 274 -7.39 -13.73 37.38
CA GLU A 274 -7.06 -14.94 38.13
C GLU A 274 -6.28 -15.93 37.28
N THR A 275 -5.61 -16.88 37.94
CA THR A 275 -4.76 -17.84 37.26
C THR A 275 -5.34 -19.25 37.37
N GLU A 276 -5.16 -20.05 36.32
CA GLU A 276 -5.57 -21.45 36.34
C GLU A 276 -4.93 -22.22 35.19
N ILE A 277 -4.58 -23.48 35.46
CA ILE A 277 -3.90 -24.31 34.46
C ILE A 277 -4.87 -24.76 33.37
N GLY A 280 0.34 -28.79 32.41
CA GLY A 280 -0.38 -28.21 31.29
C GLY A 280 0.23 -26.90 30.84
N ARG A 281 -0.49 -25.80 31.05
CA ARG A 281 -0.01 -24.49 30.68
C ARG A 281 -0.69 -23.42 31.54
N GLN A 282 -0.03 -22.28 31.69
CA GLN A 282 -0.52 -21.22 32.57
C GLN A 282 -1.29 -20.16 31.79
N PHE A 283 -2.41 -19.72 32.33
CA PHE A 283 -3.25 -18.74 31.66
C PHE A 283 -3.85 -17.73 32.65
N LYS A 284 -4.21 -16.54 32.18
CA LYS A 284 -4.82 -15.52 33.02
C LYS A 284 -6.30 -15.35 32.66
N VAL A 285 -7.18 -15.53 33.63
CA VAL A 285 -8.60 -15.67 33.32
C VAL A 285 -9.57 -14.56 33.76
N TYR A 286 -10.65 -14.44 32.99
CA TYR A 286 -11.62 -13.39 33.19
C TYR A 286 -11.13 -12.11 32.54
N ARG A 319 -9.85 -13.96 25.82
CA ARG A 319 -9.20 -14.36 27.05
C ARG A 319 -7.68 -14.44 26.86
N VAL A 320 -6.93 -14.21 27.93
CA VAL A 320 -5.49 -14.03 27.83
C VAL A 320 -4.68 -15.14 28.49
N PRO A 321 -3.70 -15.70 27.77
CA PRO A 321 -2.74 -16.63 28.36
C PRO A 321 -1.82 -15.94 29.37
N TYR A 322 -1.02 -16.72 30.11
CA TYR A 322 -0.15 -16.16 31.12
C TYR A 322 1.26 -15.89 30.58
N LYS A 323 1.84 -14.77 30.99
CA LYS A 323 3.15 -14.36 30.52
C LYS A 323 4.19 -14.55 31.63
N GLY A 324 4.03 -13.78 32.70
CA GLY A 324 4.97 -13.81 33.81
C GLY A 324 4.96 -12.50 34.56
N PRO A 325 6.05 -12.20 35.27
CA PRO A 325 6.18 -10.96 36.04
C PRO A 325 6.12 -9.73 35.15
N LEU A 326 5.63 -8.62 35.69
CA LEU A 326 5.57 -7.36 34.96
C LEU A 326 6.98 -6.88 34.64
N ALA A 327 7.93 -7.24 35.51
CA ALA A 327 9.32 -6.83 35.37
C ALA A 327 9.94 -7.30 34.06
N ASP A 328 9.63 -8.54 33.65
CA ASP A 328 10.13 -9.09 32.40
C ASP A 328 9.59 -8.30 31.21
N THR A 329 8.30 -8.00 31.26
CA THR A 329 7.66 -7.20 30.22
C THR A 329 8.26 -5.80 30.19
N VAL A 330 8.49 -5.24 31.36
CA VAL A 330 9.05 -3.90 31.48
C VAL A 330 10.45 -3.80 30.90
N HIS A 331 11.35 -4.70 31.31
CA HIS A 331 12.72 -4.66 30.80
C HIS A 331 12.83 -5.32 29.43
N GLN A 332 11.68 -5.66 28.84
CA GLN A 332 11.62 -6.04 27.44
C GLN A 332 11.36 -4.76 26.65
N LEU A 333 10.81 -3.77 27.34
CA LEU A 333 10.48 -2.48 26.73
C LEU A 333 11.57 -1.44 27.00
N VAL A 334 11.80 -1.16 28.28
CA VAL A 334 12.75 -0.13 28.69
C VAL A 334 14.17 -0.42 28.18
N GLY A 335 14.57 -1.69 28.26
CA GLY A 335 15.86 -2.11 27.76
C GLY A 335 15.99 -1.81 26.29
N GLY A 336 14.88 -1.92 25.56
CA GLY A 336 14.84 -1.59 24.16
C GLY A 336 14.77 -0.10 23.93
N LEU A 337 14.28 0.63 24.94
CA LEU A 337 14.24 2.08 24.88
C LEU A 337 15.65 2.63 25.00
N ARG A 338 16.47 1.98 25.84
CA ARG A 338 17.86 2.37 25.99
C ARG A 338 18.61 2.15 24.69
N ALA A 339 18.18 1.14 23.93
CA ALA A 339 18.80 0.82 22.65
C ALA A 339 18.35 1.78 21.55
N GLY A 340 17.11 2.24 21.65
CA GLY A 340 16.57 3.15 20.66
C GLY A 340 17.20 4.54 20.72
N MET A 341 17.27 5.09 21.92
CA MET A 341 17.86 6.41 22.12
C MET A 341 19.36 6.36 21.92
N GLY A 342 19.94 5.18 22.15
CA GLY A 342 21.37 4.98 22.03
C GLY A 342 21.89 5.19 20.62
N TYR A 343 21.16 4.65 19.64
CA TYR A 343 21.50 4.82 18.23
C TYR A 343 21.33 6.26 17.77
N CYS A 344 20.82 7.09 18.67
CA CYS A 344 20.49 8.47 18.32
C CYS A 344 21.33 9.49 19.13
N GLY A 345 22.14 9.00 20.06
CA GLY A 345 23.01 9.85 20.84
C GLY A 345 22.30 10.58 21.94
N ALA A 346 21.09 10.16 22.25
CA ALA A 346 20.32 10.79 23.33
C ALA A 346 20.69 10.17 24.68
N GLN A 347 20.90 11.02 25.67
CA GLN A 347 21.26 10.57 27.01
C GLN A 347 20.07 10.75 27.95
N ASP A 348 19.06 11.45 27.45
CA ASP A 348 17.83 11.68 28.20
C ASP A 348 16.67 11.84 27.20
N LEU A 349 15.43 11.66 27.67
CA LEU A 349 14.27 11.76 26.78
C LEU A 349 14.12 13.16 26.18
N GLU A 350 14.52 14.17 26.94
CA GLU A 350 14.49 15.54 26.45
C GLU A 350 15.42 15.66 25.24
N PHE A 351 16.58 15.02 25.33
CA PHE A 351 17.54 14.99 24.24
C PHE A 351 16.90 14.33 23.02
N LEU A 352 16.07 13.31 23.30
CA LEU A 352 15.44 12.52 22.24
C LEU A 352 14.45 13.36 21.43
N ARG A 353 13.33 13.72 22.06
CA ARG A 353 12.22 14.38 21.35
C ARG A 353 12.61 15.74 20.77
N GLU A 354 13.66 16.34 21.32
CA GLU A 354 14.18 17.60 20.80
C GLU A 354 14.87 17.38 19.46
N ASN A 355 15.81 16.44 19.45
CA ASN A 355 16.66 16.22 18.29
C ASN A 355 16.25 15.00 17.48
N ALA A 356 15.00 14.60 17.61
CA ALA A 356 14.50 13.43 16.90
C ALA A 356 14.51 13.66 15.40
N GLN A 357 14.86 12.61 14.66
CA GLN A 357 14.88 12.69 13.20
C GLN A 357 14.11 11.53 12.61
N PHE A 358 12.91 11.79 12.13
CA PHE A 358 12.06 10.74 11.60
C PHE A 358 12.27 10.50 10.11
N ILE A 359 12.17 9.23 9.72
CA ILE A 359 12.19 8.89 8.31
C ILE A 359 10.87 8.20 7.94
N ARG A 360 10.26 8.67 6.87
CA ARG A 360 8.96 8.16 6.45
C ARG A 360 9.15 7.03 5.45
N MET A 361 8.86 5.80 5.88
CA MET A 361 9.08 4.62 5.06
C MET A 361 8.21 4.60 3.80
N SER A 362 8.47 3.62 2.94
CA SER A 362 7.76 3.51 1.68
C SER A 362 6.63 2.48 1.74
N GLY A 363 5.91 2.33 0.64
CA GLY A 363 4.74 1.48 0.58
C GLY A 363 4.99 0.00 0.81
N ALA A 364 6.08 -0.52 0.27
CA ALA A 364 6.37 -1.94 0.35
C ALA A 364 7.39 -2.27 1.45
N GLY A 365 7.48 -1.41 2.46
CA GLY A 365 8.45 -1.54 3.52
C GLY A 365 8.34 -2.82 4.34
N LEU A 366 7.21 -3.01 5.01
CA LEU A 366 7.02 -4.21 5.81
C LEU A 366 6.59 -5.40 4.95
N LEU A 367 5.94 -5.11 3.83
CA LEU A 367 5.41 -6.16 3.00
C LEU A 367 6.53 -7.04 2.49
N GLU A 368 7.63 -6.42 2.11
CA GLU A 368 8.79 -7.17 1.68
C GLU A 368 9.58 -7.65 2.88
N ALA B 3 16.02 23.55 13.63
CA ALA B 3 14.76 22.92 14.02
C ALA B 3 14.73 21.45 13.64
N MET B 4 15.01 20.59 14.61
CA MET B 4 14.96 19.15 14.39
C MET B 4 13.67 18.59 14.96
N TRP B 5 12.67 19.47 15.08
CA TRP B 5 11.37 19.11 15.61
C TRP B 5 10.28 19.40 14.59
N GLU B 6 10.49 20.44 13.79
CA GLU B 6 9.51 20.87 12.81
C GLU B 6 9.99 20.60 11.38
N SER B 7 10.96 19.69 11.25
CA SER B 7 11.52 19.40 9.94
C SER B 7 11.84 17.91 9.77
N LYS B 8 11.73 17.16 10.85
CA LYS B 8 12.07 15.74 10.85
C LYS B 8 11.14 14.90 9.98
N PHE B 9 9.86 15.24 9.99
CA PHE B 9 8.81 14.41 9.40
C PHE B 9 8.91 14.16 7.90
N VAL B 10 9.34 15.16 7.15
CA VAL B 10 9.28 15.10 5.69
C VAL B 10 10.28 14.18 5.01
N LYS B 11 11.18 13.58 5.78
CA LYS B 11 12.16 12.66 5.20
C LYS B 11 11.53 11.35 4.75
N GLU B 12 11.42 11.17 3.44
CA GLU B 12 10.86 9.97 2.85
C GLU B 12 11.98 9.00 2.47
N GLY B 13 11.77 7.72 2.71
CA GLY B 13 12.77 6.71 2.40
C GLY B 13 12.32 5.75 1.32
N LEU B 14 13.26 4.94 0.83
CA LEU B 14 12.99 3.94 -0.20
C LEU B 14 13.89 2.73 -0.04
N THR B 15 13.35 1.54 -0.31
CA THR B 15 14.16 0.33 -0.39
C THR B 15 14.27 -0.08 -1.85
N PHE B 16 15.07 -1.11 -2.11
CA PHE B 16 15.28 -1.60 -3.47
C PHE B 16 13.99 -2.10 -4.10
N ASP B 17 13.13 -2.72 -3.29
CA ASP B 17 11.86 -3.24 -3.76
C ASP B 17 10.80 -2.16 -3.93
N ASP B 18 11.23 -0.95 -4.22
CA ASP B 18 10.30 0.17 -4.44
C ASP B 18 10.60 0.89 -5.74
N VAL B 19 11.64 0.43 -6.45
CA VAL B 19 12.05 1.07 -7.69
C VAL B 19 12.44 0.06 -8.77
N LEU B 20 12.73 0.57 -9.96
CA LEU B 20 13.22 -0.24 -11.08
C LEU B 20 14.19 0.60 -11.91
N LEU B 21 15.21 -0.04 -12.45
CA LEU B 21 16.17 0.66 -13.31
C LEU B 21 15.61 0.86 -14.71
N VAL B 22 15.58 2.12 -15.15
CA VAL B 22 15.12 2.46 -16.49
C VAL B 22 16.22 2.15 -17.52
N PRO B 23 15.86 1.43 -18.58
CA PRO B 23 16.82 1.02 -19.62
C PRO B 23 17.46 2.20 -20.36
N ALA B 24 18.40 1.89 -21.24
CA ALA B 24 19.06 2.90 -22.06
C ALA B 24 19.29 2.37 -23.46
N LYS B 25 19.51 3.28 -24.41
CA LYS B 25 19.84 2.88 -25.78
C LYS B 25 21.18 2.16 -25.77
N SER B 26 21.12 0.83 -25.72
CA SER B 26 22.30 0.03 -25.40
C SER B 26 23.03 -0.55 -26.60
N ASP B 27 24.28 -0.14 -26.77
CA ASP B 27 25.20 -0.80 -27.67
C ASP B 27 25.81 -1.94 -26.86
N VAL B 28 25.69 -1.84 -25.55
CA VAL B 28 26.30 -2.77 -24.61
C VAL B 28 25.44 -4.01 -24.39
N LEU B 29 26.11 -5.16 -24.33
CA LEU B 29 25.45 -6.45 -24.08
C LEU B 29 26.22 -7.23 -23.01
N PRO B 30 25.49 -8.05 -22.21
CA PRO B 30 25.99 -8.84 -21.09
C PRO B 30 27.41 -9.42 -21.23
N ARG B 31 27.70 -10.11 -22.33
CA ARG B 31 29.00 -10.73 -22.52
C ARG B 31 30.15 -9.73 -22.46
N GLU B 32 29.96 -8.56 -23.05
CA GLU B 32 31.00 -7.54 -23.10
C GLU B 32 31.28 -6.92 -21.73
N VAL B 33 30.23 -6.75 -20.92
CA VAL B 33 30.35 -6.01 -19.67
C VAL B 33 31.40 -6.58 -18.72
N SER B 34 32.02 -5.70 -17.94
CA SER B 34 33.05 -6.11 -16.99
C SER B 34 32.55 -5.95 -15.56
N VAL B 35 32.49 -7.07 -14.84
CA VAL B 35 31.97 -7.07 -13.48
C VAL B 35 33.03 -6.71 -12.45
N LYS B 36 34.23 -6.41 -12.93
CA LYS B 36 35.36 -6.10 -12.05
C LYS B 36 35.10 -4.88 -11.17
N THR B 37 35.62 -4.94 -9.95
CA THR B 37 35.44 -3.86 -8.97
C THR B 37 36.66 -3.75 -8.07
N VAL B 38 37.07 -2.52 -7.78
CA VAL B 38 38.28 -2.27 -7.00
C VAL B 38 37.98 -1.56 -5.68
N LEU B 39 38.50 -2.13 -4.59
CA LEU B 39 38.27 -1.57 -3.27
C LEU B 39 39.50 -0.81 -2.75
N SER B 40 40.68 -1.26 -3.15
CA SER B 40 41.93 -0.61 -2.73
C SER B 40 43.13 -1.05 -3.58
N GLU B 41 44.33 -0.73 -3.10
CA GLU B 41 45.57 -1.08 -3.78
C GLU B 41 45.79 -2.60 -3.85
N SER B 42 45.59 -3.26 -2.71
CA SER B 42 45.73 -4.71 -2.64
C SER B 42 44.36 -5.37 -2.60
N LEU B 43 43.33 -4.55 -2.41
CA LEU B 43 41.97 -5.04 -2.35
C LEU B 43 41.22 -4.74 -3.63
N GLN B 44 41.22 -5.69 -4.56
CA GLN B 44 40.55 -5.53 -5.84
C GLN B 44 39.90 -6.85 -6.26
N LEU B 45 38.70 -6.74 -6.82
CA LEU B 45 37.93 -7.94 -7.18
C LEU B 45 37.60 -7.99 -8.66
N ASN B 46 37.03 -9.12 -9.08
CA ASN B 46 36.52 -9.26 -10.43
C ASN B 46 35.01 -9.32 -10.43
N ILE B 47 34.41 -9.53 -9.26
CA ILE B 47 32.96 -9.48 -9.11
C ILE B 47 32.57 -8.70 -7.85
N PRO B 48 31.46 -7.94 -7.92
CA PRO B 48 30.99 -7.15 -6.78
C PRO B 48 30.28 -8.01 -5.74
N LEU B 49 30.96 -9.02 -5.22
CA LEU B 49 30.35 -9.93 -4.25
C LEU B 49 31.28 -10.30 -3.10
N ILE B 50 30.78 -10.13 -1.88
CA ILE B 50 31.51 -10.55 -0.69
C ILE B 50 30.60 -11.43 0.15
N SER B 51 31.17 -12.43 0.80
CA SER B 51 30.38 -13.26 1.71
C SER B 51 30.47 -12.71 3.12
N ALA B 52 29.31 -12.51 3.74
CA ALA B 52 29.24 -11.89 5.07
C ALA B 52 30.04 -12.66 6.11
N GLY B 53 30.38 -11.99 7.20
CA GLY B 53 31.17 -12.59 8.25
C GLY B 53 30.36 -13.30 9.30
N MET B 54 29.43 -14.14 8.85
CA MET B 54 28.56 -14.88 9.75
C MET B 54 29.13 -16.26 10.05
N ASP B 55 28.63 -16.88 11.11
CA ASP B 55 29.12 -18.18 11.55
C ASP B 55 28.64 -19.32 10.67
N THR B 56 27.50 -19.12 10.03
CA THR B 56 26.90 -20.15 9.17
C THR B 56 27.24 -19.95 7.70
N VAL B 57 28.08 -18.96 7.41
CA VAL B 57 28.37 -18.60 6.03
C VAL B 57 29.83 -18.77 5.62
N THR B 58 30.72 -18.00 6.23
CA THR B 58 32.10 -17.90 5.73
C THR B 58 33.20 -18.33 6.69
N GLU B 59 33.96 -19.34 6.28
CA GLU B 59 35.24 -19.66 6.90
C GLU B 59 36.27 -19.80 5.78
N ALA B 60 37.33 -20.56 6.04
CA ALA B 60 38.39 -20.74 5.04
C ALA B 60 37.87 -21.44 3.79
N ASP B 61 36.96 -22.39 4.00
CA ASP B 61 36.35 -23.13 2.90
C ASP B 61 35.58 -22.23 1.94
N MET B 62 34.73 -21.37 2.50
CA MET B 62 33.93 -20.45 1.70
C MET B 62 34.79 -19.40 1.01
N ALA B 63 35.78 -18.88 1.73
CA ALA B 63 36.63 -17.81 1.24
C ALA B 63 37.42 -18.22 -0.01
N ILE B 64 38.01 -19.40 0.03
CA ILE B 64 38.77 -19.93 -1.09
C ILE B 64 37.94 -19.96 -2.37
N ALA B 65 36.72 -20.45 -2.27
CA ALA B 65 35.80 -20.48 -3.40
C ALA B 65 35.49 -19.05 -3.86
N MET B 66 35.19 -18.17 -2.92
CA MET B 66 34.89 -16.78 -3.23
C MET B 66 36.09 -16.08 -3.86
N ALA B 67 37.27 -16.32 -3.32
CA ALA B 67 38.49 -15.71 -3.84
C ALA B 67 38.74 -16.14 -5.29
N ARG B 68 38.47 -17.41 -5.57
CA ARG B 68 38.66 -17.95 -6.91
C ARG B 68 37.59 -17.48 -7.88
N GLN B 69 36.37 -17.33 -7.39
CA GLN B 69 35.26 -16.89 -8.24
C GLN B 69 35.32 -15.39 -8.52
N GLY B 70 36.24 -14.70 -7.84
CA GLY B 70 36.45 -13.28 -8.10
C GLY B 70 36.00 -12.36 -6.99
N GLY B 71 35.39 -12.93 -5.95
CA GLY B 71 34.91 -12.15 -4.84
C GLY B 71 35.82 -12.21 -3.64
N LEU B 72 35.24 -12.10 -2.45
CA LEU B 72 36.01 -12.14 -1.22
C LEU B 72 35.21 -12.80 -0.10
N GLY B 73 35.92 -13.44 0.82
CA GLY B 73 35.30 -14.03 2.00
C GLY B 73 35.74 -13.30 3.25
N ILE B 74 34.83 -13.15 4.20
CA ILE B 74 35.16 -12.51 5.47
C ILE B 74 35.03 -13.51 6.61
N ILE B 75 36.17 -13.99 7.09
CA ILE B 75 36.21 -15.02 8.12
C ILE B 75 35.79 -14.47 9.49
N HIS B 76 34.76 -15.09 10.07
CA HIS B 76 34.13 -14.57 11.29
C HIS B 76 35.06 -14.48 12.49
N LYS B 77 34.59 -13.79 13.53
CA LYS B 77 35.43 -13.42 14.66
C LYS B 77 35.07 -14.19 15.93
N ASN B 78 34.28 -15.25 15.79
CA ASN B 78 33.80 -15.99 16.96
C ASN B 78 34.48 -17.33 17.19
N MET B 79 35.82 -17.31 17.24
CA MET B 79 36.61 -18.44 17.69
C MET B 79 38.00 -17.95 18.10
N SER B 80 38.92 -18.87 18.33
CA SER B 80 40.26 -18.52 18.77
C SER B 80 40.96 -17.59 17.78
N ILE B 81 41.81 -16.72 18.30
CA ILE B 81 42.57 -15.79 17.48
C ILE B 81 43.49 -16.56 16.55
N GLU B 82 44.14 -17.60 17.09
CA GLU B 82 45.01 -18.44 16.28
C GLU B 82 44.18 -19.25 15.28
N GLN B 83 42.94 -19.54 15.65
CA GLN B 83 42.04 -20.27 14.76
C GLN B 83 41.46 -19.35 13.70
N GLN B 84 41.52 -18.05 13.95
CA GLN B 84 41.17 -17.09 12.91
C GLN B 84 42.43 -16.79 12.10
N ALA B 85 43.58 -17.03 12.71
CA ALA B 85 44.86 -16.88 12.02
C ALA B 85 45.16 -18.14 11.22
N GLU B 86 44.65 -19.28 11.70
CA GLU B 86 44.82 -20.55 11.01
C GLU B 86 44.03 -20.60 9.71
N GLN B 87 42.92 -19.86 9.67
CA GLN B 87 42.04 -19.88 8.51
C GLN B 87 42.46 -18.87 7.45
N VAL B 88 42.99 -17.73 7.89
CA VAL B 88 43.39 -16.68 6.95
C VAL B 88 44.50 -17.14 6.01
N ASP B 89 45.63 -17.57 6.58
CA ASP B 89 46.76 -18.01 5.78
C ASP B 89 46.41 -19.22 4.93
N LYS B 90 45.46 -20.02 5.40
CA LYS B 90 44.96 -21.15 4.63
C LYS B 90 44.36 -20.66 3.32
N VAL B 91 43.78 -19.46 3.34
CA VAL B 91 43.25 -18.83 2.14
C VAL B 91 44.35 -18.01 1.48
N LYS B 92 45.49 -17.88 2.15
CA LYS B 92 46.63 -17.15 1.60
C LYS B 92 47.63 -18.08 0.93
N ARG B 93 47.89 -19.23 1.55
CA ARG B 93 48.82 -20.19 0.98
C ARG B 93 48.12 -21.18 0.06
N SER B 94 46.96 -20.80 -0.46
CA SER B 94 46.27 -21.57 -1.47
C SER B 94 47.03 -21.44 -2.78
N GLU B 95 47.36 -20.20 -3.13
CA GLU B 95 48.25 -19.91 -4.24
C GLU B 95 49.33 -18.96 -3.72
N SER B 96 50.55 -19.10 -4.22
CA SER B 96 51.65 -18.26 -3.76
C SER B 96 52.52 -17.72 -4.90
N GLY B 97 51.99 -17.71 -6.11
CA GLY B 97 52.71 -17.15 -7.24
C GLY B 97 52.70 -18.05 -8.46
N LYS B 100 56.15 -21.63 -9.40
CA LYS B 100 55.42 -22.19 -10.54
C LYS B 100 54.02 -22.67 -10.13
N ASP B 101 53.16 -21.72 -9.78
CA ASP B 101 51.78 -22.01 -9.46
C ASP B 101 50.94 -21.85 -10.73
N ILE B 102 50.56 -22.98 -11.32
CA ILE B 102 50.05 -22.96 -12.69
C ILE B 102 48.63 -23.52 -12.87
N GLU B 103 48.40 -24.71 -12.36
CA GLU B 103 47.17 -25.46 -12.60
C GLU B 103 45.89 -24.71 -12.22
N LYS B 104 45.91 -24.06 -11.06
CA LYS B 104 44.72 -23.42 -10.51
C LYS B 104 44.25 -22.22 -11.33
N VAL B 105 45.16 -21.63 -12.10
CA VAL B 105 44.83 -20.47 -12.93
C VAL B 105 43.88 -20.87 -14.05
N ILE B 106 44.00 -22.11 -14.50
CA ILE B 106 43.13 -22.66 -15.54
C ILE B 106 41.79 -23.07 -14.94
N GLU B 107 41.82 -23.48 -13.67
CA GLU B 107 40.62 -23.96 -12.98
C GLU B 107 39.49 -22.93 -12.99
N PHE B 108 39.81 -21.68 -12.68
CA PHE B 108 38.85 -20.59 -12.85
C PHE B 108 39.55 -19.24 -13.08
N PRO B 109 39.29 -18.64 -14.25
CA PRO B 109 39.98 -17.44 -14.76
C PRO B 109 39.69 -16.16 -14.00
N ASN B 110 38.68 -16.18 -13.13
CA ASN B 110 38.27 -14.96 -12.44
C ASN B 110 38.91 -14.77 -11.07
N SER B 111 39.94 -15.57 -10.77
CA SER B 111 40.60 -15.55 -9.47
C SER B 111 41.06 -14.17 -9.03
N ALA B 112 40.80 -13.83 -7.77
CA ALA B 112 41.18 -12.54 -7.21
C ALA B 112 42.33 -12.69 -6.21
N LYS B 113 43.51 -12.21 -6.58
CA LYS B 113 44.70 -12.40 -5.78
C LYS B 113 45.39 -11.07 -5.43
N ASP B 114 46.47 -11.15 -4.66
CA ASP B 114 47.27 -9.99 -4.31
C ASP B 114 48.39 -9.83 -5.33
N LYS B 115 49.40 -9.04 -4.99
CA LYS B 115 50.53 -8.78 -5.89
C LYS B 115 51.55 -9.91 -5.90
N GLN B 116 51.36 -10.90 -5.02
CA GLN B 116 52.24 -12.08 -5.00
C GLN B 116 51.44 -13.34 -5.33
N GLY B 117 50.42 -13.18 -6.17
CA GLY B 117 49.63 -14.30 -6.64
C GLY B 117 48.87 -15.04 -5.56
N ARG B 118 48.78 -14.44 -4.38
CA ARG B 118 48.10 -15.04 -3.25
C ARG B 118 46.63 -14.59 -3.18
N LEU B 119 45.73 -15.56 -3.06
CA LEU B 119 44.30 -15.27 -3.00
C LEU B 119 43.95 -14.35 -1.83
N LEU B 120 43.18 -13.31 -2.12
CA LEU B 120 42.76 -12.34 -1.12
C LEU B 120 41.81 -12.97 -0.12
N VAL B 121 41.85 -12.48 1.11
CA VAL B 121 40.93 -12.93 2.15
C VAL B 121 40.70 -11.82 3.17
N GLY B 122 39.45 -11.68 3.61
CA GLY B 122 39.11 -10.73 4.64
C GLY B 122 38.74 -11.46 5.92
N ALA B 123 38.51 -10.70 6.99
CA ALA B 123 38.12 -11.28 8.26
C ALA B 123 37.53 -10.22 9.18
N ALA B 124 36.46 -10.58 9.89
CA ALA B 124 35.90 -9.67 10.87
C ALA B 124 36.62 -9.83 12.19
N VAL B 125 36.78 -8.72 12.91
CA VAL B 125 37.35 -8.74 14.25
C VAL B 125 36.44 -7.97 15.18
N GLY B 126 36.21 -8.52 16.37
CA GLY B 126 35.38 -7.86 17.35
C GLY B 126 35.98 -6.55 17.78
N VAL B 127 35.15 -5.67 18.33
CA VAL B 127 35.55 -4.31 18.69
C VAL B 127 35.70 -4.17 20.19
N THR B 128 35.99 -5.29 20.83
CA THR B 128 36.08 -5.40 22.28
C THR B 128 37.42 -4.86 22.75
N ALA B 129 37.73 -5.11 24.01
CA ALA B 129 38.99 -4.71 24.62
C ALA B 129 40.21 -5.34 23.96
N ASP B 130 40.08 -6.59 23.52
CA ASP B 130 41.22 -7.32 22.99
C ASP B 130 41.14 -7.44 21.48
N ALA B 131 40.67 -6.38 20.83
CA ALA B 131 40.51 -6.36 19.38
C ALA B 131 41.85 -6.36 18.67
N MET B 132 42.66 -5.33 18.93
CA MET B 132 43.95 -5.14 18.27
C MET B 132 44.87 -6.34 18.48
N THR B 133 44.68 -7.04 19.59
CA THR B 133 45.47 -8.23 19.89
C THR B 133 44.93 -9.44 19.13
N ARG B 134 43.74 -9.31 18.58
CA ARG B 134 43.19 -10.35 17.70
C ARG B 134 43.49 -10.01 16.25
N ILE B 135 43.43 -8.72 15.93
CA ILE B 135 43.86 -8.24 14.63
C ILE B 135 45.36 -8.49 14.50
N ASP B 136 46.03 -8.51 15.65
CA ASP B 136 47.46 -8.78 15.76
C ASP B 136 47.87 -9.98 14.92
N ALA B 137 47.16 -11.08 15.09
CA ALA B 137 47.48 -12.32 14.38
C ALA B 137 47.01 -12.28 12.93
N LEU B 138 45.93 -11.53 12.68
CA LEU B 138 45.37 -11.43 11.34
C LEU B 138 46.32 -10.73 10.38
N VAL B 139 46.97 -9.66 10.84
CA VAL B 139 47.87 -8.89 10.00
C VAL B 139 49.16 -9.67 9.70
N LYS B 140 49.50 -10.61 10.57
CA LYS B 140 50.67 -11.45 10.35
C LYS B 140 50.33 -12.53 9.34
N ALA B 141 49.10 -13.01 9.40
CA ALA B 141 48.61 -14.00 8.44
C ALA B 141 48.30 -13.34 7.10
N SER B 142 48.62 -12.05 7.01
CA SER B 142 48.49 -11.28 5.79
C SER B 142 47.06 -11.20 5.26
N VAL B 143 46.11 -11.05 6.19
CA VAL B 143 44.72 -10.81 5.80
C VAL B 143 44.68 -9.48 5.05
N ASP B 144 43.79 -9.36 4.07
CA ASP B 144 43.77 -8.18 3.22
C ASP B 144 42.73 -7.15 3.62
N ALA B 145 41.82 -7.55 4.50
CA ALA B 145 40.77 -6.64 4.94
C ALA B 145 40.21 -7.04 6.30
N ILE B 146 40.32 -6.15 7.28
CA ILE B 146 39.71 -6.38 8.58
C ILE B 146 38.38 -5.66 8.68
N VAL B 147 37.39 -6.33 9.25
CA VAL B 147 36.06 -5.75 9.40
C VAL B 147 35.74 -5.45 10.86
N LEU B 148 35.33 -4.22 11.13
CA LEU B 148 34.97 -3.81 12.47
C LEU B 148 33.46 -3.72 12.61
N ASP B 149 32.83 -4.86 12.88
CA ASP B 149 31.38 -4.91 13.05
C ASP B 149 31.02 -5.14 14.51
N THR B 150 29.95 -4.50 14.96
CA THR B 150 29.50 -4.62 16.35
C THR B 150 28.00 -4.34 16.40
N ALA B 151 27.36 -4.74 17.50
CA ALA B 151 25.96 -4.41 17.75
C ALA B 151 25.77 -2.90 17.72
N HIS B 152 26.81 -2.17 18.12
CA HIS B 152 26.85 -0.74 17.94
C HIS B 152 27.60 -0.48 16.63
N GLY B 153 26.88 0.03 15.63
CA GLY B 153 27.42 0.12 14.28
C GLY B 153 28.29 1.33 14.01
N HIS B 154 27.71 2.51 14.12
CA HIS B 154 28.42 3.75 13.79
C HIS B 154 28.92 4.48 15.04
N SER B 155 28.32 4.15 16.18
CA SER B 155 28.57 4.83 17.45
C SER B 155 30.05 5.08 17.77
N GLN B 156 30.30 6.09 18.59
CA GLN B 156 31.66 6.53 18.94
C GLN B 156 32.65 5.40 19.25
N GLY B 157 32.14 4.31 19.82
CA GLY B 157 32.97 3.18 20.17
C GLY B 157 33.68 2.56 18.98
N VAL B 158 32.99 2.49 17.85
CA VAL B 158 33.55 1.90 16.65
C VAL B 158 34.52 2.85 15.96
N ILE B 159 34.27 4.14 16.11
CA ILE B 159 35.13 5.16 15.52
C ILE B 159 36.47 5.23 16.26
N ASP B 160 36.45 4.89 17.54
CA ASP B 160 37.65 4.89 18.37
C ASP B 160 38.68 3.91 17.85
N LYS B 161 38.22 2.70 17.53
CA LYS B 161 39.13 1.61 17.16
C LYS B 161 39.57 1.65 15.70
N VAL B 162 39.08 2.62 14.95
CA VAL B 162 39.56 2.83 13.59
C VAL B 162 40.72 3.82 13.65
N LYS B 163 40.63 4.78 14.57
CA LYS B 163 41.71 5.72 14.80
C LYS B 163 42.94 5.00 15.34
N GLU B 164 42.70 4.05 16.23
CA GLU B 164 43.79 3.30 16.86
C GLU B 164 44.56 2.43 15.86
N VAL B 165 43.81 1.72 15.02
CA VAL B 165 44.42 0.84 14.03
C VAL B 165 45.21 1.61 12.98
N ARG B 166 44.58 2.63 12.40
CA ARG B 166 45.22 3.42 11.37
C ARG B 166 46.45 4.17 11.86
N ALA B 167 46.35 4.74 13.06
CA ALA B 167 47.45 5.50 13.65
C ALA B 167 48.68 4.66 13.91
N LYS B 168 48.49 3.41 14.32
CA LYS B 168 49.63 2.60 14.71
C LYS B 168 50.29 2.00 13.47
N TYR B 169 49.67 0.99 12.90
CA TYR B 169 50.21 0.41 11.68
C TYR B 169 49.20 0.51 10.56
N PRO B 170 49.62 1.29 9.47
CA PRO B 170 48.55 1.63 8.53
C PRO B 170 48.58 0.81 7.25
N SER B 171 49.23 -0.33 7.33
CA SER B 171 49.44 -1.18 6.16
C SER B 171 48.13 -1.79 5.66
N LEU B 172 47.27 -2.18 6.59
CA LEU B 172 46.09 -2.98 6.25
C LEU B 172 44.84 -2.15 5.96
N ASN B 173 43.94 -2.76 5.19
CA ASN B 173 42.66 -2.13 4.85
C ASN B 173 41.65 -2.28 5.98
N ILE B 174 41.14 -1.16 6.46
CA ILE B 174 40.15 -1.17 7.53
C ILE B 174 38.73 -1.05 6.97
N ILE B 175 37.96 -2.12 7.08
CA ILE B 175 36.54 -2.07 6.75
C ILE B 175 35.76 -1.93 8.03
N ALA B 176 34.83 -0.97 8.07
CA ALA B 176 34.03 -0.76 9.26
C ALA B 176 32.57 -0.45 8.94
N GLY B 177 31.68 -0.96 9.77
CA GLY B 177 30.25 -0.75 9.60
C GLY B 177 29.51 -1.05 10.88
N ASN B 178 28.21 -0.75 10.90
CA ASN B 178 27.53 -0.16 9.75
C ASN B 178 27.16 1.30 9.95
N VAL B 179 27.12 2.04 8.84
CA VAL B 179 26.62 3.41 8.85
C VAL B 179 25.34 3.47 8.03
N ALA B 180 24.60 4.57 8.19
CA ALA B 180 23.38 4.76 7.44
C ALA B 180 23.27 6.22 7.03
N THR B 181 23.99 7.09 7.73
CA THR B 181 23.96 8.51 7.46
C THR B 181 25.21 8.91 6.69
N ALA B 182 25.06 9.85 5.76
CA ALA B 182 26.19 10.42 5.05
C ALA B 182 27.17 11.02 6.05
N GLU B 183 26.62 11.69 7.05
CA GLU B 183 27.41 12.21 8.15
C GLU B 183 28.16 11.08 8.86
N ALA B 184 27.45 9.99 9.13
CA ALA B 184 28.05 8.81 9.70
C ALA B 184 29.07 8.10 8.80
N THR B 185 28.79 8.02 7.50
CA THR B 185 29.70 7.33 6.57
C THR B 185 31.04 8.04 6.52
N LYS B 186 31.01 9.36 6.46
CA LYS B 186 32.20 10.19 6.45
C LYS B 186 33.03 10.17 7.74
N ALA B 187 32.36 10.06 8.89
CA ALA B 187 33.06 10.11 10.17
C ALA B 187 34.08 8.99 10.34
N LEU B 188 33.73 7.79 9.93
CA LEU B 188 34.65 6.66 9.87
C LEU B 188 35.79 6.87 8.88
N ILE B 189 35.50 7.53 7.77
CA ILE B 189 36.52 7.79 6.76
C ILE B 189 37.62 8.64 7.36
N GLU B 190 37.24 9.62 8.16
CA GLU B 190 38.19 10.50 8.80
C GLU B 190 38.96 9.77 9.90
N ALA B 191 38.36 8.72 10.43
CA ALA B 191 39.01 7.91 11.47
C ALA B 191 40.14 7.07 10.88
N GLY B 192 39.90 6.52 9.69
CA GLY B 192 40.90 5.71 9.01
C GLY B 192 40.29 4.61 8.15
N ALA B 193 38.97 4.66 7.99
CA ALA B 193 38.25 3.68 7.19
C ALA B 193 38.57 3.86 5.71
N ASN B 194 38.70 2.74 5.00
CA ASN B 194 38.93 2.80 3.55
C ASN B 194 37.78 2.21 2.74
N VAL B 195 37.05 1.28 3.33
CA VAL B 195 35.82 0.74 2.73
C VAL B 195 34.74 0.68 3.81
N VAL B 196 33.53 1.11 3.47
CA VAL B 196 32.45 1.21 4.46
C VAL B 196 31.27 0.26 4.16
N LYS B 197 30.82 -0.44 5.19
CA LYS B 197 29.68 -1.34 5.06
C LYS B 197 28.39 -0.61 5.47
N VAL B 198 27.41 -0.61 4.57
CA VAL B 198 26.19 0.18 4.77
C VAL B 198 24.95 -0.69 4.93
N GLY B 199 24.22 -0.50 6.03
CA GLY B 199 22.98 -1.21 6.24
C GLY B 199 22.51 -1.27 7.68
N ILE B 200 21.48 -0.48 7.99
CA ILE B 200 20.86 -0.51 9.31
C ILE B 200 19.35 -0.71 9.18
N GLY B 201 18.91 -1.96 9.29
CA GLY B 201 17.50 -2.29 9.16
C GLY B 201 17.16 -2.92 7.83
N PRO B 202 16.64 -4.14 7.90
CA PRO B 202 16.24 -4.91 6.73
C PRO B 202 14.76 -4.80 6.37
N GLY B 203 13.89 -4.40 7.29
CA GLY B 203 12.47 -4.32 7.00
C GLY B 203 11.53 -5.45 7.42
N SER B 204 12.00 -6.40 8.21
CA SER B 204 11.16 -7.50 8.68
C SER B 204 10.77 -7.40 10.15
N CYS B 206 20.94 -8.13 10.52
CA CYS B 206 20.39 -7.14 11.45
C CYS B 206 18.88 -7.24 11.55
N THR B 207 18.34 -6.86 12.70
CA THR B 207 16.90 -6.82 12.93
C THR B 207 16.56 -5.82 14.04
N THR B 208 16.64 -4.53 13.72
CA THR B 208 16.57 -3.47 14.72
C THR B 208 15.48 -2.42 14.48
N ARG B 209 14.30 -2.86 14.05
CA ARG B 209 13.21 -1.94 13.80
C ARG B 209 11.94 -2.28 14.58
N VAL B 210 11.74 -3.55 14.91
CA VAL B 210 10.53 -3.98 15.59
C VAL B 210 10.43 -3.43 17.02
N VAL B 211 11.47 -3.65 17.81
CA VAL B 211 11.47 -3.23 19.21
C VAL B 211 12.50 -2.13 19.46
N ALA B 212 12.85 -1.40 18.41
CA ALA B 212 13.78 -0.30 18.52
C ALA B 212 13.25 0.92 17.79
N GLY B 213 12.61 0.69 16.64
CA GLY B 213 11.99 1.74 15.88
C GLY B 213 12.97 2.66 15.17
N VAL B 214 14.17 2.16 14.90
CA VAL B 214 15.21 2.97 14.28
C VAL B 214 15.67 2.37 12.95
N GLY B 215 16.38 3.18 12.16
CA GLY B 215 16.94 2.68 10.91
C GLY B 215 16.69 3.58 9.70
N VAL B 216 17.20 3.14 8.56
CA VAL B 216 17.05 3.86 7.31
C VAL B 216 16.82 2.87 6.16
N PRO B 217 15.80 3.12 5.33
CA PRO B 217 15.54 2.34 4.12
C PRO B 217 16.79 2.18 3.26
N GLN B 218 17.12 0.95 2.90
CA GLN B 218 18.43 0.61 2.35
C GLN B 218 18.81 1.31 1.04
N LEU B 219 17.90 1.37 0.09
CA LEU B 219 18.17 2.02 -1.20
C LEU B 219 18.64 3.45 -0.99
N THR B 220 17.91 4.18 -0.16
CA THR B 220 18.28 5.54 0.19
C THR B 220 19.56 5.54 1.01
N ALA B 221 19.70 4.55 1.89
CA ALA B 221 20.88 4.42 2.73
C ALA B 221 22.15 4.22 1.91
N VAL B 222 22.04 3.41 0.86
CA VAL B 222 23.19 3.17 -0.02
C VAL B 222 23.57 4.43 -0.79
N TYR B 223 22.58 5.05 -1.42
CA TYR B 223 22.81 6.28 -2.18
C TYR B 223 23.40 7.39 -1.31
N ASP B 224 22.86 7.54 -0.10
CA ASP B 224 23.30 8.59 0.81
C ASP B 224 24.74 8.38 1.28
N CYS B 225 25.10 7.12 1.47
CA CYS B 225 26.43 6.78 1.94
C CYS B 225 27.45 6.79 0.80
N ALA B 226 27.07 6.21 -0.33
CA ALA B 226 27.94 6.14 -1.50
C ALA B 226 28.28 7.53 -2.03
N THR B 227 27.31 8.43 -1.96
CA THR B 227 27.49 9.80 -2.43
C THR B 227 28.53 10.52 -1.58
N GLU B 228 28.43 10.34 -0.27
CA GLU B 228 29.32 11.01 0.68
C GLU B 228 30.72 10.39 0.66
N ALA B 229 30.79 9.08 0.56
CA ALA B 229 32.06 8.37 0.56
C ALA B 229 32.86 8.69 -0.70
N ARG B 230 32.15 8.96 -1.79
CA ARG B 230 32.78 9.27 -3.07
C ARG B 230 33.50 10.61 -3.01
N LYS B 231 33.10 11.47 -2.08
CA LYS B 231 33.76 12.76 -1.88
C LYS B 231 35.22 12.57 -1.45
N HIS B 232 35.53 11.37 -0.96
CA HIS B 232 36.88 11.04 -0.52
C HIS B 232 37.44 9.90 -1.36
N GLY B 233 36.70 9.53 -2.40
CA GLY B 233 37.11 8.44 -3.28
C GLY B 233 37.01 7.10 -2.59
N ILE B 234 36.09 7.01 -1.63
CA ILE B 234 35.97 5.80 -0.83
C ILE B 234 34.81 4.92 -1.29
N PRO B 235 35.09 3.62 -1.48
CA PRO B 235 34.06 2.65 -1.86
C PRO B 235 33.20 2.26 -0.65
N VAL B 236 31.99 1.78 -0.92
CA VAL B 236 31.10 1.34 0.15
C VAL B 236 30.49 -0.02 -0.13
N ILE B 237 30.15 -0.72 0.94
CA ILE B 237 29.48 -2.01 0.85
C ILE B 237 28.05 -1.86 1.36
N ALA B 238 27.08 -2.37 0.60
CA ALA B 238 25.71 -2.38 1.06
C ALA B 238 25.45 -3.66 1.84
N ASP B 239 24.87 -3.53 3.03
CA ASP B 239 24.67 -4.67 3.90
C ASP B 239 23.19 -4.86 4.24
N GLY B 240 22.54 -5.77 3.52
CA GLY B 240 21.14 -6.04 3.73
C GLY B 240 20.26 -5.43 2.66
N GLY B 241 18.99 -5.82 2.63
CA GLY B 241 18.03 -5.27 1.70
C GLY B 241 18.06 -5.91 0.33
N ILE B 242 19.03 -6.79 0.10
CA ILE B 242 19.16 -7.45 -1.20
C ILE B 242 18.30 -8.71 -1.25
N LYS B 243 17.04 -8.54 -1.66
CA LYS B 243 16.07 -9.64 -1.79
C LYS B 243 16.33 -10.71 -2.87
N TYR B 244 16.63 -10.27 -4.09
CA TYR B 244 16.93 -11.19 -5.19
C TYR B 244 17.95 -10.63 -6.17
N SER B 245 18.01 -11.22 -7.36
CA SER B 245 18.99 -10.85 -8.38
C SER B 245 18.73 -9.45 -8.93
N GLY B 246 17.48 -9.02 -8.90
CA GLY B 246 17.10 -7.72 -9.42
C GLY B 246 17.49 -6.57 -8.51
N ASP B 247 17.64 -6.86 -7.23
CA ASP B 247 17.96 -5.84 -6.23
C ASP B 247 19.45 -5.58 -6.13
N MET B 248 20.25 -6.57 -6.51
CA MET B 248 21.69 -6.41 -6.54
C MET B 248 22.06 -5.35 -7.57
N VAL B 249 21.37 -5.41 -8.71
CA VAL B 249 21.59 -4.45 -9.77
C VAL B 249 21.19 -3.05 -9.32
N LYS B 250 20.12 -2.97 -8.52
CA LYS B 250 19.68 -1.71 -7.95
C LYS B 250 20.69 -1.21 -6.92
N ALA B 251 21.13 -2.12 -6.06
CA ALA B 251 22.14 -1.80 -5.06
C ALA B 251 23.41 -1.30 -5.74
N LEU B 252 23.80 -1.98 -6.81
CA LEU B 252 24.98 -1.61 -7.57
C LEU B 252 24.78 -0.28 -8.30
N ALA B 253 23.55 0.02 -8.66
CA ALA B 253 23.24 1.29 -9.32
C ALA B 253 23.00 2.39 -8.30
N ALA B 254 22.64 2.00 -7.09
CA ALA B 254 22.42 2.95 -6.00
C ALA B 254 23.73 3.59 -5.57
N GLY B 255 24.85 3.00 -5.99
CA GLY B 255 26.16 3.57 -5.71
C GLY B 255 27.16 2.58 -5.17
N ALA B 256 26.68 1.45 -4.65
CA ALA B 256 27.53 0.46 -4.01
C ALA B 256 28.54 -0.17 -4.97
N HIS B 257 29.79 -0.29 -4.52
CA HIS B 257 30.83 -0.96 -5.29
C HIS B 257 30.60 -2.46 -5.32
N VAL B 258 30.52 -3.05 -4.13
CA VAL B 258 30.31 -4.49 -4.02
C VAL B 258 29.03 -4.81 -3.27
N VAL B 259 28.54 -6.03 -3.44
CA VAL B 259 27.31 -6.47 -2.79
C VAL B 259 27.58 -7.66 -1.88
N MET B 260 27.66 -7.40 -0.57
CA MET B 260 27.92 -8.47 0.39
C MET B 260 26.64 -9.22 0.77
N LEU B 261 26.66 -10.53 0.57
CA LEU B 261 25.51 -11.36 0.88
C LEU B 261 25.82 -12.31 2.03
N GLY B 262 24.82 -12.58 2.87
CA GLY B 262 24.99 -13.46 4.00
C GLY B 262 24.26 -14.77 3.86
N SER B 263 22.98 -14.78 4.23
CA SER B 263 22.16 -15.98 4.21
C SER B 263 22.00 -16.57 2.81
N MET B 264 22.35 -15.79 1.79
CA MET B 264 22.25 -16.25 0.41
C MET B 264 23.28 -17.35 0.14
N PHE B 265 24.33 -17.40 0.95
CA PHE B 265 25.39 -18.39 0.80
C PHE B 265 25.33 -19.44 1.90
N ALA B 266 24.20 -19.53 2.57
CA ALA B 266 24.03 -20.43 3.72
C ALA B 266 24.17 -21.90 3.32
N GLY B 267 23.18 -22.42 2.61
CA GLY B 267 23.16 -23.82 2.22
C GLY B 267 24.19 -24.19 1.16
N VAL B 268 24.90 -23.17 0.66
CA VAL B 268 25.98 -23.38 -0.29
C VAL B 268 27.01 -24.34 0.28
N ALA B 269 27.48 -25.27 -0.56
CA ALA B 269 28.40 -26.34 -0.15
C ALA B 269 29.63 -25.85 0.61
N GLU B 270 30.12 -24.67 0.24
CA GLU B 270 31.37 -24.16 0.77
C GLU B 270 31.21 -23.53 2.17
N SER B 271 30.02 -23.64 2.73
CA SER B 271 29.76 -23.12 4.08
C SER B 271 30.24 -24.10 5.14
N PRO B 272 30.77 -23.59 6.26
CA PRO B 272 31.32 -24.42 7.33
C PRO B 272 30.28 -25.27 8.03
N GLY B 273 30.71 -26.37 8.63
CA GLY B 273 29.80 -27.27 9.34
C GLY B 273 29.68 -28.62 8.67
N GLU B 274 29.15 -29.59 9.41
CA GLU B 274 28.96 -30.94 8.89
C GLU B 274 27.83 -30.98 7.87
N THR B 275 27.72 -32.09 7.17
CA THR B 275 26.71 -32.28 6.15
C THR B 275 25.77 -33.40 6.55
N GLU B 276 24.47 -33.15 6.50
CA GLU B 276 23.52 -34.20 6.82
C GLU B 276 22.53 -34.48 5.68
N ILE B 277 22.46 -35.76 5.31
CA ILE B 277 21.64 -36.20 4.20
C ILE B 277 20.40 -36.93 4.73
N TYR B 278 19.22 -36.49 4.30
CA TYR B 278 18.00 -37.19 4.67
C TYR B 278 17.07 -37.52 3.49
N GLN B 279 17.09 -36.70 2.46
CA GLN B 279 16.09 -36.80 1.39
C GLN B 279 16.55 -37.27 -0.01
N GLY B 280 17.59 -36.64 -0.52
CA GLY B 280 17.98 -36.76 -1.91
C GLY B 280 18.83 -35.54 -2.17
N ARG B 281 18.16 -34.40 -1.99
CA ARG B 281 18.79 -33.14 -1.74
C ARG B 281 19.48 -33.29 -0.39
N GLN B 282 20.69 -32.77 -0.28
CA GLN B 282 21.38 -32.75 0.99
C GLN B 282 20.88 -31.59 1.87
N PHE B 283 21.34 -31.54 3.11
CA PHE B 283 21.01 -30.44 4.01
C PHE B 283 22.22 -29.99 4.85
N LYS B 284 22.14 -28.83 5.47
CA LYS B 284 23.27 -28.29 6.23
C LYS B 284 22.93 -28.22 7.72
N VAL B 285 23.95 -28.34 8.57
CA VAL B 285 23.77 -28.26 10.01
C VAL B 285 24.35 -26.96 10.57
N VAL B 320 18.50 -26.70 6.85
CA VAL B 320 18.69 -25.70 5.81
C VAL B 320 19.12 -26.32 4.48
N PRO B 321 18.38 -26.01 3.41
CA PRO B 321 18.58 -26.57 2.07
C PRO B 321 20.00 -26.45 1.55
N TYR B 322 20.64 -27.60 1.31
CA TYR B 322 21.96 -27.64 0.71
C TYR B 322 21.89 -27.09 -0.71
N LYS B 323 22.37 -25.86 -0.88
CA LYS B 323 22.36 -25.22 -2.19
C LYS B 323 23.37 -25.88 -3.12
N GLY B 324 24.57 -26.11 -2.61
CA GLY B 324 25.60 -26.81 -3.37
C GLY B 324 26.78 -25.95 -3.73
N PRO B 325 27.51 -26.32 -4.79
CA PRO B 325 28.69 -25.59 -5.30
C PRO B 325 28.40 -24.11 -5.45
N LEU B 326 29.22 -23.28 -4.80
CA LEU B 326 29.03 -21.84 -4.75
C LEU B 326 28.90 -21.20 -6.12
N ALA B 327 29.58 -21.79 -7.10
CA ALA B 327 29.58 -21.26 -8.46
C ALA B 327 28.18 -21.08 -9.02
N ASP B 328 27.39 -22.15 -9.00
CA ASP B 328 26.05 -22.16 -9.59
C ASP B 328 25.14 -21.05 -9.06
N THR B 329 25.42 -20.58 -7.85
CA THR B 329 24.67 -19.46 -7.30
C THR B 329 25.33 -18.14 -7.70
N VAL B 330 26.65 -18.09 -7.58
CA VAL B 330 27.42 -16.92 -7.98
C VAL B 330 27.28 -16.65 -9.47
N HIS B 331 27.41 -17.70 -10.28
CA HIS B 331 27.23 -17.60 -11.72
C HIS B 331 25.84 -17.06 -12.02
N GLN B 332 24.87 -17.48 -11.23
CA GLN B 332 23.50 -16.98 -11.35
C GLN B 332 23.41 -15.52 -10.94
N LEU B 333 24.14 -15.14 -9.89
CA LEU B 333 24.10 -13.79 -9.38
C LEU B 333 24.77 -12.79 -10.32
N VAL B 334 25.72 -13.27 -11.11
CA VAL B 334 26.44 -12.39 -12.04
C VAL B 334 25.97 -12.57 -13.48
N GLY B 335 25.51 -13.76 -13.82
CA GLY B 335 25.02 -14.05 -15.16
C GLY B 335 23.76 -13.28 -15.46
N GLY B 336 23.05 -12.89 -14.42
CA GLY B 336 21.86 -12.07 -14.55
C GLY B 336 22.19 -10.60 -14.36
N LEU B 337 23.28 -10.33 -13.66
CA LEU B 337 23.74 -8.96 -13.45
C LEU B 337 24.21 -8.35 -14.76
N ARG B 338 24.81 -9.18 -15.60
CA ARG B 338 25.26 -8.75 -16.92
C ARG B 338 24.08 -8.31 -17.77
N ALA B 339 22.93 -8.96 -17.57
CA ALA B 339 21.71 -8.62 -18.30
C ALA B 339 21.22 -7.23 -17.90
N GLY B 340 21.20 -6.96 -16.61
CA GLY B 340 20.75 -5.68 -16.10
C GLY B 340 21.60 -4.54 -16.61
N MET B 341 22.92 -4.73 -16.61
CA MET B 341 23.84 -3.72 -17.12
C MET B 341 23.73 -3.63 -18.63
N GLY B 342 23.52 -4.78 -19.27
CA GLY B 342 23.32 -4.81 -20.71
C GLY B 342 22.05 -4.08 -21.11
N TYR B 343 21.03 -4.18 -20.25
CA TYR B 343 19.79 -3.44 -20.45
C TYR B 343 20.03 -1.95 -20.30
N CYS B 344 20.89 -1.58 -19.35
CA CYS B 344 21.15 -0.18 -19.06
C CYS B 344 22.33 0.35 -19.87
N GLY B 345 22.98 -0.53 -20.62
CA GLY B 345 24.07 -0.13 -21.49
C GLY B 345 25.35 0.27 -20.77
N ALA B 346 25.73 -0.53 -19.77
CA ALA B 346 26.96 -0.28 -19.04
C ALA B 346 27.95 -1.42 -19.25
N GLN B 347 29.18 -1.08 -19.63
CA GLN B 347 30.22 -2.09 -19.87
C GLN B 347 30.97 -2.40 -18.58
N ASP B 348 30.94 -1.47 -17.63
CA ASP B 348 31.53 -1.70 -16.32
C ASP B 348 30.71 -1.02 -15.25
N LEU B 349 31.03 -1.30 -13.98
CA LEU B 349 30.29 -0.74 -12.86
C LEU B 349 30.35 0.79 -12.84
N GLU B 350 31.34 1.35 -13.52
CA GLU B 350 31.51 2.80 -13.61
C GLU B 350 30.30 3.48 -14.25
N PHE B 351 30.02 3.11 -15.50
CA PHE B 351 28.93 3.70 -16.27
C PHE B 351 27.59 3.55 -15.56
N LEU B 352 27.47 2.47 -14.81
CA LEU B 352 26.22 2.10 -14.14
C LEU B 352 25.68 3.19 -13.21
N ARG B 353 26.57 3.82 -12.45
CA ARG B 353 26.13 4.81 -11.46
C ARG B 353 25.99 6.22 -12.02
N GLU B 354 26.92 6.62 -12.89
CA GLU B 354 26.90 7.96 -13.48
C GLU B 354 25.56 8.23 -14.16
N ASN B 355 25.09 7.25 -14.91
CA ASN B 355 23.87 7.40 -15.69
C ASN B 355 22.71 6.54 -15.19
N ALA B 356 22.73 6.22 -13.89
CA ALA B 356 21.69 5.39 -13.30
C ALA B 356 20.34 6.13 -13.26
N GLN B 357 19.32 5.52 -13.85
CA GLN B 357 17.98 6.08 -13.80
C GLN B 357 16.99 5.09 -13.22
N PHE B 358 16.16 5.55 -12.29
CA PHE B 358 15.21 4.69 -11.60
C PHE B 358 13.78 5.09 -11.92
N ILE B 359 12.83 4.22 -11.57
CA ILE B 359 11.41 4.53 -11.68
C ILE B 359 10.67 4.01 -10.44
N ARG B 360 9.90 4.90 -9.79
CA ARG B 360 9.23 4.53 -8.55
C ARG B 360 8.08 3.55 -8.78
N MET B 361 8.00 2.54 -7.91
CA MET B 361 6.90 1.58 -7.95
C MET B 361 5.66 2.17 -7.31
N SER B 362 4.61 2.33 -8.11
CA SER B 362 3.35 2.88 -7.62
C SER B 362 2.61 1.89 -6.74
N GLY B 363 1.42 2.29 -6.30
CA GLY B 363 0.62 1.49 -5.37
C GLY B 363 0.37 0.06 -5.82
N ALA B 364 -0.33 -0.10 -6.93
CA ALA B 364 -0.65 -1.43 -7.45
C ALA B 364 0.57 -2.11 -8.04
N GLY B 365 1.65 -1.34 -8.22
CA GLY B 365 2.90 -1.88 -8.70
C GLY B 365 3.62 -2.66 -7.62
N LEU B 366 3.40 -2.24 -6.37
CA LEU B 366 3.97 -2.94 -5.22
C LEU B 366 3.40 -4.35 -5.13
N LEU B 367 2.11 -4.46 -5.46
CA LEU B 367 1.43 -5.74 -5.42
C LEU B 367 1.57 -6.48 -6.75
N ALA C 3 22.52 16.48 -13.23
CA ALA C 3 23.32 15.28 -13.41
C ALA C 3 22.43 14.05 -13.62
N MET C 4 23.02 12.98 -14.13
CA MET C 4 22.29 11.73 -14.35
C MET C 4 22.46 10.84 -13.12
N TRP C 5 22.85 11.45 -12.02
CA TRP C 5 23.04 10.77 -10.74
C TRP C 5 22.31 11.58 -9.66
N GLU C 6 21.77 12.73 -10.08
CA GLU C 6 20.97 13.57 -9.20
C GLU C 6 19.47 13.51 -9.49
N SER C 7 19.08 13.73 -10.73
CA SER C 7 17.67 13.73 -11.10
C SER C 7 17.16 12.35 -11.50
N LYS C 8 17.07 11.42 -10.54
CA LYS C 8 16.56 10.08 -10.84
C LYS C 8 15.42 9.57 -9.96
N PHE C 9 15.59 9.70 -8.64
CA PHE C 9 14.75 9.00 -7.67
C PHE C 9 13.26 9.35 -7.71
N VAL C 10 12.95 10.64 -7.83
CA VAL C 10 11.57 11.11 -7.69
C VAL C 10 10.64 10.60 -8.78
N LYS C 11 11.20 10.14 -9.90
CA LYS C 11 10.42 9.70 -11.05
C LYS C 11 9.43 8.59 -10.70
N GLU C 12 8.15 8.83 -10.99
CA GLU C 12 7.08 7.91 -10.61
C GLU C 12 6.58 7.08 -11.78
N GLY C 13 6.25 5.82 -11.51
CA GLY C 13 5.69 4.94 -12.52
C GLY C 13 4.22 4.66 -12.25
N LEU C 14 3.55 4.05 -13.22
CA LEU C 14 2.11 3.76 -13.08
C LEU C 14 1.69 2.54 -13.90
N THR C 15 0.87 1.69 -13.30
CA THR C 15 0.31 0.54 -14.01
C THR C 15 -1.15 0.77 -14.34
N PHE C 16 -1.74 -0.14 -15.10
CA PHE C 16 -3.14 -0.03 -15.48
C PHE C 16 -4.06 -0.03 -14.27
N ASP C 17 -3.77 -0.91 -13.31
CA ASP C 17 -4.60 -1.07 -12.12
C ASP C 17 -4.56 0.14 -11.20
N ASP C 18 -3.57 1.00 -11.38
CA ASP C 18 -3.36 2.14 -10.51
C ASP C 18 -4.19 3.36 -10.88
N VAL C 19 -4.86 3.30 -12.03
CA VAL C 19 -5.65 4.44 -12.50
C VAL C 19 -7.06 4.03 -12.93
N LEU C 20 -7.94 5.02 -13.03
CA LEU C 20 -9.28 4.82 -13.55
C LEU C 20 -9.63 5.93 -14.52
N LEU C 21 -10.39 5.59 -15.56
CA LEU C 21 -10.79 6.58 -16.56
C LEU C 21 -12.01 7.37 -16.10
N VAL C 22 -11.88 8.69 -16.13
CA VAL C 22 -12.95 9.58 -15.69
C VAL C 22 -14.07 9.66 -16.73
N PRO C 23 -15.29 9.27 -16.33
CA PRO C 23 -16.47 9.26 -17.21
C PRO C 23 -16.78 10.63 -17.77
N ALA C 24 -17.32 10.68 -18.98
CA ALA C 24 -17.65 11.95 -19.63
C ALA C 24 -19.12 11.98 -20.05
N LYS C 25 -19.62 13.18 -20.34
CA LYS C 25 -20.96 13.35 -20.87
C LYS C 25 -21.10 12.58 -22.17
N SER C 26 -21.74 11.41 -22.10
CA SER C 26 -21.79 10.51 -23.23
C SER C 26 -23.08 10.63 -24.04
N ASP C 27 -22.94 11.02 -25.30
CA ASP C 27 -24.02 10.97 -26.26
C ASP C 27 -23.73 9.81 -27.19
N VAL C 28 -22.73 9.02 -26.80
CA VAL C 28 -22.26 7.90 -27.61
C VAL C 28 -22.63 6.56 -26.98
N LEU C 29 -22.97 5.59 -27.82
CA LEU C 29 -23.36 4.27 -27.36
C LEU C 29 -22.44 3.19 -27.96
N PRO C 30 -22.18 2.12 -27.19
CA PRO C 30 -21.36 0.97 -27.60
C PRO C 30 -21.70 0.43 -29.00
N ARG C 31 -22.97 0.52 -29.40
CA ARG C 31 -23.36 0.15 -30.74
C ARG C 31 -22.69 1.07 -31.75
N GLU C 32 -22.66 2.35 -31.41
CA GLU C 32 -22.16 3.38 -32.33
C GLU C 32 -20.65 3.46 -32.35
N VAL C 33 -20.01 3.14 -31.22
CA VAL C 33 -18.57 3.32 -31.09
C VAL C 33 -17.77 2.54 -32.13
N SER C 34 -16.62 3.09 -32.51
CA SER C 34 -15.74 2.43 -33.47
C SER C 34 -14.50 1.92 -32.76
N VAL C 35 -14.24 0.63 -32.92
CA VAL C 35 -13.07 0.00 -32.31
C VAL C 35 -12.02 -0.33 -33.37
N LYS C 36 -12.06 0.39 -34.48
CA LYS C 36 -11.14 0.16 -35.58
C LYS C 36 -9.92 1.06 -35.47
N THR C 37 -8.75 0.52 -35.81
CA THR C 37 -7.52 1.31 -35.87
C THR C 37 -6.72 1.01 -37.12
N VAL C 38 -6.16 2.07 -37.72
CA VAL C 38 -5.35 1.92 -38.92
C VAL C 38 -3.87 1.92 -38.58
N LEU C 39 -3.20 0.81 -38.89
CA LEU C 39 -1.78 0.67 -38.63
C LEU C 39 -0.99 0.94 -39.89
N SER C 40 -1.64 0.68 -41.03
CA SER C 40 -1.06 0.92 -42.34
C SER C 40 -2.18 0.79 -43.37
N GLU C 41 -1.88 1.11 -44.62
CA GLU C 41 -2.82 0.85 -45.71
C GLU C 41 -3.00 -0.65 -45.81
N SER C 42 -1.89 -1.38 -45.78
CA SER C 42 -1.93 -2.83 -45.79
C SER C 42 -2.51 -3.34 -44.48
N LEU C 43 -2.06 -2.75 -43.39
CA LEU C 43 -2.50 -3.17 -42.06
C LEU C 43 -3.67 -2.34 -41.56
N GLN C 44 -4.84 -2.56 -42.13
CA GLN C 44 -6.05 -1.91 -41.65
C GLN C 44 -6.82 -2.87 -40.77
N LEU C 45 -6.73 -2.66 -39.46
CA LEU C 45 -7.44 -3.50 -38.51
C LEU C 45 -8.83 -2.95 -38.25
N ASN C 46 -9.75 -3.84 -37.87
CA ASN C 46 -11.11 -3.43 -37.53
C ASN C 46 -11.35 -3.55 -36.02
N ILE C 47 -10.47 -4.30 -35.35
CA ILE C 47 -10.47 -4.36 -33.90
C ILE C 47 -9.04 -4.14 -33.42
N PRO C 48 -8.88 -3.53 -32.23
CA PRO C 48 -7.52 -3.20 -31.78
C PRO C 48 -6.88 -4.37 -31.05
N LEU C 49 -6.62 -5.44 -31.78
CA LEU C 49 -6.04 -6.63 -31.18
C LEU C 49 -5.14 -7.42 -32.13
N ILE C 50 -4.05 -7.93 -31.58
CA ILE C 50 -3.07 -8.72 -32.32
C ILE C 50 -2.66 -9.88 -31.44
N SER C 51 -2.54 -11.08 -32.02
CA SER C 51 -2.10 -12.23 -31.24
C SER C 51 -0.58 -12.35 -31.33
N ALA C 52 0.06 -12.62 -30.19
CA ALA C 52 1.51 -12.69 -30.12
C ALA C 52 2.07 -13.79 -31.02
N GLY C 53 3.35 -13.66 -31.35
CA GLY C 53 4.03 -14.66 -32.16
C GLY C 53 4.63 -15.77 -31.31
N MET C 54 3.80 -16.35 -30.46
CA MET C 54 4.26 -17.42 -29.58
C MET C 54 3.86 -18.79 -30.14
N ASP C 55 4.69 -19.80 -29.89
CA ASP C 55 4.43 -21.14 -30.40
C ASP C 55 3.33 -21.85 -29.63
N THR C 56 2.94 -21.26 -28.50
CA THR C 56 1.84 -21.78 -27.70
C THR C 56 0.61 -20.89 -27.85
N VAL C 57 0.67 -19.96 -28.80
CA VAL C 57 -0.42 -19.01 -29.00
C VAL C 57 -0.95 -18.97 -30.43
N THR C 58 -0.06 -18.75 -31.40
CA THR C 58 -0.51 -18.53 -32.77
C THR C 58 0.15 -19.38 -33.85
N GLU C 59 -0.62 -20.31 -34.40
CA GLU C 59 -0.25 -20.99 -35.63
C GLU C 59 -1.17 -20.50 -36.74
N ALA C 60 -1.28 -21.28 -37.81
CA ALA C 60 -2.18 -20.92 -38.91
C ALA C 60 -3.63 -21.11 -38.49
N ASP C 61 -3.85 -22.06 -37.58
CA ASP C 61 -5.18 -22.32 -37.06
C ASP C 61 -5.67 -21.11 -36.26
N MET C 62 -4.74 -20.45 -35.60
CA MET C 62 -5.06 -19.29 -34.76
C MET C 62 -5.09 -17.99 -35.56
N ALA C 63 -4.14 -17.83 -36.47
CA ALA C 63 -3.97 -16.59 -37.23
C ALA C 63 -5.20 -16.26 -38.08
N ILE C 64 -5.84 -17.28 -38.63
CA ILE C 64 -7.03 -17.09 -39.46
C ILE C 64 -8.18 -16.54 -38.63
N ALA C 65 -8.36 -17.10 -37.43
CA ALA C 65 -9.45 -16.73 -36.54
C ALA C 65 -9.43 -15.24 -36.18
N MET C 66 -8.22 -14.72 -35.94
CA MET C 66 -8.07 -13.31 -35.60
C MET C 66 -8.52 -12.39 -36.72
N ALA C 67 -8.04 -12.67 -37.93
CA ALA C 67 -8.34 -11.83 -39.08
C ALA C 67 -9.79 -11.97 -39.56
N ARG C 68 -10.38 -13.13 -39.32
CA ARG C 68 -11.80 -13.34 -39.63
C ARG C 68 -12.65 -12.36 -38.85
N GLN C 69 -12.24 -12.10 -37.61
CA GLN C 69 -12.94 -11.14 -36.76
C GLN C 69 -12.61 -9.72 -37.18
N GLY C 70 -11.35 -9.49 -37.51
CA GLY C 70 -10.88 -8.16 -37.89
C GLY C 70 -9.55 -7.83 -37.26
N GLY C 71 -9.03 -8.77 -36.47
CA GLY C 71 -7.77 -8.59 -35.78
C GLY C 71 -6.58 -9.06 -36.60
N LEU C 72 -5.53 -9.49 -35.91
CA LEU C 72 -4.31 -9.89 -36.59
C LEU C 72 -3.61 -11.07 -35.91
N GLY C 73 -3.11 -12.01 -36.72
CA GLY C 73 -2.37 -13.14 -36.23
C GLY C 73 -0.88 -13.04 -36.55
N ILE C 74 -0.03 -13.25 -35.55
CA ILE C 74 1.41 -13.29 -35.78
C ILE C 74 1.93 -14.73 -35.62
N ILE C 75 2.32 -15.34 -36.73
CA ILE C 75 2.84 -16.70 -36.72
C ILE C 75 4.14 -16.77 -35.92
N HIS C 76 4.37 -17.88 -35.22
CA HIS C 76 5.57 -18.02 -34.39
C HIS C 76 6.82 -18.33 -35.22
N LYS C 77 7.98 -17.94 -34.68
CA LYS C 77 9.24 -18.16 -35.36
C LYS C 77 9.88 -19.48 -34.92
N ASN C 78 9.27 -20.12 -33.91
CA ASN C 78 9.81 -21.38 -33.40
C ASN C 78 9.38 -22.58 -34.23
N MET C 79 9.65 -22.50 -35.53
CA MET C 79 9.39 -23.60 -36.46
C MET C 79 10.22 -23.35 -37.71
N SER C 80 10.46 -24.41 -38.48
CA SER C 80 11.26 -24.30 -39.70
C SER C 80 10.60 -23.35 -40.70
N ILE C 81 11.42 -22.62 -41.45
CA ILE C 81 10.96 -21.62 -42.40
C ILE C 81 9.97 -22.20 -43.40
N GLU C 82 10.26 -23.41 -43.88
CA GLU C 82 9.37 -24.14 -44.78
C GLU C 82 7.97 -24.22 -44.21
N GLN C 83 7.87 -24.69 -42.97
CA GLN C 83 6.61 -24.77 -42.28
C GLN C 83 6.10 -23.37 -41.96
N GLN C 84 7.02 -22.46 -41.65
CA GLN C 84 6.66 -21.10 -41.31
C GLN C 84 6.12 -20.32 -42.51
N ALA C 85 6.80 -20.44 -43.64
CA ALA C 85 6.38 -19.76 -44.86
C ALA C 85 5.04 -20.30 -45.35
N GLU C 86 4.80 -21.58 -45.09
CA GLU C 86 3.55 -22.21 -45.49
C GLU C 86 2.39 -21.71 -44.64
N GLN C 87 2.61 -21.61 -43.33
CA GLN C 87 1.59 -21.15 -42.40
C GLN C 87 1.03 -19.79 -42.81
N VAL C 88 1.92 -18.86 -43.15
CA VAL C 88 1.51 -17.54 -43.59
C VAL C 88 0.61 -17.61 -44.81
N ASP C 89 1.04 -18.35 -45.83
CA ASP C 89 0.27 -18.44 -47.07
C ASP C 89 -0.95 -19.33 -46.91
N LYS C 90 -0.89 -20.28 -45.98
CA LYS C 90 -2.04 -21.12 -45.66
C LYS C 90 -3.13 -20.27 -45.04
N VAL C 91 -2.72 -19.30 -44.24
CA VAL C 91 -3.63 -18.31 -43.68
C VAL C 91 -4.09 -17.40 -44.82
N LYS C 92 -3.24 -17.26 -45.84
CA LYS C 92 -3.53 -16.42 -46.99
C LYS C 92 -4.33 -17.13 -48.07
N ARG C 93 -4.47 -18.44 -47.95
CA ARG C 93 -5.12 -19.22 -49.01
C ARG C 93 -6.42 -19.89 -48.58
N SER C 94 -6.82 -19.71 -47.33
CA SER C 94 -8.03 -20.33 -46.80
C SER C 94 -9.22 -20.09 -47.71
N GLU C 95 -9.53 -18.81 -47.92
CA GLU C 95 -10.51 -18.38 -48.90
C GLU C 95 -10.14 -16.94 -49.22
N SER C 96 -8.98 -16.55 -48.73
CA SER C 96 -8.50 -15.18 -48.81
C SER C 96 -8.01 -14.83 -50.20
N GLY C 97 -8.29 -13.59 -50.61
CA GLY C 97 -7.82 -13.10 -51.90
C GLY C 97 -8.83 -13.26 -53.02
N GLY C 98 -10.01 -13.77 -52.67
CA GLY C 98 -11.07 -13.98 -53.64
C GLY C 98 -12.43 -13.79 -53.01
N ILE C 99 -13.37 -13.26 -53.77
CA ILE C 99 -14.73 -13.05 -53.30
C ILE C 99 -15.58 -14.25 -53.68
N LYS C 100 -15.03 -15.07 -54.57
CA LYS C 100 -15.65 -16.31 -55.04
C LYS C 100 -16.34 -17.08 -53.94
N ASP C 101 -15.66 -17.21 -52.80
CA ASP C 101 -16.25 -17.84 -51.64
C ASP C 101 -17.05 -16.84 -50.84
N ILE C 102 -18.22 -16.46 -51.35
CA ILE C 102 -19.13 -15.59 -50.63
C ILE C 102 -19.52 -16.22 -49.31
N GLU C 103 -19.52 -17.56 -49.30
CA GLU C 103 -19.78 -18.34 -48.10
C GLU C 103 -18.95 -17.88 -46.91
N LYS C 104 -17.67 -17.57 -47.15
CA LYS C 104 -16.81 -17.07 -46.10
C LYS C 104 -17.06 -15.58 -45.87
N VAL C 105 -17.57 -14.91 -46.90
CA VAL C 105 -17.88 -13.48 -46.80
C VAL C 105 -19.25 -13.33 -46.13
N ILE C 106 -20.05 -14.39 -46.18
CA ILE C 106 -21.44 -14.32 -45.75
C ILE C 106 -21.63 -14.18 -44.24
N GLU C 107 -20.66 -14.61 -43.44
CA GLU C 107 -20.82 -14.59 -41.99
C GLU C 107 -19.56 -14.32 -41.18
N PHE C 108 -18.72 -13.42 -41.67
CA PHE C 108 -17.63 -12.87 -40.87
C PHE C 108 -17.57 -11.38 -41.15
N PRO C 109 -18.55 -10.64 -40.61
CA PRO C 109 -18.88 -9.25 -40.96
C PRO C 109 -17.72 -8.27 -40.98
N ASN C 110 -16.87 -8.28 -39.95
CA ASN C 110 -15.82 -7.27 -39.83
C ASN C 110 -14.43 -7.75 -40.21
N SER C 111 -14.32 -8.52 -41.28
CA SER C 111 -13.02 -9.01 -41.74
C SER C 111 -12.08 -7.87 -42.14
N ALA C 112 -10.82 -8.01 -41.73
CA ALA C 112 -9.78 -7.03 -42.03
C ALA C 112 -8.91 -7.59 -43.15
N LYS C 113 -8.73 -6.79 -44.20
CA LYS C 113 -8.10 -7.28 -45.42
C LYS C 113 -7.09 -6.36 -46.09
N ASP C 114 -6.28 -6.95 -46.94
CA ASP C 114 -5.29 -6.26 -47.76
C ASP C 114 -5.84 -5.78 -49.11
N LYS C 115 -4.92 -5.41 -49.99
CA LYS C 115 -5.24 -4.97 -51.36
C LYS C 115 -5.94 -6.02 -52.21
N GLN C 116 -5.55 -7.28 -52.09
CA GLN C 116 -6.15 -8.35 -52.86
C GLN C 116 -7.44 -8.88 -52.22
N GLY C 117 -7.82 -8.28 -51.09
CA GLY C 117 -8.97 -8.77 -50.35
C GLY C 117 -8.59 -9.95 -49.47
N ARG C 118 -7.29 -10.22 -49.41
CA ARG C 118 -6.75 -11.27 -48.56
C ARG C 118 -6.74 -10.79 -47.12
N LEU C 119 -7.10 -11.65 -46.18
CA LEU C 119 -7.03 -11.27 -44.77
C LEU C 119 -5.58 -11.11 -44.32
N LEU C 120 -5.38 -10.35 -43.25
CA LEU C 120 -4.03 -10.00 -42.82
C LEU C 120 -3.41 -11.02 -41.88
N VAL C 121 -2.15 -11.36 -42.14
CA VAL C 121 -1.38 -12.22 -41.25
C VAL C 121 0.04 -11.69 -41.09
N GLY C 122 0.60 -11.86 -39.90
CA GLY C 122 1.97 -11.47 -39.64
C GLY C 122 2.76 -12.67 -39.20
N ALA C 123 4.09 -12.53 -39.17
CA ALA C 123 4.95 -13.62 -38.75
C ALA C 123 6.16 -13.11 -38.00
N ALA C 124 6.55 -13.82 -36.94
CA ALA C 124 7.70 -13.43 -36.14
C ALA C 124 9.00 -13.88 -36.81
N VAL C 125 9.99 -13.01 -36.80
CA VAL C 125 11.30 -13.33 -37.36
C VAL C 125 12.41 -13.06 -36.34
N GLY C 126 13.19 -14.08 -36.05
CA GLY C 126 14.27 -13.97 -35.09
C GLY C 126 15.50 -13.28 -35.65
N VAL C 127 16.40 -12.89 -34.76
CA VAL C 127 17.64 -12.24 -35.16
C VAL C 127 18.75 -13.27 -35.32
N THR C 128 18.38 -14.53 -35.21
CA THR C 128 19.33 -15.62 -35.32
C THR C 128 19.90 -15.47 -36.72
N ALA C 129 21.12 -15.91 -36.93
CA ALA C 129 22.03 -15.32 -37.89
C ALA C 129 21.48 -15.30 -39.30
N ASP C 130 20.79 -16.36 -39.70
CA ASP C 130 20.14 -16.40 -41.00
C ASP C 130 18.73 -15.79 -40.99
N ALA C 131 18.61 -14.53 -40.57
CA ALA C 131 17.31 -13.85 -40.53
C ALA C 131 16.63 -13.48 -41.86
N MET C 132 17.38 -12.86 -42.77
CA MET C 132 16.79 -12.38 -44.02
C MET C 132 16.17 -13.49 -44.86
N THR C 133 16.79 -14.67 -44.85
CA THR C 133 16.28 -15.81 -45.60
C THR C 133 14.91 -16.24 -45.06
N ARG C 134 14.69 -16.01 -43.78
CA ARG C 134 13.43 -16.34 -43.13
C ARG C 134 12.36 -15.33 -43.51
N ILE C 135 12.79 -14.17 -44.00
CA ILE C 135 11.87 -13.10 -44.37
C ILE C 135 11.54 -13.13 -45.85
N ASP C 136 12.50 -13.55 -46.66
CA ASP C 136 12.32 -13.66 -48.11
C ASP C 136 11.22 -14.65 -48.46
N ALA C 137 11.06 -15.67 -47.61
CA ALA C 137 10.04 -16.68 -47.83
C ALA C 137 8.65 -16.15 -47.45
N LEU C 138 8.61 -15.28 -46.45
CA LEU C 138 7.34 -14.77 -45.93
C LEU C 138 6.73 -13.69 -46.83
N VAL C 139 7.57 -12.76 -47.30
CA VAL C 139 7.11 -11.71 -48.19
C VAL C 139 6.60 -12.30 -49.50
N LYS C 140 7.29 -13.34 -49.96
CA LYS C 140 6.88 -14.04 -51.17
C LYS C 140 5.72 -14.98 -50.86
N ALA C 141 5.47 -15.19 -49.57
CA ALA C 141 4.24 -15.85 -49.14
C ALA C 141 3.19 -14.78 -48.92
N SER C 142 3.49 -13.58 -49.42
CA SER C 142 2.56 -12.46 -49.43
C SER C 142 2.16 -11.96 -48.05
N VAL C 143 3.02 -12.18 -47.06
CA VAL C 143 2.77 -11.71 -45.70
C VAL C 143 2.61 -10.19 -45.72
N ASP C 144 1.86 -9.66 -44.76
CA ASP C 144 1.61 -8.23 -44.71
C ASP C 144 2.50 -7.55 -43.68
N ALA C 145 3.02 -8.32 -42.73
CA ALA C 145 3.87 -7.75 -41.69
C ALA C 145 4.80 -8.78 -41.05
N ILE C 146 5.91 -8.31 -40.50
CA ILE C 146 6.83 -9.15 -39.74
C ILE C 146 7.28 -8.44 -38.47
N VAL C 147 7.50 -9.20 -37.41
CA VAL C 147 7.91 -8.63 -36.13
C VAL C 147 9.33 -9.07 -35.77
N LEU C 148 10.27 -8.13 -35.87
CA LEU C 148 11.65 -8.39 -35.50
C LEU C 148 11.79 -8.12 -34.01
N ASP C 149 11.53 -9.13 -33.19
CA ASP C 149 11.50 -8.96 -31.75
C ASP C 149 12.36 -9.99 -31.04
N THR C 150 13.05 -9.54 -30.00
CA THR C 150 13.83 -10.44 -29.14
C THR C 150 13.64 -10.02 -27.69
N ALA C 151 14.20 -10.81 -26.78
CA ALA C 151 14.29 -10.41 -25.38
C ALA C 151 15.22 -9.20 -25.32
N HIS C 152 16.09 -9.12 -26.32
CA HIS C 152 16.93 -7.95 -26.55
C HIS C 152 16.18 -7.01 -27.50
N GLY C 153 14.94 -6.71 -27.15
CA GLY C 153 14.04 -5.98 -28.03
C GLY C 153 14.46 -4.58 -28.44
N HIS C 154 15.54 -4.08 -27.85
CA HIS C 154 16.08 -2.79 -28.25
C HIS C 154 17.61 -2.85 -28.33
N SER C 155 18.15 -4.06 -28.47
CA SER C 155 19.58 -4.24 -28.67
C SER C 155 19.97 -3.67 -30.02
N GLN C 156 21.19 -3.15 -30.11
CA GLN C 156 21.70 -2.60 -31.36
C GLN C 156 21.51 -3.59 -32.51
N GLY C 157 21.73 -4.86 -32.22
CA GLY C 157 21.52 -5.92 -33.19
C GLY C 157 20.08 -6.04 -33.65
N VAL C 158 19.14 -5.71 -32.77
CA VAL C 158 17.73 -5.78 -33.12
C VAL C 158 17.28 -4.49 -33.79
N ILE C 159 18.07 -3.44 -33.62
CA ILE C 159 17.82 -2.20 -34.33
C ILE C 159 18.65 -2.25 -35.61
N ASP C 160 19.59 -3.19 -35.65
CA ASP C 160 20.37 -3.47 -36.85
C ASP C 160 19.52 -4.12 -37.92
N LYS C 161 18.99 -5.30 -37.63
CA LYS C 161 18.22 -6.05 -38.63
C LYS C 161 16.88 -5.41 -38.97
N VAL C 162 16.62 -4.24 -38.40
CA VAL C 162 15.50 -3.41 -38.83
C VAL C 162 15.96 -2.53 -39.97
N LYS C 163 17.13 -1.92 -39.80
CA LYS C 163 17.70 -1.04 -40.82
C LYS C 163 18.20 -1.84 -42.02
N GLU C 164 18.51 -3.12 -41.79
CA GLU C 164 19.00 -3.99 -42.85
C GLU C 164 17.86 -4.52 -43.71
N VAL C 165 16.63 -4.25 -43.30
CA VAL C 165 15.44 -4.73 -44.01
C VAL C 165 14.72 -3.62 -44.77
N ARG C 166 14.57 -2.47 -44.13
CA ARG C 166 13.87 -1.35 -44.74
C ARG C 166 14.49 -0.89 -46.06
N ALA C 167 15.82 -0.82 -46.08
CA ALA C 167 16.54 -0.46 -47.30
C ALA C 167 16.35 -1.54 -48.36
N LYS C 168 16.31 -2.79 -47.91
CA LYS C 168 16.01 -3.92 -48.77
C LYS C 168 14.58 -4.02 -49.30
N TYR C 169 13.57 -3.81 -48.44
CA TYR C 169 12.20 -4.07 -48.86
C TYR C 169 11.32 -2.83 -48.89
N PRO C 170 10.75 -2.56 -50.14
CA PRO C 170 9.87 -1.39 -50.14
C PRO C 170 8.57 -1.57 -49.38
N SER C 171 7.92 -2.71 -49.58
CA SER C 171 6.52 -2.89 -49.23
C SER C 171 6.26 -3.55 -47.88
N LEU C 172 7.31 -3.84 -47.13
CA LEU C 172 7.15 -4.59 -45.91
C LEU C 172 6.99 -3.70 -44.71
N ASN C 173 5.92 -3.93 -43.95
CA ASN C 173 5.69 -3.20 -42.72
C ASN C 173 6.48 -3.82 -41.57
N ILE C 174 7.50 -3.12 -41.10
CA ILE C 174 8.31 -3.63 -40.00
C ILE C 174 7.71 -3.19 -38.67
N ILE C 175 7.29 -4.16 -37.86
CA ILE C 175 6.82 -3.90 -36.51
C ILE C 175 7.94 -4.15 -35.53
N ALA C 176 8.40 -3.11 -34.83
CA ALA C 176 9.54 -3.27 -33.92
C ALA C 176 9.21 -3.21 -32.43
N GLY C 177 10.01 -3.90 -31.65
CA GLY C 177 9.85 -3.95 -30.21
C GLY C 177 10.85 -4.89 -29.57
N ASN C 178 10.90 -4.89 -28.23
CA ASN C 178 10.06 -4.03 -27.43
C ASN C 178 10.82 -2.84 -26.85
N VAL C 179 10.10 -1.76 -26.57
CA VAL C 179 10.69 -0.58 -25.96
C VAL C 179 10.01 -0.28 -24.63
N ALA C 180 10.57 0.70 -23.90
CA ALA C 180 10.02 1.09 -22.62
C ALA C 180 10.02 2.61 -22.48
N THR C 181 10.82 3.27 -23.31
CA THR C 181 10.94 4.73 -23.25
C THR C 181 10.61 5.39 -24.59
N ALA C 182 10.36 6.71 -24.55
CA ALA C 182 10.04 7.47 -25.74
C ALA C 182 11.25 7.66 -26.64
N GLU C 183 12.42 7.77 -26.04
CA GLU C 183 13.67 7.90 -26.80
C GLU C 183 13.99 6.60 -27.54
N ALA C 184 13.54 5.48 -26.99
CA ALA C 184 13.75 4.18 -27.62
C ALA C 184 12.73 3.94 -28.71
N THR C 185 11.64 4.70 -28.68
CA THR C 185 10.61 4.62 -29.72
C THR C 185 11.14 5.25 -31.00
N LYS C 186 11.70 6.45 -30.85
CA LYS C 186 12.29 7.18 -31.97
C LYS C 186 13.37 6.35 -32.66
N ALA C 187 14.19 5.68 -31.86
CA ALA C 187 15.29 4.86 -32.37
C ALA C 187 14.80 3.80 -33.35
N LEU C 188 13.69 3.16 -33.01
CA LEU C 188 13.08 2.16 -33.90
C LEU C 188 12.48 2.84 -35.12
N ILE C 189 11.71 3.90 -34.89
CA ILE C 189 11.04 4.62 -35.97
C ILE C 189 12.01 5.18 -37.01
N GLU C 190 13.06 5.84 -36.56
CA GLU C 190 14.07 6.37 -37.46
C GLU C 190 14.79 5.25 -38.19
N ALA C 191 14.93 4.12 -37.49
CA ALA C 191 15.53 2.93 -38.05
C ALA C 191 14.77 2.37 -39.24
N GLY C 192 13.45 2.49 -39.25
CA GLY C 192 12.63 1.92 -40.30
C GLY C 192 11.52 1.05 -39.75
N ALA C 193 10.94 1.53 -38.65
CA ALA C 193 9.81 0.89 -37.98
C ALA C 193 8.55 1.73 -38.14
N ASN C 194 7.54 1.18 -38.80
CA ASN C 194 6.27 1.88 -38.93
C ASN C 194 5.26 1.47 -37.88
N VAL C 195 5.60 0.44 -37.10
CA VAL C 195 4.79 0.06 -35.94
C VAL C 195 5.72 -0.29 -34.76
N VAL C 196 5.53 0.38 -33.64
CA VAL C 196 6.39 0.19 -32.47
C VAL C 196 5.68 -0.57 -31.35
N LYS C 197 6.35 -1.56 -30.79
CA LYS C 197 5.76 -2.42 -29.77
C LYS C 197 6.35 -2.12 -28.38
N VAL C 198 5.47 -1.83 -27.43
CA VAL C 198 5.91 -1.56 -26.06
C VAL C 198 5.65 -2.75 -25.15
N GLY C 199 6.72 -3.41 -24.73
CA GLY C 199 6.58 -4.58 -23.89
C GLY C 199 7.87 -5.00 -23.20
N ILE C 200 8.45 -4.11 -22.39
CA ILE C 200 9.58 -4.46 -21.55
C ILE C 200 9.09 -4.63 -20.11
N GLY C 201 9.23 -5.84 -19.59
CA GLY C 201 8.56 -6.23 -18.36
C GLY C 201 7.06 -5.96 -18.42
N PRO C 202 6.44 -6.27 -19.54
CA PRO C 202 5.01 -6.01 -19.72
C PRO C 202 4.14 -6.85 -18.80
N GLY C 203 4.46 -8.13 -18.76
CA GLY C 203 3.79 -9.08 -17.90
C GLY C 203 4.84 -10.03 -17.38
N SER C 204 4.63 -11.31 -17.64
CA SER C 204 5.63 -12.33 -17.35
C SER C 204 6.36 -12.79 -18.61
N ILE C 205 6.13 -12.12 -19.73
CA ILE C 205 6.79 -12.49 -20.98
C ILE C 205 8.30 -12.32 -20.90
N CYS C 206 8.73 -11.21 -20.32
CA CYS C 206 10.15 -10.97 -20.06
C CYS C 206 10.34 -10.48 -18.64
N THR C 207 10.11 -11.37 -17.68
CA THR C 207 10.26 -11.06 -16.27
C THR C 207 11.72 -10.87 -15.89
N THR C 208 12.29 -9.75 -16.35
CA THR C 208 13.66 -9.41 -16.01
C THR C 208 13.71 -8.55 -14.76
N ARG C 209 12.53 -8.20 -14.25
CA ARG C 209 12.44 -7.40 -13.04
C ARG C 209 13.04 -8.11 -11.83
N VAL C 210 12.84 -9.41 -11.75
CA VAL C 210 13.32 -10.18 -10.61
C VAL C 210 14.80 -10.56 -10.78
N VAL C 211 15.25 -10.63 -12.02
CA VAL C 211 16.62 -11.03 -12.30
C VAL C 211 17.51 -9.88 -12.76
N ALA C 212 17.12 -9.20 -13.83
CA ALA C 212 17.89 -8.07 -14.34
C ALA C 212 17.48 -6.77 -13.65
N GLY C 213 16.28 -6.77 -13.08
CA GLY C 213 15.79 -5.63 -12.32
C GLY C 213 15.36 -4.46 -13.18
N VAL C 214 15.13 -4.74 -14.47
CA VAL C 214 14.83 -3.69 -15.43
C VAL C 214 13.36 -3.71 -15.82
N GLY C 215 12.87 -2.60 -16.36
CA GLY C 215 11.49 -2.50 -16.81
C GLY C 215 10.83 -1.19 -16.42
N VAL C 216 9.76 -0.87 -17.13
CA VAL C 216 8.98 0.34 -16.84
C VAL C 216 7.51 -0.05 -16.80
N PRO C 217 6.78 0.43 -15.76
CA PRO C 217 5.34 0.19 -15.62
C PRO C 217 4.59 0.46 -16.92
N GLN C 218 3.79 -0.51 -17.35
CA GLN C 218 3.21 -0.54 -18.69
C GLN C 218 2.41 0.69 -19.09
N LEU C 219 1.56 1.17 -18.19
CA LEU C 219 0.72 2.34 -18.47
C LEU C 219 1.56 3.54 -18.89
N THR C 220 2.57 3.85 -18.08
CA THR C 220 3.50 4.93 -18.40
C THR C 220 4.32 4.55 -19.63
N ALA C 221 4.67 3.27 -19.73
CA ALA C 221 5.41 2.76 -20.87
C ALA C 221 4.60 2.91 -22.16
N VAL C 222 3.29 2.71 -22.06
CA VAL C 222 2.40 2.91 -23.20
C VAL C 222 2.23 4.40 -23.47
N TYR C 223 2.09 5.18 -22.41
CA TYR C 223 1.86 6.62 -22.51
C TYR C 223 3.05 7.37 -23.10
N ASP C 224 4.24 7.15 -22.54
CA ASP C 224 5.44 7.86 -22.97
C ASP C 224 5.81 7.57 -24.41
N CYS C 225 5.80 6.30 -24.79
CA CYS C 225 6.17 5.90 -26.14
C CYS C 225 5.18 6.39 -27.18
N ALA C 226 3.91 6.41 -26.82
CA ALA C 226 2.85 6.85 -27.73
C ALA C 226 2.94 8.33 -28.03
N THR C 227 3.45 9.09 -27.05
CA THR C 227 3.57 10.54 -27.20
C THR C 227 4.69 10.89 -28.18
N GLU C 228 5.67 10.00 -28.31
CA GLU C 228 6.78 10.22 -29.22
C GLU C 228 6.47 9.69 -30.62
N ALA C 229 5.77 8.56 -30.69
CA ALA C 229 5.47 7.93 -31.95
C ALA C 229 4.38 8.67 -32.72
N ARG C 230 3.68 9.56 -32.03
CA ARG C 230 2.62 10.34 -32.66
C ARG C 230 3.19 11.51 -33.46
N LYS C 231 4.44 11.85 -33.18
CA LYS C 231 5.13 12.91 -33.90
C LYS C 231 5.48 12.45 -35.32
N HIS C 232 5.32 11.16 -35.55
CA HIS C 232 5.59 10.57 -36.85
C HIS C 232 4.33 9.86 -37.35
N GLY C 233 3.25 9.99 -36.60
CA GLY C 233 1.98 9.38 -36.95
C GLY C 233 1.99 7.87 -36.76
N ILE C 234 3.05 7.37 -36.14
CA ILE C 234 3.25 5.94 -35.98
C ILE C 234 2.48 5.37 -34.79
N PRO C 235 1.72 4.30 -35.00
CA PRO C 235 0.94 3.63 -33.95
C PRO C 235 1.82 2.79 -33.04
N VAL C 236 1.38 2.59 -31.80
CA VAL C 236 2.12 1.73 -30.87
C VAL C 236 1.32 0.49 -30.51
N ILE C 237 2.03 -0.57 -30.15
CA ILE C 237 1.40 -1.83 -29.76
C ILE C 237 1.54 -2.08 -28.27
N ALA C 238 0.42 -2.26 -27.59
CA ALA C 238 0.44 -2.48 -26.14
C ALA C 238 0.62 -3.94 -25.79
N ASP C 239 1.86 -4.35 -25.65
CA ASP C 239 2.18 -5.71 -25.24
C ASP C 239 2.13 -5.81 -23.72
N GLY C 240 1.35 -6.75 -23.21
CA GLY C 240 1.30 -7.04 -21.79
C GLY C 240 0.78 -5.94 -20.89
N GLY C 241 0.65 -6.27 -19.60
CA GLY C 241 0.18 -5.32 -18.61
C GLY C 241 -1.31 -5.45 -18.32
N ILE C 242 -2.04 -5.94 -19.31
CA ILE C 242 -3.50 -6.03 -19.23
C ILE C 242 -4.00 -7.01 -18.17
N LYS C 243 -4.76 -6.50 -17.21
CA LYS C 243 -5.39 -7.33 -16.19
C LYS C 243 -6.66 -7.95 -16.76
N TYR C 244 -7.56 -7.08 -17.22
CA TYR C 244 -8.75 -7.51 -17.95
C TYR C 244 -9.07 -6.51 -19.05
N SER C 245 -10.19 -6.70 -19.74
CA SER C 245 -10.56 -5.83 -20.87
C SER C 245 -10.79 -4.39 -20.44
N GLY C 246 -10.97 -4.17 -19.14
CA GLY C 246 -11.11 -2.84 -18.61
C GLY C 246 -9.79 -2.09 -18.69
N ASP C 247 -8.71 -2.84 -18.80
CA ASP C 247 -7.38 -2.27 -18.94
C ASP C 247 -7.06 -2.00 -20.40
N MET C 248 -7.80 -2.65 -21.30
CA MET C 248 -7.72 -2.35 -22.72
C MET C 248 -8.20 -0.93 -22.93
N VAL C 249 -9.24 -0.56 -22.19
CA VAL C 249 -9.80 0.77 -22.25
C VAL C 249 -8.80 1.81 -21.75
N LYS C 250 -7.99 1.40 -20.78
CA LYS C 250 -6.98 2.28 -20.21
C LYS C 250 -5.75 2.37 -21.10
N ALA C 251 -5.48 1.30 -21.84
CA ALA C 251 -4.31 1.25 -22.71
C ALA C 251 -4.54 2.00 -24.01
N LEU C 252 -5.73 1.87 -24.57
CA LEU C 252 -6.07 2.51 -25.85
C LEU C 252 -6.33 4.00 -25.70
N ALA C 253 -6.38 4.48 -24.46
CA ALA C 253 -6.62 5.89 -24.19
C ALA C 253 -5.32 6.63 -23.90
N ALA C 254 -4.31 5.88 -23.44
CA ALA C 254 -3.00 6.45 -23.14
C ALA C 254 -2.32 6.93 -24.42
N GLY C 255 -2.71 6.36 -25.55
CA GLY C 255 -2.16 6.73 -26.84
C GLY C 255 -1.90 5.56 -27.75
N ALA C 256 -2.51 4.41 -27.43
CA ALA C 256 -2.27 3.19 -28.19
C ALA C 256 -3.34 2.94 -29.25
N HIS C 257 -2.93 2.33 -30.36
CA HIS C 257 -3.84 1.95 -31.43
C HIS C 257 -4.28 0.49 -31.33
N VAL C 258 -3.39 -0.35 -30.82
CA VAL C 258 -3.68 -1.78 -30.72
C VAL C 258 -2.98 -2.41 -29.51
N VAL C 259 -3.70 -3.26 -28.79
CA VAL C 259 -3.09 -4.07 -27.76
C VAL C 259 -2.80 -5.46 -28.33
N MET C 260 -1.66 -6.04 -27.98
CA MET C 260 -1.37 -7.39 -28.41
C MET C 260 -1.38 -8.34 -27.21
N LEU C 261 -1.97 -9.51 -27.40
CA LEU C 261 -2.23 -10.46 -26.34
C LEU C 261 -1.68 -11.86 -26.64
N GLY C 262 -1.31 -12.57 -25.59
CA GLY C 262 -0.89 -13.95 -25.70
C GLY C 262 -1.64 -14.94 -24.83
N SER C 263 -1.72 -14.61 -23.54
CA SER C 263 -2.27 -15.52 -22.54
C SER C 263 -3.71 -15.83 -22.81
N MET C 264 -4.45 -14.82 -23.24
CA MET C 264 -5.88 -14.95 -23.50
C MET C 264 -6.16 -15.90 -24.65
N PHE C 265 -5.11 -16.32 -25.33
CA PHE C 265 -5.23 -17.23 -26.46
C PHE C 265 -4.70 -18.61 -26.11
N ALA C 266 -4.47 -18.84 -24.82
CA ALA C 266 -3.90 -20.10 -24.37
C ALA C 266 -4.95 -21.19 -24.24
N GLY C 267 -6.21 -20.80 -24.17
CA GLY C 267 -7.29 -21.75 -23.97
C GLY C 267 -8.16 -22.01 -25.19
N VAL C 268 -8.11 -21.10 -26.15
CA VAL C 268 -8.91 -21.25 -27.36
C VAL C 268 -8.48 -22.47 -28.18
N ALA C 269 -9.42 -23.06 -28.91
CA ALA C 269 -9.17 -24.27 -29.68
C ALA C 269 -8.23 -24.02 -30.85
N GLU C 270 -8.29 -22.81 -31.40
CA GLU C 270 -7.47 -22.46 -32.56
C GLU C 270 -5.99 -22.35 -32.21
N SER C 271 -5.69 -22.37 -30.92
CA SER C 271 -4.31 -22.34 -30.43
C SER C 271 -3.72 -23.75 -30.45
N PRO C 272 -2.39 -23.85 -30.61
CA PRO C 272 -1.70 -25.13 -30.56
C PRO C 272 -1.89 -25.82 -29.21
N GLY C 273 -2.15 -27.13 -29.24
CA GLY C 273 -2.36 -27.89 -28.03
C GLY C 273 -3.38 -29.00 -28.23
N GLU C 274 -2.94 -30.24 -28.10
CA GLU C 274 -3.80 -31.41 -28.29
C GLU C 274 -4.99 -31.40 -27.34
N THR C 275 -6.19 -31.39 -27.92
CA THR C 275 -7.42 -31.35 -27.14
C THR C 275 -7.61 -32.64 -26.35
N GLU C 276 -8.42 -32.57 -25.30
CA GLU C 276 -8.68 -33.71 -24.44
C GLU C 276 -9.97 -33.46 -23.65
N ILE C 277 -10.92 -34.39 -23.78
CA ILE C 277 -12.24 -34.21 -23.19
C ILE C 277 -12.23 -34.55 -21.69
N ARG C 281 -9.76 -32.73 -16.98
CA ARG C 281 -10.75 -32.93 -18.03
C ARG C 281 -10.29 -32.26 -19.32
N GLN C 282 -10.44 -30.95 -19.41
CA GLN C 282 -10.04 -30.20 -20.59
C GLN C 282 -8.75 -29.43 -20.37
N PHE C 283 -7.75 -29.70 -21.22
CA PHE C 283 -6.47 -28.99 -21.15
C PHE C 283 -5.70 -29.12 -22.47
N LYS C 284 -4.78 -28.19 -22.70
CA LYS C 284 -3.92 -28.22 -23.87
C LYS C 284 -2.51 -28.63 -23.50
N VAL C 285 -1.66 -28.85 -24.50
CA VAL C 285 -0.26 -29.21 -24.26
C VAL C 285 0.66 -28.04 -24.56
N VAL C 320 -3.63 -21.94 -18.78
CA VAL C 320 -5.04 -21.93 -19.16
C VAL C 320 -5.44 -23.27 -19.76
N PRO C 321 -6.43 -23.93 -19.15
CA PRO C 321 -6.93 -25.24 -19.61
C PRO C 321 -7.65 -25.14 -20.95
N TYR C 322 -8.70 -24.33 -21.00
CA TYR C 322 -9.57 -24.23 -22.17
C TYR C 322 -10.41 -22.97 -22.10
N LYS C 323 -10.74 -22.39 -23.25
CA LYS C 323 -11.55 -21.18 -23.29
C LYS C 323 -12.70 -21.28 -24.29
N GLY C 324 -12.48 -22.00 -25.38
CA GLY C 324 -13.52 -22.21 -26.36
C GLY C 324 -13.23 -21.54 -27.70
N PRO C 325 -14.25 -21.43 -28.55
CA PRO C 325 -14.14 -20.76 -29.85
C PRO C 325 -13.63 -19.34 -29.70
N LEU C 326 -12.81 -18.90 -30.64
CA LEU C 326 -12.24 -17.56 -30.59
C LEU C 326 -13.34 -16.50 -30.72
N ALA C 327 -14.38 -16.84 -31.46
CA ALA C 327 -15.52 -15.94 -31.65
C ALA C 327 -16.31 -15.78 -30.36
N ASP C 328 -16.14 -16.70 -29.43
CA ASP C 328 -16.86 -16.67 -28.17
C ASP C 328 -16.10 -15.91 -27.08
N THR C 329 -14.83 -15.62 -27.34
CA THR C 329 -13.99 -14.91 -26.38
C THR C 329 -13.82 -13.44 -26.78
N VAL C 330 -13.74 -13.20 -28.08
CA VAL C 330 -13.50 -11.86 -28.61
C VAL C 330 -14.55 -10.82 -28.19
N HIS C 331 -15.83 -11.17 -28.36
CA HIS C 331 -16.90 -10.22 -28.07
C HIS C 331 -16.91 -9.74 -26.61
N GLN C 332 -16.28 -10.52 -25.74
CA GLN C 332 -16.12 -10.14 -24.35
C GLN C 332 -15.09 -9.01 -24.24
N LEU C 333 -14.04 -9.10 -25.03
CA LEU C 333 -13.01 -8.07 -25.08
C LEU C 333 -13.54 -6.82 -25.77
N VAL C 334 -14.25 -7.02 -26.86
CA VAL C 334 -14.80 -5.91 -27.64
C VAL C 334 -15.94 -5.22 -26.90
N GLY C 335 -16.89 -6.01 -26.41
CA GLY C 335 -18.02 -5.50 -25.67
C GLY C 335 -17.58 -4.67 -24.48
N GLY C 336 -16.59 -5.17 -23.76
CA GLY C 336 -16.04 -4.48 -22.62
C GLY C 336 -15.39 -3.16 -23.00
N LEU C 337 -14.73 -3.16 -24.15
CA LEU C 337 -14.11 -1.94 -24.65
C LEU C 337 -15.16 -0.96 -25.18
N ARG C 338 -16.22 -1.51 -25.76
CA ARG C 338 -17.31 -0.69 -26.30
C ARG C 338 -17.99 0.14 -25.21
N ALA C 339 -18.34 -0.51 -24.11
CA ALA C 339 -18.98 0.17 -22.99
C ALA C 339 -18.00 1.10 -22.29
N GLY C 340 -16.74 0.70 -22.26
CA GLY C 340 -15.69 1.48 -21.64
C GLY C 340 -15.51 2.83 -22.31
N MET C 341 -15.70 2.86 -23.63
CA MET C 341 -15.61 4.10 -24.38
C MET C 341 -17.00 4.71 -24.59
N GLY C 342 -18.03 3.90 -24.35
CA GLY C 342 -19.39 4.40 -24.31
C GLY C 342 -19.59 5.15 -23.01
N TYR C 343 -18.78 4.80 -22.01
CA TYR C 343 -18.76 5.47 -20.72
C TYR C 343 -17.99 6.79 -20.81
N CYS C 344 -17.03 6.84 -21.72
CA CYS C 344 -16.17 8.00 -21.87
C CYS C 344 -16.58 8.90 -23.02
N GLY C 345 -17.61 8.49 -23.75
CA GLY C 345 -18.13 9.27 -24.85
C GLY C 345 -17.25 9.24 -26.08
N ALA C 346 -16.45 8.17 -26.20
CA ALA C 346 -15.57 8.02 -27.35
C ALA C 346 -16.26 7.29 -28.49
N GLN C 347 -16.41 7.97 -29.62
CA GLN C 347 -17.01 7.36 -30.80
C GLN C 347 -15.98 6.45 -31.46
N ASP C 348 -14.75 6.93 -31.57
CA ASP C 348 -13.67 6.11 -32.11
C ASP C 348 -12.51 6.01 -31.13
N LEU C 349 -11.45 5.31 -31.54
CA LEU C 349 -10.27 5.14 -30.70
C LEU C 349 -9.39 6.39 -30.72
N GLU C 350 -9.58 7.24 -31.72
CA GLU C 350 -8.81 8.48 -31.82
C GLU C 350 -9.27 9.52 -30.80
N PHE C 351 -10.58 9.76 -30.74
CA PHE C 351 -11.14 10.69 -29.78
C PHE C 351 -10.90 10.20 -28.36
N LEU C 352 -10.82 8.88 -28.22
CA LEU C 352 -10.58 8.25 -26.93
C LEU C 352 -9.33 8.79 -26.27
N ARG C 353 -8.27 8.95 -27.06
CA ARG C 353 -6.98 9.38 -26.55
C ARG C 353 -6.92 10.89 -26.35
N GLU C 354 -7.50 11.64 -27.28
CA GLU C 354 -7.44 13.10 -27.24
C GLU C 354 -8.22 13.67 -26.06
N ASN C 355 -9.36 13.05 -25.75
CA ASN C 355 -10.18 13.51 -24.64
C ASN C 355 -10.22 12.53 -23.48
N ALA C 356 -9.04 12.06 -23.07
CA ALA C 356 -8.94 11.11 -21.97
C ALA C 356 -8.34 11.75 -20.73
N GLN C 357 -8.99 11.55 -19.59
CA GLN C 357 -8.43 11.94 -18.31
C GLN C 357 -8.47 10.75 -17.36
N PHE C 358 -7.41 10.58 -16.58
CA PHE C 358 -7.33 9.49 -15.63
C PHE C 358 -7.51 10.02 -14.21
N ILE C 359 -7.62 9.10 -13.25
CA ILE C 359 -7.65 9.48 -11.84
C ILE C 359 -6.93 8.41 -11.02
N ARG C 360 -5.97 8.83 -10.20
CA ARG C 360 -5.14 7.90 -9.46
C ARG C 360 -5.82 7.37 -8.19
N MET C 361 -5.61 6.08 -7.93
CA MET C 361 -6.12 5.44 -6.73
C MET C 361 -4.98 5.32 -5.72
N SER C 362 -5.33 5.41 -4.44
CA SER C 362 -4.34 5.25 -3.38
C SER C 362 -3.89 3.80 -3.27
N GLY C 363 -2.69 3.58 -2.77
CA GLY C 363 -2.11 2.26 -2.68
C GLY C 363 -2.68 1.39 -1.57
N ALA C 364 -3.56 1.97 -0.76
CA ALA C 364 -4.11 1.26 0.39
C ALA C 364 -5.14 0.20 -0.01
N GLY C 365 -6.28 0.64 -0.53
CA GLY C 365 -7.37 -0.27 -0.82
C GLY C 365 -7.66 -0.49 -2.29
N LEU C 366 -6.61 -0.63 -3.09
CA LEU C 366 -6.78 -0.83 -4.53
C LEU C 366 -6.94 -2.29 -4.94
N LEU C 367 -6.42 -3.20 -4.13
CA LEU C 367 -6.47 -4.63 -4.44
C LEU C 367 -7.90 -5.15 -4.50
N GLU C 368 -8.72 -4.74 -3.53
CA GLU C 368 -10.10 -5.17 -3.46
C GLU C 368 -10.95 -4.54 -4.55
N LYS D 8 -2.07 13.60 -17.53
CA LYS D 8 -3.34 12.90 -17.39
C LYS D 8 -3.40 12.09 -16.10
N PHE D 9 -2.30 12.02 -15.37
CA PHE D 9 -2.15 10.98 -14.35
C PHE D 9 -2.01 11.42 -12.88
N VAL D 10 -1.68 12.68 -12.64
CA VAL D 10 -1.43 13.12 -11.27
C VAL D 10 -2.71 13.31 -10.44
N LYS D 11 -3.85 13.28 -11.12
CA LYS D 11 -5.15 13.46 -10.47
C LYS D 11 -5.47 12.36 -9.47
N GLU D 12 -5.82 12.75 -8.25
CA GLU D 12 -6.03 11.81 -7.15
C GLU D 12 -7.51 11.58 -6.85
N GLY D 13 -7.86 10.34 -6.52
CA GLY D 13 -9.21 10.00 -6.12
C GLY D 13 -9.25 9.24 -4.80
N LEU D 14 -10.10 9.67 -3.89
CA LEU D 14 -10.15 9.07 -2.55
C LEU D 14 -11.38 8.21 -2.31
N THR D 15 -11.20 7.10 -1.61
CA THR D 15 -12.31 6.25 -1.23
C THR D 15 -12.74 6.55 0.20
N PHE D 16 -13.59 5.70 0.76
CA PHE D 16 -14.02 5.86 2.15
C PHE D 16 -12.93 5.45 3.12
N ASP D 17 -12.15 4.44 2.73
CA ASP D 17 -11.07 3.94 3.57
C ASP D 17 -9.88 4.88 3.60
N ASP D 18 -9.95 5.95 2.80
CA ASP D 18 -8.88 6.94 2.74
C ASP D 18 -9.02 7.99 3.83
N VAL D 19 -10.22 8.11 4.38
CA VAL D 19 -10.54 9.23 5.25
C VAL D 19 -10.85 8.84 6.70
N LEU D 20 -10.41 9.69 7.62
CA LEU D 20 -10.83 9.66 9.00
C LEU D 20 -11.30 11.05 9.36
N LEU D 21 -12.37 11.13 10.14
CA LEU D 21 -12.88 12.42 10.59
C LEU D 21 -12.13 12.88 11.83
N VAL D 22 -11.73 14.15 11.84
CA VAL D 22 -10.95 14.70 12.94
C VAL D 22 -11.84 15.41 13.94
N PRO D 23 -11.75 15.01 15.22
CA PRO D 23 -12.57 15.56 16.31
C PRO D 23 -12.41 17.07 16.48
N ALA D 24 -13.53 17.80 16.35
CA ALA D 24 -13.53 19.23 16.59
C ALA D 24 -14.36 19.55 17.83
N LYS D 25 -14.79 20.80 17.96
CA LYS D 25 -15.45 21.26 19.19
C LYS D 25 -16.76 20.55 19.49
N SER D 26 -16.68 19.52 20.32
CA SER D 26 -17.86 18.76 20.73
C SER D 26 -18.71 19.53 21.72
N ASP D 27 -19.41 20.55 21.22
CA ASP D 27 -20.35 21.29 22.04
C ASP D 27 -21.74 20.68 21.87
N VAL D 28 -21.78 19.55 21.16
CA VAL D 28 -23.03 18.86 20.88
C VAL D 28 -23.03 17.45 21.48
N LEU D 29 -24.22 16.96 21.81
CA LEU D 29 -24.40 15.61 22.33
C LEU D 29 -25.58 14.94 21.60
N PRO D 30 -25.56 13.60 21.49
CA PRO D 30 -26.59 12.86 20.75
C PRO D 30 -28.03 13.13 21.17
N ARG D 31 -28.25 13.62 22.38
CA ARG D 31 -29.59 14.00 22.83
C ARG D 31 -30.01 15.33 22.22
N GLU D 32 -29.12 15.94 21.44
CA GLU D 32 -29.35 17.26 20.88
C GLU D 32 -29.24 17.24 19.36
N VAL D 33 -28.29 16.45 18.85
CA VAL D 33 -28.00 16.44 17.42
C VAL D 33 -29.19 15.93 16.60
N SER D 34 -29.33 16.48 15.39
CA SER D 34 -30.42 16.09 14.51
C SER D 34 -29.88 15.52 13.21
N VAL D 35 -30.38 14.34 12.84
CA VAL D 35 -29.98 13.70 11.60
C VAL D 35 -31.06 13.91 10.54
N LYS D 36 -32.03 14.76 10.88
CA LYS D 36 -33.12 15.09 9.98
C LYS D 36 -32.56 15.74 8.72
N THR D 37 -32.86 15.17 7.57
CA THR D 37 -32.31 15.66 6.31
C THR D 37 -33.40 15.97 5.29
N VAL D 38 -33.14 16.92 4.41
CA VAL D 38 -34.13 17.33 3.42
C VAL D 38 -33.61 17.11 2.01
N LEU D 39 -34.54 16.84 1.10
CA LEU D 39 -34.21 16.73 -0.32
C LEU D 39 -34.98 17.79 -1.08
N SER D 40 -36.24 17.98 -0.70
CA SER D 40 -37.07 19.04 -1.24
C SER D 40 -38.17 19.34 -0.23
N GLU D 41 -38.96 20.37 -0.50
CA GLU D 41 -40.04 20.76 0.41
C GLU D 41 -41.02 19.60 0.63
N SER D 42 -41.28 18.84 -0.43
CA SER D 42 -42.18 17.71 -0.37
C SER D 42 -41.45 16.42 0.00
N LEU D 43 -40.13 16.53 0.19
CA LEU D 43 -39.32 15.37 0.55
C LEU D 43 -38.46 15.64 1.78
N GLN D 44 -39.11 15.73 2.94
CA GLN D 44 -38.41 16.02 4.19
C GLN D 44 -38.21 14.74 5.00
N LEU D 45 -36.97 14.24 5.00
CA LEU D 45 -36.66 13.00 5.68
C LEU D 45 -36.22 13.23 7.12
N ASN D 46 -36.36 12.20 7.95
CA ASN D 46 -35.96 12.29 9.34
C ASN D 46 -34.69 11.48 9.61
N ILE D 47 -34.40 10.53 8.73
CA ILE D 47 -33.12 9.84 8.75
C ILE D 47 -32.53 9.83 7.34
N PRO D 48 -31.23 10.14 7.22
CA PRO D 48 -30.57 10.29 5.92
C PRO D 48 -30.31 8.95 5.24
N LEU D 49 -31.37 8.20 4.96
CA LEU D 49 -31.24 6.93 4.28
C LEU D 49 -32.34 6.72 3.24
N ILE D 50 -32.00 6.03 2.17
CA ILE D 50 -32.97 5.71 1.11
C ILE D 50 -32.80 4.27 0.67
N SER D 51 -33.88 3.50 0.69
CA SER D 51 -33.85 2.13 0.20
C SER D 51 -33.69 2.14 -1.31
N ALA D 52 -32.85 1.24 -1.82
CA ALA D 52 -32.59 1.17 -3.26
C ALA D 52 -33.69 0.37 -3.96
N GLY D 53 -34.17 0.89 -5.09
CA GLY D 53 -35.21 0.23 -5.84
C GLY D 53 -34.73 -1.02 -6.56
N MET D 54 -34.56 -2.10 -5.80
CA MET D 54 -34.10 -3.36 -6.37
C MET D 54 -35.04 -4.51 -6.01
N ASP D 55 -35.03 -5.56 -6.83
CA ASP D 55 -35.88 -6.72 -6.62
C ASP D 55 -35.65 -7.33 -5.24
N THR D 56 -34.41 -7.23 -4.78
CA THR D 56 -33.99 -7.89 -3.55
C THR D 56 -33.96 -6.94 -2.36
N VAL D 57 -34.33 -5.69 -2.58
CA VAL D 57 -34.24 -4.69 -1.51
C VAL D 57 -35.59 -4.14 -1.08
N THR D 58 -36.34 -3.56 -2.02
CA THR D 58 -37.56 -2.86 -1.65
C THR D 58 -38.84 -3.45 -2.23
N GLU D 59 -39.74 -3.84 -1.34
CA GLU D 59 -41.12 -4.18 -1.71
C GLU D 59 -42.00 -3.13 -1.07
N ALA D 60 -43.31 -3.23 -1.25
CA ALA D 60 -44.23 -2.30 -0.62
C ALA D 60 -44.08 -2.35 0.90
N ASP D 61 -43.92 -3.56 1.42
CA ASP D 61 -43.72 -3.79 2.84
C ASP D 61 -42.46 -3.08 3.31
N MET D 62 -41.41 -3.16 2.50
CA MET D 62 -40.13 -2.55 2.82
C MET D 62 -40.21 -1.03 2.73
N ALA D 63 -41.06 -0.55 1.83
CA ALA D 63 -41.26 0.89 1.69
C ALA D 63 -42.00 1.44 2.91
N ILE D 64 -42.85 0.60 3.51
CA ILE D 64 -43.57 0.98 4.71
C ILE D 64 -42.63 1.15 5.89
N ALA D 65 -41.87 0.10 6.20
CA ALA D 65 -40.99 0.09 7.36
C ALA D 65 -39.88 1.13 7.26
N MET D 66 -39.37 1.35 6.06
CA MET D 66 -38.30 2.32 5.84
C MET D 66 -38.72 3.73 6.25
N ALA D 67 -39.86 4.16 5.76
CA ALA D 67 -40.38 5.48 6.05
C ALA D 67 -40.76 5.64 7.52
N ARG D 68 -41.02 4.54 8.21
CA ARG D 68 -41.53 4.63 9.57
C ARG D 68 -40.55 5.38 10.45
N GLN D 69 -39.28 5.33 10.08
CA GLN D 69 -38.25 5.96 10.91
C GLN D 69 -37.87 7.32 10.33
N GLY D 70 -38.36 7.62 9.13
CA GLY D 70 -38.11 8.89 8.50
C GLY D 70 -37.18 8.82 7.30
N GLY D 71 -36.99 7.60 6.80
CA GLY D 71 -36.13 7.39 5.64
C GLY D 71 -36.88 7.55 4.34
N LEU D 72 -36.55 6.72 3.36
CA LEU D 72 -37.23 6.76 2.07
C LEU D 72 -37.12 5.43 1.34
N GLY D 73 -38.27 4.83 1.08
CA GLY D 73 -38.32 3.58 0.35
C GLY D 73 -38.68 3.81 -1.10
N ILE D 74 -37.80 3.37 -2.01
CA ILE D 74 -38.06 3.47 -3.43
C ILE D 74 -38.53 2.12 -3.97
N ILE D 75 -39.79 2.03 -4.37
CA ILE D 75 -40.34 0.81 -4.93
C ILE D 75 -39.55 0.39 -6.18
N HIS D 76 -39.22 -0.89 -6.27
CA HIS D 76 -38.34 -1.38 -7.33
C HIS D 76 -39.08 -1.60 -8.65
N LYS D 77 -38.35 -1.39 -9.73
CA LYS D 77 -38.86 -1.46 -11.09
C LYS D 77 -39.32 -2.83 -11.57
N ASN D 78 -38.65 -3.90 -11.16
CA ASN D 78 -38.83 -5.16 -11.85
C ASN D 78 -40.13 -5.82 -11.45
N MET D 79 -41.21 -5.19 -11.91
CA MET D 79 -42.57 -5.68 -11.81
C MET D 79 -43.35 -4.99 -12.91
N SER D 80 -44.55 -5.46 -13.23
CA SER D 80 -45.42 -4.80 -14.18
C SER D 80 -45.88 -3.47 -13.61
N ILE D 81 -46.30 -2.56 -14.49
CA ILE D 81 -46.81 -1.26 -14.08
C ILE D 81 -48.02 -1.43 -13.16
N GLU D 82 -48.79 -2.48 -13.42
CA GLU D 82 -49.94 -2.83 -12.60
C GLU D 82 -49.53 -3.03 -11.14
N GLN D 83 -48.72 -4.04 -10.89
CA GLN D 83 -48.29 -4.37 -9.55
C GLN D 83 -47.33 -3.33 -8.98
N GLN D 84 -46.80 -2.49 -9.87
CA GLN D 84 -45.97 -1.36 -9.46
C GLN D 84 -46.78 -0.39 -8.62
N ALA D 85 -47.73 0.28 -9.25
CA ALA D 85 -48.56 1.30 -8.61
C ALA D 85 -49.42 0.75 -7.47
N GLU D 86 -49.65 -0.55 -7.47
CA GLU D 86 -50.37 -1.19 -6.38
C GLU D 86 -49.54 -1.13 -5.10
N GLN D 87 -48.23 -1.25 -5.26
CA GLN D 87 -47.31 -1.20 -4.14
C GLN D 87 -47.09 0.21 -3.63
N VAL D 88 -47.06 1.17 -4.56
CA VAL D 88 -46.82 2.56 -4.19
C VAL D 88 -48.12 3.26 -3.79
N ASP D 89 -49.15 2.46 -3.58
CA ASP D 89 -50.43 2.98 -3.09
C ASP D 89 -50.78 2.35 -1.75
N LYS D 90 -50.25 1.16 -1.51
CA LYS D 90 -50.42 0.50 -0.22
C LYS D 90 -49.71 1.29 0.86
N VAL D 91 -48.54 1.80 0.53
CA VAL D 91 -47.74 2.58 1.48
C VAL D 91 -48.41 3.93 1.74
N LYS D 92 -49.09 4.45 0.72
CA LYS D 92 -49.77 5.74 0.86
C LYS D 92 -50.99 5.65 1.76
N ARG D 93 -51.71 4.53 1.67
CA ARG D 93 -52.89 4.32 2.51
C ARG D 93 -52.64 3.34 3.65
N SER D 94 -51.36 3.17 4.02
CA SER D 94 -51.00 2.33 5.14
C SER D 94 -51.46 2.97 6.46
N GLU D 95 -51.43 4.29 6.49
CA GLU D 95 -51.89 5.04 7.65
C GLU D 95 -52.21 6.48 7.26
N SER D 96 -53.16 7.08 7.98
CA SER D 96 -53.58 8.45 7.70
C SER D 96 -53.11 9.41 8.76
N ILE D 99 -54.69 10.80 11.05
CA ILE D 99 -54.24 10.22 12.32
C ILE D 99 -55.12 9.04 12.74
N LYS D 100 -56.05 8.68 11.85
CA LYS D 100 -57.15 7.73 12.14
C LYS D 100 -56.76 6.60 13.09
N ASP D 101 -55.61 5.99 12.84
CA ASP D 101 -55.00 5.07 13.79
C ASP D 101 -53.93 5.80 14.60
N ILE D 102 -54.29 6.23 15.81
CA ILE D 102 -53.39 7.04 16.64
C ILE D 102 -52.09 6.32 16.96
N GLU D 103 -52.21 5.10 17.47
CA GLU D 103 -51.05 4.32 17.87
C GLU D 103 -50.13 4.01 16.69
N LYS D 104 -50.73 3.70 15.55
CA LYS D 104 -49.96 3.40 14.34
C LYS D 104 -49.22 4.64 13.86
N VAL D 105 -49.62 5.80 14.39
CA VAL D 105 -48.87 7.03 14.20
C VAL D 105 -47.91 7.22 15.36
N ILE D 106 -48.39 6.90 16.57
CA ILE D 106 -47.57 7.00 17.78
C ILE D 106 -46.41 6.03 17.77
N GLU D 107 -46.65 4.81 17.30
CA GLU D 107 -45.64 3.76 17.29
C GLU D 107 -44.41 4.13 16.46
N PHE D 108 -44.60 5.04 15.50
CA PHE D 108 -43.50 5.47 14.65
C PHE D 108 -43.51 7.00 14.50
N PRO D 109 -43.01 7.71 15.52
CA PRO D 109 -43.02 9.17 15.55
C PRO D 109 -42.06 9.79 14.53
N ASN D 110 -40.93 9.13 14.32
CA ASN D 110 -39.89 9.65 13.45
C ASN D 110 -40.21 9.50 11.96
N SER D 111 -41.38 8.94 11.66
CA SER D 111 -41.75 8.63 10.28
C SER D 111 -41.74 9.83 9.34
N ALA D 112 -41.42 9.59 8.07
CA ALA D 112 -41.44 10.62 7.05
C ALA D 112 -42.74 10.52 6.24
N LYS D 113 -43.43 11.66 6.12
CA LYS D 113 -44.77 11.70 5.53
C LYS D 113 -45.03 12.88 4.60
N ASP D 114 -46.11 12.80 3.85
CA ASP D 114 -46.59 13.86 2.98
C ASP D 114 -47.54 14.84 3.68
N LYS D 115 -48.27 15.59 2.87
CA LYS D 115 -49.23 16.59 3.34
C LYS D 115 -50.35 15.99 4.17
N GLN D 116 -50.83 14.83 3.78
CA GLN D 116 -51.90 14.16 4.50
C GLN D 116 -51.38 13.16 5.53
N GLY D 117 -50.09 13.23 5.82
CA GLY D 117 -49.48 12.31 6.77
C GLY D 117 -49.40 10.89 6.26
N ARG D 118 -49.34 10.74 4.94
CA ARG D 118 -49.15 9.45 4.30
C ARG D 118 -47.66 9.21 4.11
N LEU D 119 -47.24 7.96 4.32
CA LEU D 119 -45.83 7.59 4.23
C LEU D 119 -45.19 8.03 2.91
N LEU D 120 -43.96 8.53 2.99
CA LEU D 120 -43.23 8.96 1.80
C LEU D 120 -42.80 7.77 0.96
N VAL D 121 -42.98 7.88 -0.35
CA VAL D 121 -42.68 6.77 -1.26
C VAL D 121 -41.82 7.20 -2.43
N GLY D 122 -41.17 6.21 -3.05
CA GLY D 122 -40.39 6.43 -4.25
C GLY D 122 -40.62 5.30 -5.22
N ALA D 123 -40.42 5.55 -6.51
CA ALA D 123 -40.63 4.53 -7.52
C ALA D 123 -39.52 4.50 -8.56
N ALA D 124 -38.93 3.32 -8.74
CA ALA D 124 -37.89 3.13 -9.74
C ALA D 124 -38.48 3.12 -11.14
N VAL D 125 -38.05 4.06 -11.98
CA VAL D 125 -38.59 4.19 -13.32
C VAL D 125 -37.49 4.20 -14.38
N GLY D 126 -37.67 3.40 -15.43
CA GLY D 126 -36.72 3.33 -16.51
C GLY D 126 -36.74 4.55 -17.41
N VAL D 127 -35.78 4.60 -18.32
CA VAL D 127 -35.63 5.68 -19.30
C VAL D 127 -36.68 5.77 -20.41
N THR D 128 -37.17 4.62 -20.83
CA THR D 128 -37.73 4.37 -22.14
C THR D 128 -39.15 4.91 -22.40
N ALA D 129 -39.63 4.59 -23.60
CA ALA D 129 -40.92 5.01 -24.12
C ALA D 129 -42.05 4.49 -23.24
N ASP D 130 -41.82 3.33 -22.63
CA ASP D 130 -42.76 2.74 -21.70
C ASP D 130 -42.98 3.62 -20.46
N ALA D 131 -41.94 4.31 -20.04
CA ALA D 131 -41.90 4.92 -18.72
C ALA D 131 -43.03 5.91 -18.40
N MET D 132 -43.45 6.68 -19.40
CA MET D 132 -44.49 7.67 -19.16
C MET D 132 -45.77 7.02 -18.65
N THR D 133 -46.11 5.86 -19.20
CA THR D 133 -47.28 5.11 -18.77
C THR D 133 -47.06 4.58 -17.36
N ARG D 134 -45.82 4.25 -17.05
CA ARG D 134 -45.47 3.76 -15.73
C ARG D 134 -45.51 4.90 -14.71
N ILE D 135 -44.89 6.01 -15.06
CA ILE D 135 -44.84 7.19 -14.19
C ILE D 135 -46.23 7.72 -13.87
N ASP D 136 -47.06 7.88 -14.90
CA ASP D 136 -48.41 8.39 -14.73
C ASP D 136 -49.24 7.51 -13.82
N ALA D 137 -49.01 6.20 -13.87
CA ALA D 137 -49.72 5.26 -13.02
C ALA D 137 -49.30 5.43 -11.57
N LEU D 138 -48.08 5.92 -11.37
CA LEU D 138 -47.54 6.16 -10.04
C LEU D 138 -48.08 7.44 -9.43
N VAL D 139 -48.12 8.50 -10.23
CA VAL D 139 -48.61 9.78 -9.78
C VAL D 139 -50.12 9.69 -9.50
N LYS D 140 -50.76 8.70 -10.10
CA LYS D 140 -52.16 8.40 -9.80
C LYS D 140 -52.25 7.75 -8.42
N ALA D 141 -51.17 7.07 -8.04
CA ALA D 141 -51.11 6.39 -6.74
C ALA D 141 -50.45 7.29 -5.70
N SER D 142 -50.42 8.60 -5.98
CA SER D 142 -49.88 9.60 -5.08
C SER D 142 -48.42 9.33 -4.70
N VAL D 143 -47.61 8.96 -5.68
CA VAL D 143 -46.20 8.74 -5.43
C VAL D 143 -45.55 10.07 -5.06
N ASP D 144 -44.54 10.03 -4.20
CA ASP D 144 -43.87 11.23 -3.75
C ASP D 144 -42.67 11.57 -4.63
N ALA D 145 -41.98 10.53 -5.09
CA ALA D 145 -40.79 10.71 -5.89
C ALA D 145 -40.53 9.51 -6.79
N ILE D 146 -39.73 9.73 -7.83
CA ILE D 146 -39.32 8.65 -8.72
C ILE D 146 -37.83 8.74 -8.98
N VAL D 147 -37.22 7.63 -9.39
CA VAL D 147 -35.79 7.62 -9.65
C VAL D 147 -35.49 7.26 -11.11
N LEU D 148 -35.06 8.25 -11.88
CA LEU D 148 -34.66 8.03 -13.25
C LEU D 148 -33.16 7.82 -13.32
N ASP D 149 -32.71 6.68 -12.78
CA ASP D 149 -31.29 6.36 -12.76
C ASP D 149 -31.04 5.04 -13.49
N THR D 150 -29.83 4.91 -14.05
CA THR D 150 -29.42 3.69 -14.73
C THR D 150 -27.94 3.72 -15.07
N ALA D 151 -27.32 2.54 -15.16
CA ALA D 151 -25.96 2.42 -15.64
C ALA D 151 -25.97 2.54 -17.16
N HIS D 152 -27.18 2.51 -17.72
CA HIS D 152 -27.40 2.73 -19.15
C HIS D 152 -27.61 4.22 -19.37
N GLY D 153 -27.10 5.03 -18.45
CA GLY D 153 -27.26 6.47 -18.49
C GLY D 153 -26.37 7.14 -19.51
N HIS D 154 -25.35 6.41 -19.99
CA HIS D 154 -24.48 6.93 -21.02
C HIS D 154 -25.24 7.12 -22.34
N SER D 155 -26.44 6.55 -22.38
CA SER D 155 -27.45 7.00 -23.32
C SER D 155 -28.16 8.15 -22.61
N GLN D 156 -28.04 9.36 -23.14
CA GLN D 156 -28.55 10.54 -22.44
C GLN D 156 -30.07 10.60 -22.36
N GLY D 157 -30.73 9.50 -22.74
CA GLY D 157 -32.17 9.38 -22.63
C GLY D 157 -32.67 9.74 -21.25
N VAL D 158 -31.86 9.43 -20.23
CA VAL D 158 -32.16 9.85 -18.86
C VAL D 158 -32.39 11.36 -18.82
N ILE D 159 -31.40 12.11 -19.30
CA ILE D 159 -31.51 13.56 -19.38
C ILE D 159 -32.70 13.95 -20.26
N ASP D 160 -32.85 13.26 -21.39
CA ASP D 160 -34.00 13.45 -22.25
C ASP D 160 -35.29 13.19 -21.50
N LYS D 161 -35.33 12.07 -20.78
CA LYS D 161 -36.51 11.67 -20.04
C LYS D 161 -36.80 12.62 -18.89
N VAL D 162 -35.78 12.95 -18.12
CA VAL D 162 -35.94 13.83 -16.96
C VAL D 162 -36.68 15.10 -17.31
N LYS D 163 -36.15 15.86 -18.27
CA LYS D 163 -36.80 17.09 -18.71
C LYS D 163 -38.17 16.81 -19.31
N GLU D 164 -38.26 15.75 -20.10
CA GLU D 164 -39.54 15.31 -20.66
C GLU D 164 -40.54 15.07 -19.54
N VAL D 165 -40.12 14.37 -18.50
CA VAL D 165 -40.96 14.13 -17.33
C VAL D 165 -41.12 15.43 -16.54
N ARG D 166 -40.06 16.22 -16.46
CA ARG D 166 -40.08 17.47 -15.72
C ARG D 166 -41.07 18.46 -16.31
N ALA D 167 -41.11 18.54 -17.63
CA ALA D 167 -42.02 19.43 -18.33
C ALA D 167 -43.46 19.09 -17.97
N LYS D 168 -43.78 17.80 -18.00
CA LYS D 168 -45.11 17.33 -17.66
C LYS D 168 -45.36 17.44 -16.16
N TYR D 169 -44.36 17.09 -15.37
CA TYR D 169 -44.49 17.11 -13.91
C TYR D 169 -43.41 17.99 -13.26
N PRO D 170 -43.68 19.30 -13.17
CA PRO D 170 -42.73 20.29 -12.64
C PRO D 170 -42.72 20.32 -11.11
N SER D 171 -43.68 19.65 -10.48
CA SER D 171 -43.75 19.59 -9.04
C SER D 171 -43.31 18.22 -8.54
N LEU D 172 -42.80 17.41 -9.47
CA LEU D 172 -42.37 16.06 -9.15
C LEU D 172 -40.96 16.05 -8.55
N ASN D 173 -40.71 15.10 -7.66
CA ASN D 173 -39.38 14.94 -7.09
C ASN D 173 -38.57 13.90 -7.85
N ILE D 174 -38.15 14.27 -9.05
CA ILE D 174 -37.38 13.36 -9.91
C ILE D 174 -35.96 13.19 -9.37
N ILE D 175 -35.57 11.95 -9.12
CA ILE D 175 -34.23 11.63 -8.67
C ILE D 175 -33.42 11.05 -9.82
N ALA D 176 -32.44 11.80 -10.29
CA ALA D 176 -31.66 11.37 -11.45
C ALA D 176 -30.30 10.77 -11.07
N GLY D 177 -29.84 9.85 -11.90
CA GLY D 177 -28.55 9.21 -11.71
C GLY D 177 -28.21 8.35 -12.90
N ASN D 178 -27.05 7.70 -12.86
CA ASN D 178 -26.11 7.86 -11.75
C ASN D 178 -24.81 8.48 -12.24
N VAL D 179 -24.38 9.54 -11.57
CA VAL D 179 -23.18 10.25 -12.00
C VAL D 179 -22.07 10.24 -10.94
N ALA D 180 -20.91 10.79 -11.32
CA ALA D 180 -19.77 10.83 -10.42
C ALA D 180 -18.82 11.98 -10.76
N THR D 181 -19.24 12.86 -11.67
CA THR D 181 -18.46 14.03 -12.02
C THR D 181 -19.27 15.32 -11.86
N ALA D 182 -18.56 16.45 -11.84
CA ALA D 182 -19.19 17.75 -11.63
C ALA D 182 -19.91 18.26 -12.88
N GLU D 183 -19.31 18.04 -14.05
CA GLU D 183 -19.89 18.54 -15.30
C GLU D 183 -21.14 17.76 -15.70
N ALA D 184 -21.22 16.50 -15.26
CA ALA D 184 -22.40 15.69 -15.53
C ALA D 184 -23.52 16.01 -14.55
N THR D 185 -23.13 16.58 -13.41
CA THR D 185 -24.09 16.98 -12.39
C THR D 185 -24.96 18.12 -12.90
N LYS D 186 -24.31 19.13 -13.47
CA LYS D 186 -25.02 20.27 -14.06
C LYS D 186 -25.95 19.80 -15.17
N ALA D 187 -25.51 18.83 -15.95
CA ALA D 187 -26.30 18.27 -17.03
C ALA D 187 -27.60 17.67 -16.50
N LEU D 188 -27.50 17.00 -15.36
CA LEU D 188 -28.68 16.42 -14.72
C LEU D 188 -29.51 17.49 -14.00
N ILE D 189 -28.83 18.34 -13.23
CA ILE D 189 -29.49 19.39 -12.48
C ILE D 189 -30.27 20.35 -13.39
N GLU D 190 -29.60 20.86 -14.42
CA GLU D 190 -30.24 21.79 -15.33
C GLU D 190 -31.22 21.08 -16.27
N ALA D 191 -31.33 19.77 -16.12
CA ALA D 191 -32.34 19.00 -16.84
C ALA D 191 -33.62 18.92 -16.03
N GLY D 192 -33.58 19.42 -14.81
CA GLY D 192 -34.76 19.47 -13.95
C GLY D 192 -34.67 18.55 -12.74
N ALA D 193 -33.57 17.82 -12.63
CA ALA D 193 -33.39 16.88 -11.53
C ALA D 193 -33.08 17.61 -10.22
N ASN D 194 -34.07 17.66 -9.34
CA ASN D 194 -33.89 18.28 -8.02
C ASN D 194 -33.16 17.37 -7.04
N VAL D 195 -33.00 16.11 -7.42
CA VAL D 195 -32.19 15.16 -6.66
C VAL D 195 -31.29 14.39 -7.62
N VAL D 196 -29.98 14.41 -7.36
CA VAL D 196 -29.01 13.79 -8.27
C VAL D 196 -28.27 12.65 -7.59
N LYS D 197 -28.23 11.49 -8.24
CA LYS D 197 -27.58 10.31 -7.67
C LYS D 197 -26.09 10.28 -7.98
N VAL D 198 -25.28 10.11 -6.95
CA VAL D 198 -23.83 10.09 -7.09
C VAL D 198 -23.27 8.68 -6.98
N GLY D 199 -22.62 8.20 -8.04
CA GLY D 199 -21.91 6.94 -8.00
C GLY D 199 -21.86 6.11 -9.27
N ILE D 200 -20.64 5.86 -9.74
CA ILE D 200 -20.39 4.93 -10.82
C ILE D 200 -19.34 3.93 -10.36
N GLY D 201 -19.70 2.65 -10.30
CA GLY D 201 -18.89 1.65 -9.62
C GLY D 201 -19.28 1.49 -8.16
N PRO D 202 -20.61 1.09 -7.92
CA PRO D 202 -20.99 1.10 -6.50
C PRO D 202 -21.05 -0.26 -5.82
N GLY D 203 -20.57 -1.30 -6.47
CA GLY D 203 -20.68 -2.65 -5.98
C GLY D 203 -20.04 -2.88 -4.63
N SER D 204 -20.58 -3.83 -3.87
CA SER D 204 -19.94 -4.31 -2.66
C SER D 204 -18.58 -4.82 -3.11
N ILE D 205 -18.59 -5.53 -4.23
CA ILE D 205 -17.42 -5.67 -5.07
C ILE D 205 -17.78 -5.02 -6.41
N CYS D 206 -16.91 -4.15 -6.91
CA CYS D 206 -17.20 -3.46 -8.16
C CYS D 206 -16.39 -4.02 -9.32
N THR D 207 -17.09 -4.51 -10.33
CA THR D 207 -16.43 -5.12 -11.48
C THR D 207 -16.74 -4.34 -12.75
N THR D 208 -17.62 -3.34 -12.64
CA THR D 208 -18.00 -2.51 -13.77
C THR D 208 -16.80 -1.68 -14.23
N ARG D 209 -15.88 -1.43 -13.31
CA ARG D 209 -14.67 -0.67 -13.62
C ARG D 209 -13.79 -1.40 -14.63
N VAL D 210 -14.03 -2.70 -14.80
CA VAL D 210 -13.33 -3.49 -15.80
C VAL D 210 -14.29 -4.17 -16.79
N VAL D 211 -15.32 -4.83 -16.26
CA VAL D 211 -16.30 -5.49 -17.11
C VAL D 211 -17.03 -4.49 -18.00
N ALA D 212 -17.55 -3.42 -17.40
CA ALA D 212 -18.12 -2.33 -18.17
C ALA D 212 -17.00 -1.38 -18.61
N GLY D 213 -16.15 -1.00 -17.66
CA GLY D 213 -14.93 -0.30 -17.99
C GLY D 213 -14.81 1.15 -17.54
N VAL D 214 -15.42 1.50 -16.41
CA VAL D 214 -15.32 2.86 -15.88
C VAL D 214 -15.76 2.93 -14.40
N GLY D 215 -15.15 3.85 -13.65
CA GLY D 215 -15.49 4.03 -12.26
C GLY D 215 -14.72 5.15 -11.58
N VAL D 216 -15.22 5.58 -10.43
CA VAL D 216 -14.59 6.64 -9.64
C VAL D 216 -14.90 6.45 -8.16
N PRO D 217 -13.88 6.61 -7.29
CA PRO D 217 -14.00 6.47 -5.84
C PRO D 217 -15.09 7.37 -5.27
N GLN D 218 -15.91 6.81 -4.39
CA GLN D 218 -17.10 7.49 -3.87
C GLN D 218 -16.85 8.85 -3.23
N LEU D 219 -15.87 8.91 -2.34
CA LEU D 219 -15.55 10.14 -1.62
C LEU D 219 -15.22 11.27 -2.60
N THR D 220 -14.47 10.96 -3.63
CA THR D 220 -14.18 11.92 -4.69
C THR D 220 -15.44 12.25 -5.46
N ALA D 221 -16.23 11.21 -5.76
CA ALA D 221 -17.49 11.39 -6.48
C ALA D 221 -18.48 12.23 -5.69
N VAL D 222 -18.65 11.89 -4.43
CA VAL D 222 -19.60 12.60 -3.56
C VAL D 222 -19.21 14.06 -3.35
N TYR D 223 -17.95 14.29 -2.98
CA TYR D 223 -17.46 15.63 -2.70
C TYR D 223 -17.53 16.55 -3.91
N ASP D 224 -17.06 16.05 -5.06
CA ASP D 224 -17.00 16.85 -6.28
C ASP D 224 -18.37 17.21 -6.82
N CYS D 225 -19.27 16.23 -6.86
CA CYS D 225 -20.62 16.46 -7.37
C CYS D 225 -21.40 17.40 -6.44
N ALA D 226 -21.10 17.33 -5.15
CA ALA D 226 -21.78 18.17 -4.16
C ALA D 226 -21.26 19.59 -4.18
N THR D 227 -20.25 19.86 -4.99
CA THR D 227 -19.66 21.20 -5.06
C THR D 227 -20.46 22.12 -5.96
N GLU D 228 -20.74 21.67 -7.18
CA GLU D 228 -21.51 22.47 -8.12
C GLU D 228 -23.01 22.35 -7.83
N ALA D 229 -23.40 21.25 -7.20
CA ALA D 229 -24.78 21.05 -6.82
C ALA D 229 -25.17 21.97 -5.68
N ARG D 230 -24.19 22.35 -4.86
CA ARG D 230 -24.44 23.26 -3.75
C ARG D 230 -24.29 24.71 -4.16
N LYS D 231 -23.54 24.96 -5.24
CA LYS D 231 -23.35 26.31 -5.75
C LYS D 231 -24.68 26.85 -6.25
N HIS D 232 -25.54 25.95 -6.71
CA HIS D 232 -26.89 26.32 -7.12
C HIS D 232 -27.96 25.55 -6.36
N GLY D 233 -27.62 25.20 -5.11
CA GLY D 233 -28.57 24.63 -4.17
C GLY D 233 -29.28 23.35 -4.57
N ILE D 234 -28.53 22.25 -4.64
CA ILE D 234 -29.10 20.94 -4.94
C ILE D 234 -28.40 19.87 -4.11
N PRO D 235 -29.19 19.01 -3.43
CA PRO D 235 -28.65 17.94 -2.59
C PRO D 235 -28.23 16.71 -3.41
N VAL D 236 -27.12 16.09 -3.03
CA VAL D 236 -26.66 14.88 -3.68
C VAL D 236 -26.91 13.66 -2.78
N ILE D 237 -26.84 12.47 -3.39
CA ILE D 237 -27.11 11.24 -2.64
C ILE D 237 -26.08 10.16 -2.97
N ALA D 238 -25.58 9.50 -1.94
CA ALA D 238 -24.62 8.40 -2.09
C ALA D 238 -25.35 7.10 -2.38
N ASP D 239 -24.97 6.33 -3.47
CA ASP D 239 -25.58 5.09 -3.90
C ASP D 239 -24.71 3.94 -3.47
N GLY D 240 -25.24 3.10 -2.68
CA GLY D 240 -24.52 1.90 -2.26
C GLY D 240 -23.24 2.35 -1.59
N GLY D 241 -22.15 1.64 -1.85
CA GLY D 241 -20.80 2.13 -1.73
C GLY D 241 -20.39 2.31 -0.30
N ILE D 242 -21.33 2.00 0.59
CA ILE D 242 -21.18 2.23 2.00
C ILE D 242 -21.40 0.92 2.71
N LYS D 243 -20.44 0.57 3.55
CA LYS D 243 -20.40 -0.72 4.22
C LYS D 243 -20.68 -0.60 5.70
N TYR D 244 -20.19 0.47 6.31
CA TYR D 244 -20.35 0.68 7.75
C TYR D 244 -20.99 2.02 8.06
N SER D 245 -21.28 2.23 9.34
CA SER D 245 -21.89 3.47 9.81
C SER D 245 -20.91 4.63 9.67
N GLY D 246 -19.62 4.32 9.71
CA GLY D 246 -18.60 5.33 9.51
C GLY D 246 -18.61 5.83 8.09
N ASP D 247 -18.89 4.93 7.15
CA ASP D 247 -19.02 5.30 5.74
C ASP D 247 -20.19 6.26 5.56
N MET D 248 -21.19 6.16 6.43
CA MET D 248 -22.32 7.08 6.40
C MET D 248 -21.89 8.49 6.75
N VAL D 249 -21.24 8.66 7.90
CA VAL D 249 -20.85 9.98 8.39
C VAL D 249 -19.86 10.68 7.46
N LYS D 250 -19.00 9.91 6.81
CA LYS D 250 -17.94 10.47 5.98
C LYS D 250 -18.43 11.18 4.71
N ALA D 251 -19.26 10.50 3.92
CA ALA D 251 -19.75 11.09 2.68
C ALA D 251 -20.81 12.16 2.94
N LEU D 252 -21.59 11.96 4.00
CA LEU D 252 -22.57 12.97 4.41
C LEU D 252 -21.87 14.28 4.72
N ALA D 253 -20.81 14.20 5.51
CA ALA D 253 -19.99 15.37 5.83
C ALA D 253 -19.31 15.91 4.57
N ALA D 254 -19.09 15.03 3.60
CA ALA D 254 -18.45 15.41 2.35
C ALA D 254 -19.41 16.13 1.41
N GLY D 255 -20.55 16.55 1.92
CA GLY D 255 -21.49 17.33 1.15
C GLY D 255 -22.73 16.58 0.71
N ALA D 256 -22.95 15.39 1.26
CA ALA D 256 -24.12 14.60 0.93
C ALA D 256 -25.22 14.77 1.97
N HIS D 257 -26.47 14.57 1.54
CA HIS D 257 -27.62 14.77 2.42
C HIS D 257 -28.28 13.45 2.79
N VAL D 258 -28.13 12.45 1.94
CA VAL D 258 -28.77 11.16 2.16
C VAL D 258 -27.99 10.03 1.50
N VAL D 259 -28.05 8.85 2.09
CA VAL D 259 -27.30 7.70 1.63
C VAL D 259 -28.25 6.60 1.14
N MET D 260 -27.91 5.94 0.05
CA MET D 260 -28.71 4.83 -0.44
C MET D 260 -27.98 3.50 -0.27
N LEU D 261 -28.70 2.48 0.19
CA LEU D 261 -28.16 1.15 0.32
C LEU D 261 -29.14 0.07 -0.13
N GLY D 262 -28.61 -1.04 -0.60
CA GLY D 262 -29.43 -2.20 -0.89
C GLY D 262 -28.90 -3.51 -0.31
N SER D 263 -27.68 -3.84 -0.70
CA SER D 263 -27.07 -5.11 -0.37
C SER D 263 -26.92 -5.25 1.12
N MET D 264 -26.57 -4.14 1.76
CA MET D 264 -26.33 -4.15 3.19
C MET D 264 -27.62 -4.58 3.85
N PHE D 265 -28.75 -4.11 3.34
CA PHE D 265 -30.04 -4.54 3.89
C PHE D 265 -30.68 -5.56 2.96
N ALA D 266 -29.95 -6.63 2.66
CA ALA D 266 -30.40 -7.63 1.69
C ALA D 266 -31.33 -8.67 2.31
N GLY D 267 -31.07 -9.05 3.55
CA GLY D 267 -31.83 -10.10 4.20
C GLY D 267 -32.58 -9.64 5.44
N VAL D 268 -33.28 -8.52 5.34
CA VAL D 268 -34.11 -8.04 6.43
C VAL D 268 -35.46 -8.75 6.39
N ALA D 269 -36.31 -8.45 7.36
CA ALA D 269 -37.64 -9.05 7.41
C ALA D 269 -38.54 -8.48 6.31
N GLU D 270 -38.53 -7.16 6.18
CA GLU D 270 -39.38 -6.47 5.21
C GLU D 270 -38.86 -6.60 3.79
N SER D 271 -37.56 -6.86 3.65
CA SER D 271 -36.94 -7.02 2.35
C SER D 271 -37.49 -8.25 1.64
N PRO D 272 -37.71 -8.13 0.33
CA PRO D 272 -38.17 -9.26 -0.50
C PRO D 272 -37.24 -10.45 -0.35
N GLY D 273 -37.82 -11.63 -0.11
CA GLY D 273 -37.06 -12.84 0.13
C GLY D 273 -37.80 -13.70 1.12
N GLU D 274 -37.50 -14.99 1.11
CA GLU D 274 -38.20 -15.93 1.97
C GLU D 274 -37.34 -16.33 3.17
N THR D 275 -37.98 -16.52 4.31
CA THR D 275 -37.27 -16.87 5.54
C THR D 275 -37.27 -18.38 5.74
N GLU D 276 -36.07 -18.98 5.70
CA GLU D 276 -35.96 -20.44 5.79
C GLU D 276 -35.02 -20.87 6.91
N ILE D 277 -34.91 -22.18 7.10
CA ILE D 277 -34.05 -22.74 8.14
C ILE D 277 -33.20 -23.89 7.62
N GLY D 280 -31.06 -24.73 12.08
CA GLY D 280 -31.87 -24.06 13.09
C GLY D 280 -31.83 -22.55 12.95
N ARG D 281 -30.97 -22.06 12.07
CA ARG D 281 -30.79 -20.62 11.87
C ARG D 281 -31.70 -20.12 10.76
N GLN D 282 -32.01 -18.82 10.79
CA GLN D 282 -32.87 -18.23 9.77
C GLN D 282 -32.04 -17.65 8.63
N PHE D 283 -32.43 -17.98 7.39
CA PHE D 283 -31.74 -17.48 6.21
C PHE D 283 -32.72 -16.91 5.19
N LYS D 284 -32.48 -15.67 4.78
CA LYS D 284 -33.30 -15.03 3.76
C LYS D 284 -32.86 -15.46 2.36
N VAL D 285 -33.58 -16.42 1.78
CA VAL D 285 -33.37 -16.76 0.39
C VAL D 285 -33.95 -15.61 -0.44
N TYR D 286 -33.12 -14.61 -0.72
CA TYR D 286 -33.62 -13.36 -1.26
C TYR D 286 -33.64 -13.31 -2.79
N GLY D 318 -27.94 -17.67 -3.81
CA GLY D 318 -27.90 -16.49 -2.96
C GLY D 318 -28.76 -16.64 -1.72
N ARG D 319 -28.12 -16.96 -0.60
CA ARG D 319 -28.83 -17.15 0.66
C ARG D 319 -28.24 -16.27 1.75
N VAL D 320 -29.01 -15.29 2.20
CA VAL D 320 -28.54 -14.34 3.20
C VAL D 320 -29.14 -14.63 4.58
N PRO D 321 -28.28 -14.77 5.60
CA PRO D 321 -28.74 -15.03 6.97
C PRO D 321 -29.61 -13.89 7.51
N TYR D 322 -30.44 -14.21 8.50
CA TYR D 322 -31.36 -13.24 9.09
C TYR D 322 -30.61 -12.08 9.73
N LYS D 323 -31.16 -10.88 9.61
CA LYS D 323 -30.52 -9.69 10.16
C LYS D 323 -31.46 -8.92 11.10
N GLY D 324 -32.65 -9.47 11.31
CA GLY D 324 -33.62 -8.86 12.22
C GLY D 324 -34.59 -7.96 11.49
N PRO D 325 -35.46 -7.28 12.26
CA PRO D 325 -36.37 -6.28 11.69
C PRO D 325 -35.60 -5.11 11.11
N LEU D 326 -36.22 -4.34 10.23
CA LEU D 326 -35.54 -3.21 9.61
C LEU D 326 -35.12 -2.18 10.63
N ALA D 327 -35.99 -1.91 11.59
CA ALA D 327 -35.72 -0.95 12.66
C ALA D 327 -34.43 -1.30 13.41
N ASP D 328 -34.19 -2.59 13.58
CA ASP D 328 -32.99 -3.07 14.27
C ASP D 328 -31.73 -2.83 13.45
N THR D 329 -31.75 -3.28 12.19
CA THR D 329 -30.58 -3.17 11.33
C THR D 329 -30.32 -1.73 10.87
N VAL D 330 -31.20 -0.81 11.25
CA VAL D 330 -31.03 0.59 10.90
C VAL D 330 -30.31 1.38 12.00
N HIS D 331 -30.78 1.25 13.24
CA HIS D 331 -30.27 2.07 14.33
C HIS D 331 -28.88 1.66 14.82
N GLN D 332 -28.31 0.62 14.22
CA GLN D 332 -26.92 0.29 14.46
C GLN D 332 -26.04 1.18 13.58
N LEU D 333 -26.70 2.04 12.81
CA LEU D 333 -26.04 2.99 11.94
C LEU D 333 -26.25 4.41 12.46
N VAL D 334 -27.51 4.75 12.69
CA VAL D 334 -27.90 6.10 13.11
C VAL D 334 -27.21 6.50 14.41
N GLY D 335 -26.99 5.53 15.29
CA GLY D 335 -26.25 5.77 16.52
C GLY D 335 -24.84 6.20 16.18
N GLY D 336 -24.15 5.39 15.39
CA GLY D 336 -22.80 5.70 14.95
C GLY D 336 -22.74 6.96 14.12
N LEU D 337 -23.84 7.28 13.44
CA LEU D 337 -23.94 8.54 12.71
C LEU D 337 -24.03 9.70 13.68
N ARG D 338 -24.89 9.57 14.69
CA ARG D 338 -25.00 10.57 15.73
C ARG D 338 -23.71 10.66 16.55
N ALA D 339 -22.96 9.55 16.57
CA ALA D 339 -21.70 9.48 17.30
C ALA D 339 -20.57 10.15 16.54
N GLY D 340 -20.67 10.15 15.21
CA GLY D 340 -19.64 10.75 14.38
C GLY D 340 -19.74 12.27 14.35
N MET D 341 -20.96 12.76 14.45
CA MET D 341 -21.21 14.20 14.43
C MET D 341 -20.86 14.83 15.77
N GLY D 342 -20.86 14.01 16.82
CA GLY D 342 -20.54 14.48 18.16
C GLY D 342 -19.10 14.89 18.31
N TYR D 343 -18.19 14.01 17.91
CA TYR D 343 -16.76 14.29 17.97
C TYR D 343 -16.40 15.52 17.14
N CYS D 344 -17.11 15.67 16.02
CA CYS D 344 -16.95 16.84 15.17
C CYS D 344 -17.59 18.06 15.83
N GLY D 345 -18.68 17.82 16.56
CA GLY D 345 -19.38 18.89 17.24
C GLY D 345 -20.45 19.53 16.38
N ALA D 346 -21.18 18.70 15.65
CA ALA D 346 -22.23 19.17 14.76
C ALA D 346 -23.62 18.86 15.31
N GLN D 347 -24.48 19.88 15.32
CA GLN D 347 -25.88 19.69 15.71
C GLN D 347 -26.68 19.09 14.56
N ASP D 348 -26.25 19.36 13.34
CA ASP D 348 -26.91 18.82 12.15
C ASP D 348 -25.90 18.45 11.08
N LEU D 349 -26.40 18.03 9.92
CA LEU D 349 -25.53 17.63 8.82
C LEU D 349 -24.94 18.84 8.10
N GLU D 350 -25.75 19.88 7.94
CA GLU D 350 -25.26 21.13 7.37
C GLU D 350 -24.20 21.70 8.29
N PHE D 351 -24.44 21.57 9.59
CA PHE D 351 -23.45 21.89 10.61
C PHE D 351 -22.21 21.05 10.33
N LEU D 352 -22.43 19.76 10.09
CA LEU D 352 -21.35 18.81 9.84
C LEU D 352 -20.66 19.09 8.51
N ARG D 353 -21.45 19.21 7.44
CA ARG D 353 -20.91 19.46 6.10
C ARG D 353 -19.97 20.66 6.05
N GLU D 354 -20.42 21.78 6.60
CA GLU D 354 -19.64 23.01 6.59
C GLU D 354 -18.38 22.90 7.44
N ASN D 355 -18.54 22.35 8.64
CA ASN D 355 -17.48 22.40 9.64
C ASN D 355 -16.45 21.27 9.55
N ALA D 356 -16.86 20.11 9.04
CA ALA D 356 -15.97 18.96 8.98
C ALA D 356 -14.80 19.17 8.04
N GLN D 357 -13.64 18.63 8.43
CA GLN D 357 -12.45 18.64 7.57
C GLN D 357 -11.83 17.25 7.63
N PHE D 358 -11.07 16.90 6.60
CA PHE D 358 -10.54 15.55 6.47
C PHE D 358 -9.01 15.49 6.46
N ILE D 359 -8.46 14.40 6.96
CA ILE D 359 -7.05 14.09 6.79
C ILE D 359 -6.92 12.79 6.01
N ARG D 360 -5.70 12.38 5.71
CA ARG D 360 -5.50 11.13 4.98
C ARG D 360 -4.62 10.14 5.73
N MET D 361 -5.00 8.87 5.66
CA MET D 361 -4.22 7.81 6.28
C MET D 361 -3.07 7.39 5.36
N SER D 362 -2.37 6.33 5.73
CA SER D 362 -1.25 5.84 4.94
C SER D 362 -1.61 4.57 4.19
N GLY D 363 -1.05 4.42 2.99
CA GLY D 363 -1.33 3.25 2.16
C GLY D 363 -0.44 2.08 2.50
N ALA D 364 0.58 2.32 3.31
CA ALA D 364 1.56 1.30 3.69
C ALA D 364 0.91 0.14 4.44
N GLY D 365 0.13 0.47 5.47
CA GLY D 365 -0.54 -0.54 6.28
C GLY D 365 -1.93 -0.12 6.72
N LEU D 366 -2.91 -0.96 6.43
CA LEU D 366 -4.30 -0.67 6.77
C LEU D 366 -4.98 -1.87 7.44
N LEU D 367 -4.84 -3.04 6.84
CA LEU D 367 -5.45 -4.25 7.37
C LEU D 367 -4.54 -4.90 8.39
N GLU D 368 -3.25 -5.00 8.06
CA GLU D 368 -2.27 -5.56 8.99
C GLU D 368 -2.14 -4.69 10.23
N SER D 369 -2.28 -3.38 10.05
CA SER D 369 -2.34 -2.47 11.18
C SER D 369 -3.78 -2.36 11.67
N HIS D 370 -4.38 -3.51 11.93
CA HIS D 370 -5.73 -3.60 12.49
C HIS D 370 -6.02 -5.05 12.90
#